data_6P63
#
_entry.id   6P63
#
_cell.length_a   98.430
_cell.length_b   74.240
_cell.length_c   183.170
_cell.angle_alpha   90.000
_cell.angle_beta   94.700
_cell.angle_gamma   90.000
#
_symmetry.space_group_name_H-M   'P 1 21 1'
#
loop_
_entity.id
_entity.type
_entity.pdbx_description
1 polymer 'Siderophore Synthetase Type C DesD'
2 non-polymer 'ADENOSINE MONOPHOSPHATE'
3 non-polymer 'MAGNESIUM ION'
4 non-polymer GLYCEROL
5 water water
#
_entity_poly.entity_id   1
_entity_poly.type   'polypeptide(L)'
_entity_poly.pdbx_seq_one_letter_code
;MSLADAVAHLTPERWEEANRLLVRKALAEFTHERLLTPEREPDDGGGQTYVVRSDDGQTAYRFTATVRALDHWQVDAASV
TRHRDGAELPLAALDFFIELKQTLGLSDEILPVYLEEISSTLSGTCYKLTKPQLSSAELARSGDFQAVETGMTEGHPCFV
ANNGRLGFGIHEYLSYAPETASPVRLVWLAAHRSRAAFTAGVGIEYESFVRDELGAATVDRFHGVLRGRGLDPADYLLIP
VHPWQWWNKLTVTFAAEVARGHLVCLGEGDDEYLAQQSIRTFFNASHPGKHYVKTALSVLNMGFMRGLSAAYMEATPAIN
DWLARLIEGDPVLKETGLSIIRERAAVGYRHLEYEQATDRYSPYRKMLAALWRESPVPSIREGETLATMASLVHQDHEGA
SFAGALIERSGLTPTEWLRHYLRAYYVPLLHSFYAYDLVYMPHGENVILVLADGVVRRAVYKDIAEEIAVMDPDAVLPPE
VSRIAVDVPDDKKLLSIFTDVFDCFFRFLAANLAEEGIVTEDAFWRTVAEVTREYQESVPELADKFERYDMFAPEFALSC
LNRLQLRDNRQMVDLADPSGALQLVGTLKNPLAGR
;
_entity_poly.pdbx_strand_id   A,B,C,D
#
loop_
_chem_comp.id
_chem_comp.type
_chem_comp.name
_chem_comp.formula
AMP non-polymer 'ADENOSINE MONOPHOSPHATE' 'C10 H14 N5 O7 P'
GOL non-polymer GLYCEROL 'C3 H8 O3'
MG non-polymer 'MAGNESIUM ION' 'Mg 2'
#
# COMPACT_ATOMS: atom_id res chain seq x y z
N SER A 2 -0.50 -7.11 -1.58
CA SER A 2 0.60 -8.14 -1.40
C SER A 2 1.52 -8.20 -2.64
N LEU A 3 0.99 -7.97 -3.86
CA LEU A 3 1.86 -7.96 -5.08
C LEU A 3 2.86 -6.82 -4.94
N ALA A 4 2.37 -5.59 -4.81
CA ALA A 4 3.20 -4.40 -4.56
C ALA A 4 4.00 -4.61 -3.26
N ASP A 5 3.45 -5.29 -2.26
CA ASP A 5 4.14 -5.39 -0.93
C ASP A 5 5.52 -6.07 -1.10
N ALA A 6 5.58 -7.10 -1.94
CA ALA A 6 6.78 -7.94 -2.09
C ALA A 6 7.91 -7.18 -2.76
N VAL A 7 7.62 -6.17 -3.60
CA VAL A 7 8.68 -5.41 -4.34
C VAL A 7 8.83 -4.00 -3.72
N ALA A 8 8.29 -3.74 -2.53
CA ALA A 8 8.25 -2.37 -1.95
C ALA A 8 9.68 -1.91 -1.62
N HIS A 9 10.64 -2.78 -1.42
CA HIS A 9 12.05 -2.37 -1.16
C HIS A 9 12.74 -1.86 -2.46
N LEU A 10 12.21 -2.20 -3.64
CA LEU A 10 12.78 -1.83 -4.97
C LEU A 10 12.20 -0.48 -5.43
N THR A 11 12.95 0.56 -5.09
CA THR A 11 12.64 1.98 -5.39
C THR A 11 13.89 2.59 -6.00
N PRO A 12 13.73 3.67 -6.81
CA PRO A 12 14.89 4.29 -7.47
C PRO A 12 16.01 4.70 -6.49
N GLU A 13 15.66 5.26 -5.33
CA GLU A 13 16.59 5.82 -4.29
C GLU A 13 17.37 4.66 -3.64
N ARG A 14 16.68 3.60 -3.22
CA ARG A 14 17.40 2.46 -2.64
C ARG A 14 18.23 1.76 -3.73
N TRP A 15 17.75 1.70 -4.96
CA TRP A 15 18.47 0.98 -6.03
C TRP A 15 19.73 1.74 -6.36
N GLU A 16 19.59 3.05 -6.47
CA GLU A 16 20.74 3.96 -6.61
C GLU A 16 21.77 3.70 -5.50
N GLU A 17 21.37 3.67 -4.22
CA GLU A 17 22.32 3.44 -3.09
C GLU A 17 22.94 2.05 -3.20
N ALA A 18 22.16 1.02 -3.48
CA ALA A 18 22.64 -0.36 -3.67
C ALA A 18 23.74 -0.45 -4.77
N ASN A 19 23.51 0.18 -5.92
CA ASN A 19 24.46 0.21 -7.04
C ASN A 19 25.75 0.91 -6.57
N ARG A 20 25.64 2.03 -5.83
CA ARG A 20 26.83 2.82 -5.40
C ARG A 20 27.70 1.92 -4.53
N LEU A 21 27.08 1.21 -3.60
CA LEU A 21 27.83 0.37 -2.63
C LEU A 21 28.51 -0.74 -3.42
N LEU A 22 27.80 -1.36 -4.36
CA LEU A 22 28.36 -2.55 -5.05
C LEU A 22 29.47 -2.12 -6.03
N VAL A 23 29.29 -1.05 -6.77
CA VAL A 23 30.37 -0.58 -7.68
C VAL A 23 31.61 -0.18 -6.83
N ARG A 24 31.40 0.47 -5.68
CA ARG A 24 32.50 0.79 -4.74
C ARG A 24 33.30 -0.50 -4.44
N LYS A 25 32.59 -1.57 -4.07
CA LYS A 25 33.26 -2.81 -3.65
C LYS A 25 33.93 -3.44 -4.86
N ALA A 26 33.34 -3.30 -6.06
CA ALA A 26 33.83 -3.96 -7.28
C ALA A 26 35.17 -3.33 -7.62
N LEU A 27 35.20 -2.00 -7.70
CA LEU A 27 36.42 -1.19 -7.95
C LEU A 27 37.50 -1.62 -6.95
N ALA A 28 37.13 -1.77 -5.69
CA ALA A 28 37.99 -2.16 -4.55
C ALA A 28 38.63 -3.54 -4.77
N GLU A 29 37.82 -4.58 -4.89
CA GLU A 29 38.30 -5.98 -4.77
C GLU A 29 38.92 -6.41 -6.09
N PHE A 30 38.38 -5.92 -7.19
CA PHE A 30 38.89 -6.25 -8.55
C PHE A 30 40.25 -5.53 -8.73
N THR A 31 40.45 -4.38 -8.08
CA THR A 31 41.76 -3.70 -8.05
C THR A 31 42.69 -4.52 -7.19
N HIS A 32 42.19 -5.01 -6.05
CA HIS A 32 42.97 -5.86 -5.11
C HIS A 32 43.47 -7.11 -5.81
N GLU A 33 42.66 -7.69 -6.71
CA GLU A 33 42.98 -8.98 -7.40
C GLU A 33 43.65 -8.68 -8.74
N ARG A 34 43.97 -7.41 -9.01
CA ARG A 34 44.84 -6.92 -10.13
C ARG A 34 44.17 -7.15 -11.49
N LEU A 35 42.84 -7.25 -11.50
CA LEU A 35 41.96 -7.28 -12.69
C LEU A 35 41.83 -5.86 -13.26
N LEU A 36 41.68 -4.86 -12.38
CA LEU A 36 41.81 -3.40 -12.65
C LEU A 36 43.18 -2.90 -12.17
N THR A 37 43.72 -1.93 -12.92
CA THR A 37 44.95 -1.19 -12.61
C THR A 37 44.60 0.29 -12.71
N PRO A 38 44.02 0.93 -11.68
CA PRO A 38 43.70 2.36 -11.74
C PRO A 38 44.90 3.27 -12.06
N GLU A 39 44.63 4.36 -12.81
CA GLU A 39 45.59 5.42 -13.21
C GLU A 39 45.35 6.65 -12.31
N ARG A 40 46.41 7.43 -12.02
CA ARG A 40 46.55 8.19 -10.76
C ARG A 40 46.03 9.64 -10.85
N GLU A 41 45.59 10.14 -12.02
CA GLU A 41 45.28 11.59 -12.29
C GLU A 41 45.68 12.52 -11.15
N PRO A 42 46.96 12.95 -11.00
CA PRO A 42 47.40 13.66 -9.78
C PRO A 42 46.54 14.88 -9.39
N ASP A 43 45.79 14.78 -8.26
CA ASP A 43 45.23 15.94 -7.51
C ASP A 43 46.25 16.27 -6.42
N ASP A 44 47.13 17.24 -6.73
CA ASP A 44 48.30 17.69 -5.91
C ASP A 44 49.55 16.86 -6.29
N GLY A 45 49.59 15.60 -5.85
CA GLY A 45 50.83 14.91 -5.43
C GLY A 45 50.79 14.56 -3.95
N GLY A 46 49.66 14.86 -3.29
CA GLY A 46 49.17 14.23 -2.05
C GLY A 46 48.18 13.11 -2.34
N GLY A 47 48.20 12.60 -3.60
CA GLY A 47 47.78 11.25 -4.04
C GLY A 47 46.36 11.22 -4.62
N GLN A 48 45.55 10.34 -4.05
CA GLN A 48 44.13 10.58 -3.67
C GLN A 48 43.16 10.05 -4.75
N THR A 49 43.31 10.40 -6.05
CA THR A 49 42.24 10.37 -7.10
C THR A 49 42.62 9.54 -8.34
N TYR A 50 41.74 8.62 -8.76
CA TYR A 50 42.04 7.52 -9.72
C TYR A 50 40.95 7.33 -10.77
N VAL A 51 41.37 6.75 -11.89
CA VAL A 51 40.45 6.44 -13.01
C VAL A 51 40.68 5.00 -13.51
N VAL A 52 39.58 4.30 -13.79
CA VAL A 52 39.53 2.95 -14.44
C VAL A 52 38.64 3.05 -15.68
N ARG A 53 39.12 2.60 -16.84
CA ARG A 53 38.32 2.65 -18.10
C ARG A 53 37.68 1.27 -18.41
N SER A 54 36.54 1.32 -19.12
CA SER A 54 35.84 0.15 -19.72
C SER A 54 36.77 -0.51 -20.75
N ASP A 55 36.45 -1.73 -21.20
CA ASP A 55 37.14 -2.44 -22.31
C ASP A 55 37.27 -1.54 -23.55
N ASP A 56 36.32 -0.69 -23.90
CA ASP A 56 36.39 0.12 -25.16
C ASP A 56 37.04 1.48 -24.88
N GLY A 57 37.31 1.85 -23.63
CA GLY A 57 37.99 3.11 -23.27
C GLY A 57 37.07 4.32 -23.23
N GLN A 58 35.82 4.19 -23.66
CA GLN A 58 34.86 5.30 -23.90
C GLN A 58 34.19 5.71 -22.57
N THR A 59 34.05 4.77 -21.63
CA THR A 59 33.44 5.01 -20.28
C THR A 59 34.52 4.93 -19.19
N ALA A 60 34.60 5.98 -18.37
CA ALA A 60 35.64 6.24 -17.36
C ALA A 60 35.02 6.24 -15.95
N TYR A 61 35.54 5.43 -15.03
CA TYR A 61 35.10 5.42 -13.61
C TYR A 61 36.14 6.13 -12.75
N ARG A 62 35.68 7.03 -11.88
CA ARG A 62 36.56 7.97 -11.13
C ARG A 62 36.16 7.91 -9.67
N PHE A 63 37.16 7.93 -8.81
CA PHE A 63 36.95 7.78 -7.36
C PHE A 63 38.21 8.27 -6.63
N THR A 64 38.13 8.27 -5.29
CA THR A 64 39.24 8.50 -4.36
C THR A 64 39.42 7.21 -3.56
N ALA A 65 40.65 6.88 -3.17
CA ALA A 65 40.90 5.77 -2.25
C ALA A 65 42.16 6.04 -1.45
N THR A 66 42.22 5.40 -0.30
CA THR A 66 43.37 5.23 0.61
C THR A 66 43.83 3.81 0.33
N VAL A 67 45.07 3.59 -0.07
CA VAL A 67 45.64 2.21 -0.16
C VAL A 67 46.28 1.88 1.19
N ARG A 68 45.92 0.76 1.79
CA ARG A 68 46.36 0.29 3.13
C ARG A 68 47.05 -1.05 2.96
N ALA A 69 47.50 -1.66 4.06
CA ALA A 69 48.30 -2.91 4.06
C ALA A 69 47.54 -3.98 3.30
N LEU A 70 48.27 -4.82 2.58
CA LEU A 70 47.75 -5.93 1.76
C LEU A 70 47.03 -5.37 0.55
N ASP A 71 47.52 -4.29 -0.05
CA ASP A 71 46.88 -3.72 -1.25
C ASP A 71 45.37 -3.62 -1.11
N HIS A 72 44.95 -3.00 -0.01
CA HIS A 72 43.53 -2.78 0.34
C HIS A 72 43.15 -1.40 -0.15
N TRP A 73 42.23 -1.35 -1.11
CA TRP A 73 41.75 -0.10 -1.73
C TRP A 73 40.47 0.35 -1.03
N GLN A 74 40.60 1.23 -0.02
CA GLN A 74 39.46 1.94 0.63
C GLN A 74 38.97 2.98 -0.36
N VAL A 75 38.25 2.49 -1.34
CA VAL A 75 37.51 3.33 -2.32
C VAL A 75 36.38 4.01 -1.54
N ASP A 76 36.38 5.34 -1.56
CA ASP A 76 35.33 6.18 -0.94
C ASP A 76 34.07 6.04 -1.82
N ALA A 77 33.04 5.35 -1.33
CA ALA A 77 31.72 5.22 -1.98
C ALA A 77 31.19 6.57 -2.48
N ALA A 78 31.27 7.66 -1.72
CA ALA A 78 30.60 8.91 -2.12
C ALA A 78 31.37 9.60 -3.27
N SER A 79 32.60 9.18 -3.58
CA SER A 79 33.47 9.79 -4.62
C SER A 79 33.23 9.19 -6.02
N VAL A 80 32.60 8.02 -6.12
CA VAL A 80 32.59 7.27 -7.41
C VAL A 80 31.68 7.99 -8.42
N THR A 81 32.26 8.39 -9.56
CA THR A 81 31.57 9.01 -10.71
C THR A 81 31.84 8.15 -11.95
N ARG A 82 30.97 8.27 -12.93
CA ARG A 82 31.06 7.61 -14.24
C ARG A 82 30.87 8.66 -15.34
N HIS A 83 31.70 8.60 -16.38
CA HIS A 83 31.78 9.61 -17.47
C HIS A 83 31.88 8.91 -18.83
N ARG A 84 31.21 9.45 -19.85
CA ARG A 84 31.29 8.97 -21.26
C ARG A 84 31.04 10.15 -22.23
N ASP A 85 31.87 10.28 -23.26
CA ASP A 85 31.76 11.38 -24.25
C ASP A 85 31.60 12.70 -23.46
N GLY A 86 32.23 12.88 -22.32
CA GLY A 86 32.22 14.19 -21.64
C GLY A 86 31.04 14.42 -20.69
N ALA A 87 29.99 13.57 -20.69
CA ALA A 87 28.81 13.72 -19.80
C ALA A 87 28.85 12.73 -18.62
N GLU A 88 28.28 13.14 -17.47
CA GLU A 88 28.16 12.30 -16.24
C GLU A 88 27.01 11.30 -16.46
N LEU A 89 27.13 10.05 -15.99
CA LEU A 89 26.08 8.99 -16.09
C LEU A 89 25.83 8.44 -14.70
N PRO A 90 24.64 7.87 -14.42
CA PRO A 90 24.37 7.19 -13.14
C PRO A 90 25.26 5.95 -12.95
N LEU A 91 25.72 5.70 -11.74
CA LEU A 91 26.41 4.44 -11.41
C LEU A 91 25.40 3.32 -11.55
N ALA A 92 25.56 2.43 -12.53
CA ALA A 92 24.74 1.22 -12.68
C ALA A 92 25.64 -0.04 -12.71
N ALA A 93 25.52 -0.92 -11.72
CA ALA A 93 26.37 -2.13 -11.61
C ALA A 93 26.21 -3.05 -12.83
N LEU A 94 25.01 -3.27 -13.42
CA LEU A 94 24.89 -4.17 -14.60
C LEU A 94 25.80 -3.61 -15.70
N ASP A 95 25.75 -2.30 -15.92
CA ASP A 95 26.53 -1.60 -16.97
C ASP A 95 28.03 -1.74 -16.67
N PHE A 96 28.41 -1.73 -15.39
CA PHE A 96 29.83 -1.84 -14.99
C PHE A 96 30.39 -3.14 -15.58
N PHE A 97 29.64 -4.23 -15.42
CA PHE A 97 30.05 -5.64 -15.72
C PHE A 97 30.09 -5.87 -17.23
N ILE A 98 29.10 -5.33 -17.95
CA ILE A 98 29.08 -5.40 -19.44
C ILE A 98 30.29 -4.62 -20.01
N GLU A 99 30.62 -3.49 -19.43
CA GLU A 99 31.68 -2.57 -19.92
C GLU A 99 33.07 -3.19 -19.70
N LEU A 100 33.21 -4.04 -18.68
CA LEU A 100 34.51 -4.60 -18.22
C LEU A 100 34.50 -6.12 -18.35
N LYS A 101 33.54 -6.65 -19.10
CA LYS A 101 33.38 -8.09 -19.48
C LYS A 101 34.76 -8.70 -19.86
N GLN A 102 35.50 -8.10 -20.78
CA GLN A 102 36.79 -8.69 -21.22
C GLN A 102 37.83 -8.50 -20.10
N THR A 103 38.00 -7.30 -19.55
CA THR A 103 38.94 -7.04 -18.43
C THR A 103 38.76 -8.07 -17.30
N LEU A 104 37.51 -8.34 -16.92
CA LEU A 104 37.15 -9.21 -15.78
C LEU A 104 37.22 -10.69 -16.20
N GLY A 105 37.37 -11.00 -17.49
CA GLY A 105 37.38 -12.38 -18.02
C GLY A 105 36.05 -13.09 -17.86
N LEU A 106 34.90 -12.41 -18.00
CA LEU A 106 33.53 -13.03 -17.94
C LEU A 106 33.18 -13.61 -19.32
N SER A 107 32.97 -14.93 -19.42
CA SER A 107 32.62 -15.57 -20.72
C SER A 107 31.25 -15.05 -21.16
N ASP A 108 30.98 -15.11 -22.45
CA ASP A 108 29.61 -15.07 -23.02
C ASP A 108 28.65 -15.93 -22.20
N GLU A 109 29.07 -17.14 -21.81
CA GLU A 109 28.20 -18.12 -21.11
C GLU A 109 27.93 -17.58 -19.71
N ILE A 110 28.94 -17.10 -18.98
CA ILE A 110 28.70 -16.78 -17.54
C ILE A 110 28.02 -15.41 -17.38
N LEU A 111 28.34 -14.43 -18.21
CA LEU A 111 27.95 -13.00 -17.96
C LEU A 111 26.48 -12.86 -17.59
N PRO A 112 25.51 -13.28 -18.44
CA PRO A 112 24.10 -13.11 -18.12
C PRO A 112 23.69 -13.76 -16.81
N VAL A 113 24.30 -14.88 -16.44
CA VAL A 113 23.88 -15.55 -15.18
C VAL A 113 24.52 -14.76 -14.03
N TYR A 114 25.79 -14.41 -14.12
CA TYR A 114 26.47 -13.53 -13.15
C TYR A 114 25.63 -12.24 -12.96
N LEU A 115 25.12 -11.62 -14.03
CA LEU A 115 24.37 -10.32 -13.87
C LEU A 115 23.11 -10.56 -13.02
N GLU A 116 22.46 -11.72 -13.16
CA GLU A 116 21.35 -12.14 -12.27
C GLU A 116 21.84 -12.17 -10.84
N GLU A 117 23.03 -12.72 -10.58
CA GLU A 117 23.53 -12.76 -9.18
C GLU A 117 23.78 -11.32 -8.68
N ILE A 118 24.29 -10.47 -9.55
CA ILE A 118 24.46 -9.02 -9.23
C ILE A 118 23.08 -8.43 -8.91
N SER A 119 22.07 -8.72 -9.72
CA SER A 119 20.74 -8.08 -9.61
C SER A 119 20.14 -8.48 -8.27
N SER A 120 20.31 -9.75 -7.95
CA SER A 120 19.79 -10.36 -6.71
C SER A 120 20.52 -9.76 -5.48
N THR A 121 21.85 -9.60 -5.57
CA THR A 121 22.67 -9.00 -4.47
C THR A 121 22.18 -7.58 -4.18
N LEU A 122 21.87 -6.82 -5.22
CA LEU A 122 21.39 -5.41 -5.16
C LEU A 122 20.00 -5.34 -4.50
N SER A 123 19.13 -6.24 -4.94
CA SER A 123 17.78 -6.44 -4.35
C SER A 123 17.91 -6.62 -2.86
N GLY A 124 18.75 -7.55 -2.44
CA GLY A 124 19.01 -7.75 -1.00
C GLY A 124 19.41 -6.44 -0.35
N THR A 125 20.37 -5.73 -0.91
CA THR A 125 20.80 -4.44 -0.32
C THR A 125 19.55 -3.56 -0.21
N CYS A 126 18.72 -3.49 -1.24
CA CYS A 126 17.52 -2.63 -1.21
C CYS A 126 16.70 -3.01 0.00
N TYR A 127 16.49 -4.31 0.19
CA TYR A 127 15.74 -4.86 1.33
C TYR A 127 16.43 -4.53 2.67
N LYS A 128 17.76 -4.62 2.77
CA LYS A 128 18.46 -4.26 4.05
C LYS A 128 18.31 -2.74 4.29
N LEU A 129 18.23 -1.94 3.23
CA LEU A 129 18.01 -0.49 3.38
C LEU A 129 16.62 -0.14 3.92
N THR A 130 15.64 -1.05 3.95
CA THR A 130 14.27 -0.75 4.45
C THR A 130 14.11 -1.21 5.90
N LYS A 131 14.99 -2.06 6.41
CA LYS A 131 14.96 -2.51 7.82
C LYS A 131 15.24 -1.33 8.75
N PRO A 132 14.89 -1.42 10.05
CA PRO A 132 15.34 -0.43 11.03
C PRO A 132 16.87 -0.33 10.97
N GLN A 133 17.38 0.86 10.64
CA GLN A 133 18.86 1.13 10.52
C GLN A 133 19.44 1.24 11.94
N LEU A 134 19.73 0.10 12.56
CA LEU A 134 20.49 0.01 13.83
C LEU A 134 21.94 0.43 13.62
N SER A 135 22.48 1.09 14.64
CA SER A 135 23.90 1.47 14.71
C SER A 135 24.68 0.29 15.30
N SER A 136 25.97 0.23 15.02
CA SER A 136 26.90 -0.77 15.57
C SER A 136 26.81 -0.76 17.11
N ALA A 137 26.68 0.41 17.74
CA ALA A 137 26.57 0.54 19.21
C ALA A 137 25.28 -0.11 19.73
N GLU A 138 24.13 0.09 19.10
CA GLU A 138 22.85 -0.52 19.58
C GLU A 138 22.90 -2.05 19.42
N LEU A 139 23.48 -2.53 18.31
CA LEU A 139 23.60 -3.97 18.01
C LEU A 139 24.50 -4.64 19.06
N ALA A 140 25.68 -4.07 19.29
CA ALA A 140 26.62 -4.53 20.32
C ALA A 140 26.01 -4.45 21.74
N ARG A 141 25.23 -3.42 22.05
CA ARG A 141 24.64 -3.26 23.39
C ARG A 141 23.57 -4.36 23.55
N SER A 142 22.97 -4.84 22.47
CA SER A 142 21.73 -5.67 22.53
C SER A 142 22.00 -7.06 23.14
N GLY A 143 23.16 -7.69 22.89
CA GLY A 143 23.56 -9.00 23.42
C GLY A 143 22.72 -10.12 22.79
N ASP A 144 22.10 -9.81 21.66
CA ASP A 144 21.13 -10.72 21.03
C ASP A 144 21.81 -11.41 19.84
N PHE A 145 22.11 -12.69 20.00
CA PHE A 145 22.84 -13.57 19.05
C PHE A 145 22.20 -13.44 17.66
N GLN A 146 20.87 -13.55 17.60
CA GLN A 146 20.12 -13.59 16.31
C GLN A 146 19.81 -12.15 15.79
N ALA A 147 19.74 -11.14 16.66
CA ALA A 147 19.70 -9.74 16.19
C ALA A 147 20.96 -9.43 15.38
N VAL A 148 22.15 -9.87 15.87
CA VAL A 148 23.48 -9.74 15.22
C VAL A 148 23.47 -10.58 13.92
N GLU A 149 23.07 -11.85 14.00
CA GLU A 149 23.16 -12.81 12.88
C GLU A 149 22.38 -12.23 11.68
N THR A 150 21.12 -11.83 11.91
CA THR A 150 20.18 -11.31 10.88
C THR A 150 20.43 -9.83 10.62
N GLY A 151 21.23 -9.16 11.47
CA GLY A 151 21.61 -7.74 11.40
C GLY A 151 22.78 -7.50 10.46
N MET A 152 23.57 -8.53 10.15
CA MET A 152 24.70 -8.34 9.20
C MET A 152 24.14 -7.98 7.83
N THR A 153 24.84 -7.13 7.08
CA THR A 153 24.47 -6.65 5.72
C THR A 153 25.46 -7.14 4.66
N GLU A 154 26.76 -7.20 4.94
CA GLU A 154 27.79 -7.24 3.86
C GLU A 154 27.75 -8.60 3.15
N GLY A 155 27.76 -9.69 3.92
CA GLY A 155 28.16 -11.01 3.41
C GLY A 155 29.66 -11.13 3.23
N HIS A 156 30.10 -12.08 2.40
CA HIS A 156 31.55 -12.28 2.25
C HIS A 156 32.13 -10.94 1.82
N PRO A 157 33.19 -10.50 2.52
CA PRO A 157 33.81 -9.20 2.29
C PRO A 157 34.72 -9.18 1.05
N CYS A 158 35.07 -10.31 0.46
CA CYS A 158 35.85 -10.32 -0.80
C CYS A 158 34.93 -10.40 -2.01
N PHE A 159 34.06 -11.40 -2.05
CA PHE A 159 33.16 -11.66 -3.20
C PHE A 159 32.12 -10.54 -3.34
N VAL A 160 32.02 -10.06 -4.57
CA VAL A 160 31.08 -9.00 -5.03
C VAL A 160 29.71 -9.63 -5.31
N ALA A 161 29.65 -10.67 -6.15
CA ALA A 161 28.39 -11.44 -6.42
C ALA A 161 28.16 -12.50 -5.32
N ASN A 162 28.01 -11.99 -4.11
CA ASN A 162 28.16 -12.77 -2.85
C ASN A 162 26.79 -13.15 -2.28
N ASN A 163 25.70 -12.49 -2.66
CA ASN A 163 24.39 -12.74 -1.99
C ASN A 163 23.30 -12.98 -3.05
N GLY A 164 23.58 -13.78 -4.07
CA GLY A 164 22.67 -14.11 -5.18
C GLY A 164 21.49 -14.98 -4.75
N ARG A 165 21.73 -16.06 -3.98
CA ARG A 165 20.61 -16.97 -3.60
C ARG A 165 19.75 -17.29 -4.84
N LEU A 166 20.37 -17.64 -5.96
CA LEU A 166 19.64 -17.81 -7.25
C LEU A 166 18.81 -19.11 -7.24
N GLY A 167 17.54 -18.99 -7.66
CA GLY A 167 16.48 -20.00 -7.49
C GLY A 167 15.40 -19.57 -6.49
N PHE A 168 15.67 -18.64 -5.57
CA PHE A 168 14.62 -17.94 -4.78
C PHE A 168 13.86 -16.96 -5.70
N GLY A 169 12.55 -17.19 -5.87
CA GLY A 169 11.58 -16.16 -6.35
C GLY A 169 11.43 -15.08 -5.29
N ILE A 170 10.87 -13.90 -5.58
CA ILE A 170 10.89 -12.79 -4.58
C ILE A 170 10.14 -13.18 -3.27
N HIS A 171 9.06 -13.94 -3.36
CA HIS A 171 8.27 -14.47 -2.20
C HIS A 171 9.19 -15.32 -1.31
N GLU A 172 10.11 -16.04 -1.96
CA GLU A 172 10.99 -17.04 -1.31
C GLU A 172 12.12 -16.27 -0.61
N TYR A 173 12.60 -15.22 -1.26
CA TYR A 173 13.55 -14.23 -0.68
C TYR A 173 13.01 -13.72 0.67
N LEU A 174 11.76 -13.27 0.67
CA LEU A 174 11.07 -12.67 1.85
C LEU A 174 10.87 -13.71 2.96
N SER A 175 10.71 -14.99 2.64
CA SER A 175 10.43 -16.08 3.63
C SER A 175 11.71 -16.72 4.13
N TYR A 176 12.77 -16.80 3.32
CA TYR A 176 13.90 -17.71 3.56
C TYR A 176 15.24 -16.99 3.77
N ALA A 177 15.46 -15.76 3.29
CA ALA A 177 16.77 -15.07 3.35
C ALA A 177 17.08 -14.68 4.79
N PRO A 178 18.33 -14.89 5.28
CA PRO A 178 18.64 -14.66 6.70
C PRO A 178 18.30 -13.22 7.14
N GLU A 179 18.56 -12.24 6.27
CA GLU A 179 18.44 -10.81 6.63
C GLU A 179 16.97 -10.42 6.87
N THR A 180 16.02 -11.30 6.51
CA THR A 180 14.56 -11.10 6.74
C THR A 180 14.20 -11.47 8.16
N ALA A 181 14.98 -12.33 8.83
CA ALA A 181 14.64 -12.80 10.18
C ALA A 181 13.25 -13.45 10.19
N SER A 182 12.76 -13.90 9.04
CA SER A 182 11.44 -14.60 8.90
C SER A 182 11.52 -15.98 9.56
N PRO A 183 10.61 -16.28 10.50
CA PRO A 183 10.51 -17.62 11.05
C PRO A 183 10.25 -18.67 9.95
N VAL A 184 10.98 -19.77 10.01
CA VAL A 184 10.79 -20.94 9.12
C VAL A 184 10.48 -22.16 9.99
N ARG A 185 9.48 -22.91 9.54
CA ARG A 185 9.19 -24.29 9.99
C ARG A 185 9.78 -25.26 8.98
N LEU A 186 10.54 -26.25 9.45
CA LEU A 186 11.09 -27.32 8.60
C LEU A 186 9.99 -28.30 8.20
N VAL A 187 10.16 -28.91 7.04
CA VAL A 187 9.27 -30.00 6.58
C VAL A 187 9.97 -31.31 6.96
N TRP A 188 9.22 -32.25 7.56
CA TRP A 188 9.73 -33.54 8.04
C TRP A 188 9.22 -34.62 7.08
N LEU A 189 10.16 -35.40 6.57
CA LEU A 189 9.97 -36.57 5.69
C LEU A 189 10.32 -37.84 6.47
N ALA A 190 9.57 -38.92 6.27
CA ALA A 190 10.00 -40.28 6.65
C ALA A 190 10.73 -40.86 5.44
N ALA A 191 12.00 -41.26 5.58
CA ALA A 191 12.85 -41.78 4.49
C ALA A 191 13.10 -43.26 4.74
N HIS A 192 12.77 -44.13 3.77
CA HIS A 192 12.91 -45.60 3.85
C HIS A 192 14.37 -46.01 4.07
N ARG A 193 14.60 -46.99 4.94
CA ARG A 193 15.96 -47.39 5.41
C ARG A 193 16.77 -48.07 4.29
N SER A 194 16.10 -48.50 3.22
CA SER A 194 16.74 -49.04 2.01
C SER A 194 17.51 -47.91 1.29
N ARG A 195 17.20 -46.62 1.55
CA ARG A 195 17.93 -45.51 0.87
C ARG A 195 18.44 -44.43 1.85
N ALA A 196 17.96 -44.36 3.10
CA ALA A 196 18.42 -43.39 4.11
C ALA A 196 19.30 -44.06 5.17
N ALA A 197 20.33 -43.37 5.63
CA ALA A 197 21.23 -43.83 6.71
C ALA A 197 21.49 -42.68 7.67
N PHE A 198 21.29 -42.96 8.96
CA PHE A 198 21.53 -42.01 10.08
C PHE A 198 22.79 -42.45 10.81
N THR A 199 23.65 -41.48 11.13
CA THR A 199 24.96 -41.60 11.79
C THR A 199 24.96 -40.66 13.00
N ALA A 200 25.52 -41.13 14.09
CA ALA A 200 25.42 -40.49 15.41
C ALA A 200 26.86 -40.33 15.92
N GLY A 201 27.23 -39.15 16.43
CA GLY A 201 28.49 -39.01 17.17
C GLY A 201 28.43 -39.79 18.45
N VAL A 202 29.50 -39.74 19.22
CA VAL A 202 29.64 -40.31 20.58
C VAL A 202 28.55 -39.71 21.47
N GLY A 203 27.73 -40.55 22.11
CA GLY A 203 26.72 -40.07 23.08
C GLY A 203 25.35 -39.88 22.46
N ILE A 204 25.23 -40.06 21.15
CA ILE A 204 23.92 -40.00 20.44
C ILE A 204 23.43 -41.44 20.17
N GLU A 205 22.17 -41.72 20.50
CA GLU A 205 21.38 -42.82 19.87
C GLU A 205 20.07 -42.23 19.29
N TYR A 206 19.65 -42.78 18.17
CA TYR A 206 18.65 -42.22 17.25
C TYR A 206 17.31 -41.90 17.97
N GLU A 207 16.68 -42.87 18.67
CA GLU A 207 15.25 -42.75 19.12
C GLU A 207 15.13 -41.66 20.17
N SER A 208 16.07 -41.58 21.08
CA SER A 208 16.05 -40.57 22.16
C SER A 208 16.43 -39.22 21.55
N PHE A 209 17.31 -39.22 20.55
CA PHE A 209 17.74 -38.01 19.83
C PHE A 209 16.54 -37.31 19.18
N VAL A 210 15.68 -38.02 18.45
CA VAL A 210 14.59 -37.37 17.67
C VAL A 210 13.46 -36.98 18.63
N ARG A 211 13.28 -37.71 19.74
CA ARG A 211 12.27 -37.35 20.78
C ARG A 211 12.72 -36.08 21.51
N ASP A 212 14.02 -35.97 21.75
CA ASP A 212 14.66 -34.78 22.37
C ASP A 212 14.38 -33.56 21.49
N GLU A 213 14.44 -33.70 20.17
CA GLU A 213 14.39 -32.59 19.19
C GLU A 213 12.93 -32.17 18.94
N LEU A 214 12.06 -33.15 18.70
CA LEU A 214 10.66 -32.96 18.25
C LEU A 214 9.63 -33.04 19.42
N GLY A 215 9.94 -33.76 20.53
CA GLY A 215 9.01 -34.13 21.62
C GLY A 215 8.30 -35.46 21.32
N ALA A 216 7.93 -36.21 22.34
CA ALA A 216 7.31 -37.54 22.19
C ALA A 216 5.99 -37.42 21.41
N ALA A 217 5.17 -36.39 21.61
CA ALA A 217 3.85 -36.26 20.95
C ALA A 217 4.06 -36.18 19.44
N THR A 218 4.93 -35.31 18.99
CA THR A 218 5.26 -35.14 17.55
C THR A 218 5.77 -36.46 16.94
N VAL A 219 6.70 -37.17 17.58
CA VAL A 219 7.21 -38.45 17.04
C VAL A 219 6.03 -39.42 16.94
N ASP A 220 5.20 -39.52 17.99
CA ASP A 220 3.96 -40.35 17.99
C ASP A 220 3.08 -39.96 16.79
N ARG A 221 2.82 -38.68 16.57
CA ARG A 221 1.95 -38.30 15.43
C ARG A 221 2.55 -38.80 14.10
N PHE A 222 3.86 -38.58 13.92
CA PHE A 222 4.69 -39.03 12.75
C PHE A 222 4.52 -40.55 12.57
N HIS A 223 4.68 -41.35 13.63
CA HIS A 223 4.41 -42.81 13.60
C HIS A 223 2.96 -43.06 13.15
N GLY A 224 2.01 -42.22 13.57
CA GLY A 224 0.60 -42.30 13.17
C GLY A 224 0.36 -42.08 11.68
N VAL A 225 1.02 -41.10 11.09
CA VAL A 225 0.88 -40.86 9.63
C VAL A 225 1.33 -42.11 8.84
N LEU A 226 2.44 -42.75 9.22
CA LEU A 226 2.98 -43.98 8.58
C LEU A 226 2.02 -45.19 8.72
N ARG A 227 1.47 -45.45 9.90
CA ARG A 227 0.52 -46.57 10.17
C ARG A 227 -0.81 -46.31 9.45
N GLY A 228 -1.27 -45.06 9.44
CA GLY A 228 -2.43 -44.65 8.61
C GLY A 228 -2.28 -45.08 7.16
N ARG A 229 -1.05 -45.11 6.63
CA ARG A 229 -0.71 -45.36 5.20
C ARG A 229 -0.38 -46.86 4.98
N GLY A 230 -0.45 -47.71 6.00
CA GLY A 230 -0.03 -49.12 5.88
C GLY A 230 1.42 -49.34 6.26
N LEU A 231 2.21 -48.32 6.57
CA LEU A 231 3.69 -48.39 6.69
C LEU A 231 4.10 -48.57 8.16
N ASP A 232 5.13 -49.38 8.34
CA ASP A 232 5.82 -49.67 9.63
C ASP A 232 6.87 -48.58 9.88
N PRO A 233 6.72 -47.79 10.97
CA PRO A 233 7.70 -46.78 11.33
C PRO A 233 9.14 -47.28 11.49
N ALA A 234 9.33 -48.56 11.85
CA ALA A 234 10.65 -49.20 12.01
C ALA A 234 11.39 -49.10 10.68
N ASP A 235 10.65 -49.00 9.57
CA ASP A 235 11.27 -49.12 8.22
C ASP A 235 11.86 -47.77 7.81
N TYR A 236 11.70 -46.72 8.63
CA TYR A 236 11.91 -45.32 8.19
C TYR A 236 12.77 -44.60 9.20
N LEU A 237 13.51 -43.59 8.72
CA LEU A 237 14.25 -42.56 9.47
C LEU A 237 13.63 -41.19 9.14
N LEU A 238 13.76 -40.23 10.07
CA LEU A 238 13.24 -38.85 9.94
C LEU A 238 14.35 -37.95 9.36
N ILE A 239 14.03 -37.21 8.30
CA ILE A 239 14.93 -36.20 7.66
C ILE A 239 14.17 -34.89 7.56
N PRO A 240 14.75 -33.83 8.17
CA PRO A 240 14.20 -32.48 8.13
C PRO A 240 14.72 -31.80 6.86
N VAL A 241 13.82 -31.07 6.22
CA VAL A 241 14.05 -30.50 4.87
C VAL A 241 13.66 -29.04 4.86
N HIS A 242 14.46 -28.22 4.16
CA HIS A 242 14.12 -26.81 3.80
C HIS A 242 12.88 -26.81 2.92
N PRO A 243 11.80 -26.09 3.30
CA PRO A 243 10.56 -26.10 2.52
C PRO A 243 10.85 -25.74 1.06
N TRP A 244 11.81 -24.88 0.79
CA TRP A 244 12.12 -24.56 -0.63
C TRP A 244 12.44 -25.88 -1.32
N GLN A 245 13.22 -26.72 -0.67
CA GLN A 245 13.76 -27.97 -1.28
C GLN A 245 12.57 -28.92 -1.48
N TRP A 246 11.66 -28.92 -0.53
CA TRP A 246 10.46 -29.80 -0.63
C TRP A 246 9.62 -29.35 -1.82
N TRP A 247 9.25 -28.07 -1.88
CA TRP A 247 8.19 -27.57 -2.79
C TRP A 247 8.71 -27.54 -4.23
N ASN A 248 10.00 -27.30 -4.46
CA ASN A 248 10.59 -26.94 -5.79
C ASN A 248 11.37 -28.11 -6.39
N LYS A 249 11.95 -28.96 -5.54
CA LYS A 249 12.91 -30.03 -5.92
C LYS A 249 12.40 -31.41 -5.52
N LEU A 250 12.15 -31.72 -4.24
CA LEU A 250 11.96 -33.13 -3.84
C LEU A 250 10.65 -33.66 -4.42
N THR A 251 9.62 -32.83 -4.42
CA THR A 251 8.26 -33.17 -4.90
C THR A 251 8.24 -33.34 -6.41
N VAL A 252 9.33 -32.95 -7.10
CA VAL A 252 9.42 -32.99 -8.59
C VAL A 252 10.56 -33.92 -9.00
N THR A 253 11.80 -33.58 -8.65
CA THR A 253 13.02 -34.37 -9.02
C THR A 253 12.94 -35.78 -8.40
N PHE A 254 12.43 -35.85 -7.15
CA PHE A 254 12.29 -37.08 -6.34
C PHE A 254 10.83 -37.56 -6.29
N ALA A 255 10.02 -37.19 -7.27
CA ALA A 255 8.62 -37.62 -7.44
C ALA A 255 8.49 -39.16 -7.29
N ALA A 256 9.40 -39.94 -7.87
CA ALA A 256 9.31 -41.40 -7.86
C ALA A 256 9.42 -41.89 -6.41
N GLU A 257 10.24 -41.24 -5.60
CA GLU A 257 10.45 -41.59 -4.17
C GLU A 257 9.17 -41.30 -3.37
N VAL A 258 8.55 -40.14 -3.60
CA VAL A 258 7.30 -39.78 -2.85
C VAL A 258 6.23 -40.78 -3.25
N ALA A 259 6.07 -41.01 -4.55
CA ALA A 259 4.96 -41.84 -5.08
C ALA A 259 5.07 -43.28 -4.55
N ARG A 260 6.28 -43.87 -4.54
CA ARG A 260 6.56 -45.28 -4.12
C ARG A 260 6.55 -45.39 -2.58
N GLY A 261 6.61 -44.28 -1.83
CA GLY A 261 6.65 -44.28 -0.36
C GLY A 261 8.04 -44.56 0.20
N HIS A 262 9.09 -44.34 -0.61
CA HIS A 262 10.49 -44.22 -0.14
C HIS A 262 10.63 -42.92 0.68
N LEU A 263 9.94 -41.85 0.26
CA LEU A 263 9.79 -40.59 1.04
C LEU A 263 8.32 -40.36 1.30
N VAL A 264 7.96 -40.15 2.57
CA VAL A 264 6.59 -39.80 3.02
C VAL A 264 6.68 -38.42 3.66
N CYS A 265 5.79 -37.50 3.25
CA CYS A 265 5.67 -36.14 3.84
C CYS A 265 4.95 -36.22 5.20
N LEU A 266 5.61 -35.87 6.31
CA LEU A 266 5.04 -35.94 7.67
C LEU A 266 4.38 -34.61 8.11
N GLY A 267 4.70 -33.49 7.47
CA GLY A 267 4.14 -32.18 7.87
C GLY A 267 5.24 -31.21 8.24
N GLU A 268 4.88 -30.04 8.77
CA GLU A 268 5.87 -29.05 9.25
C GLU A 268 6.19 -29.40 10.69
N GLY A 269 7.35 -28.97 11.18
CA GLY A 269 7.73 -29.09 12.61
C GLY A 269 7.13 -27.92 13.37
N ASP A 270 7.03 -28.03 14.68
CA ASP A 270 6.29 -27.01 15.49
C ASP A 270 7.20 -25.80 15.69
N ASP A 271 8.45 -26.05 15.99
CA ASP A 271 9.41 -25.00 16.36
C ASP A 271 9.71 -24.08 15.19
N GLU A 272 10.04 -22.84 15.52
CA GLU A 272 10.41 -21.79 14.55
C GLU A 272 11.93 -21.67 14.48
N TYR A 273 12.46 -21.67 13.27
CA TYR A 273 13.90 -21.48 12.99
C TYR A 273 14.16 -20.14 12.32
N LEU A 274 15.38 -19.67 12.46
CA LEU A 274 15.89 -18.50 11.71
C LEU A 274 17.02 -18.99 10.80
N ALA A 275 16.96 -18.68 9.50
CA ALA A 275 18.09 -18.94 8.60
C ALA A 275 19.33 -18.18 9.12
N GLN A 276 20.49 -18.82 9.17
CA GLN A 276 21.76 -18.16 9.54
C GLN A 276 22.38 -17.60 8.26
N GLN A 277 23.52 -16.94 8.39
CA GLN A 277 24.25 -16.34 7.26
C GLN A 277 24.49 -17.39 6.16
N SER A 278 24.66 -18.68 6.50
CA SER A 278 24.86 -19.73 5.45
C SER A 278 23.55 -20.05 4.68
N ILE A 279 22.41 -19.55 5.13
CA ILE A 279 21.10 -19.60 4.39
C ILE A 279 20.41 -20.94 4.67
N ARG A 280 21.08 -22.06 4.49
CA ARG A 280 20.42 -23.37 4.72
C ARG A 280 20.78 -23.98 6.10
N THR A 281 21.39 -23.22 7.00
CA THR A 281 21.55 -23.67 8.41
C THR A 281 20.54 -22.88 9.24
N PHE A 282 19.79 -23.56 10.07
CA PHE A 282 18.64 -23.00 10.81
C PHE A 282 18.97 -23.03 12.31
N PHE A 283 18.82 -21.88 12.99
CA PHE A 283 18.96 -21.76 14.46
C PHE A 283 17.57 -21.94 15.03
N ASN A 284 17.42 -22.68 16.13
CA ASN A 284 16.09 -22.96 16.72
C ASN A 284 15.70 -21.75 17.58
N ALA A 285 14.88 -20.82 17.08
CA ALA A 285 14.43 -19.61 17.81
C ALA A 285 13.45 -19.97 18.93
N SER A 286 12.60 -20.97 18.75
CA SER A 286 11.67 -21.46 19.83
C SER A 286 12.48 -21.96 21.02
N HIS A 287 13.55 -22.71 20.80
CA HIS A 287 14.32 -23.42 21.85
C HIS A 287 15.80 -23.27 21.53
N PRO A 288 16.40 -22.11 21.85
CA PRO A 288 17.76 -21.77 21.40
C PRO A 288 18.79 -22.83 21.79
N GLY A 289 18.53 -23.54 22.90
CA GLY A 289 19.36 -24.62 23.45
C GLY A 289 19.38 -25.87 22.58
N LYS A 290 18.35 -26.09 21.75
CA LYS A 290 18.30 -27.23 20.78
C LYS A 290 19.27 -27.01 19.58
N HIS A 291 19.40 -28.07 18.75
CA HIS A 291 20.38 -28.24 17.63
C HIS A 291 20.05 -27.26 16.51
N TYR A 292 21.07 -26.71 15.88
CA TYR A 292 20.93 -26.20 14.50
C TYR A 292 20.58 -27.37 13.59
N VAL A 293 19.80 -27.11 12.55
CA VAL A 293 19.59 -28.05 11.42
C VAL A 293 20.19 -27.42 10.16
N LYS A 294 21.18 -28.10 9.58
CA LYS A 294 21.73 -27.80 8.23
C LYS A 294 21.03 -28.65 7.16
N THR A 295 20.48 -27.98 6.14
CA THR A 295 19.60 -28.56 5.11
C THR A 295 20.25 -28.54 3.73
N ALA A 296 19.91 -29.53 2.93
CA ALA A 296 20.13 -29.51 1.48
C ALA A 296 19.31 -28.38 0.82
N LEU A 297 19.96 -27.46 0.12
CA LEU A 297 19.27 -26.35 -0.59
C LEU A 297 19.94 -26.13 -1.94
N SER A 298 19.28 -26.62 -2.99
CA SER A 298 19.73 -26.53 -4.39
C SER A 298 19.48 -25.11 -4.90
N VAL A 299 20.10 -24.11 -4.27
CA VAL A 299 20.19 -22.73 -4.81
C VAL A 299 21.66 -22.39 -5.05
N LEU A 300 21.87 -21.43 -5.95
CA LEU A 300 23.22 -20.90 -6.24
C LEU A 300 23.49 -19.74 -5.29
N ASN A 301 24.55 -19.85 -4.51
CA ASN A 301 25.09 -18.70 -3.74
C ASN A 301 26.61 -18.74 -3.80
N MET A 302 27.21 -17.62 -4.17
CA MET A 302 28.67 -17.36 -4.04
C MET A 302 29.50 -18.56 -4.52
N GLY A 303 29.36 -18.95 -5.80
CA GLY A 303 30.28 -19.86 -6.49
C GLY A 303 29.96 -21.35 -6.29
N PHE A 304 28.95 -21.70 -5.47
CA PHE A 304 28.48 -23.10 -5.24
C PHE A 304 26.96 -23.20 -5.11
N MET A 305 26.41 -24.33 -5.54
CA MET A 305 25.10 -24.89 -5.10
C MET A 305 25.19 -25.30 -3.61
N ARG A 306 24.17 -24.98 -2.79
CA ARG A 306 24.24 -25.21 -1.32
C ARG A 306 23.41 -26.47 -0.97
N GLY A 307 23.48 -27.49 -1.83
CA GLY A 307 23.04 -28.84 -1.49
C GLY A 307 23.97 -29.43 -0.46
N LEU A 308 23.68 -30.65 -0.03
CA LEU A 308 24.44 -31.34 1.03
C LEU A 308 24.61 -32.81 0.62
N SER A 309 25.86 -33.25 0.61
CA SER A 309 26.30 -34.56 0.12
C SER A 309 25.87 -35.64 1.11
N ALA A 310 25.04 -36.59 0.65
CA ALA A 310 24.62 -37.75 1.45
C ALA A 310 25.84 -38.60 1.76
N ALA A 311 26.78 -38.68 0.82
CA ALA A 311 28.01 -39.50 0.95
C ALA A 311 28.91 -38.97 2.09
N TYR A 312 29.07 -37.66 2.30
CA TYR A 312 29.95 -37.16 3.39
C TYR A 312 29.29 -37.29 4.78
N MET A 313 28.00 -37.57 4.87
CA MET A 313 27.28 -37.54 6.17
C MET A 313 27.78 -38.68 7.07
N GLU A 314 28.15 -39.80 6.48
CA GLU A 314 28.55 -41.03 7.24
C GLU A 314 29.75 -40.68 8.14
N ALA A 315 30.69 -39.89 7.67
CA ALA A 315 31.92 -39.62 8.46
C ALA A 315 31.79 -38.29 9.23
N THR A 316 30.73 -37.53 9.06
CA THR A 316 30.64 -36.17 9.62
C THR A 316 30.79 -36.23 11.15
N PRO A 317 29.94 -36.98 11.88
CA PRO A 317 30.05 -36.98 13.33
C PRO A 317 31.42 -37.47 13.83
N ALA A 318 32.05 -38.42 13.15
CA ALA A 318 33.32 -39.02 13.61
C ALA A 318 34.43 -37.95 13.53
N ILE A 319 34.45 -37.16 12.47
CA ILE A 319 35.47 -36.09 12.25
C ILE A 319 35.29 -35.02 13.34
N ASN A 320 34.05 -34.70 13.68
CA ASN A 320 33.68 -33.75 14.76
C ASN A 320 34.17 -34.30 16.11
N ASP A 321 33.88 -35.57 16.42
CA ASP A 321 34.33 -36.19 17.69
C ASP A 321 35.87 -36.18 17.77
N TRP A 322 36.55 -36.53 16.68
CA TRP A 322 38.02 -36.57 16.60
C TRP A 322 38.57 -35.16 16.87
N LEU A 323 37.98 -34.10 16.28
CA LEU A 323 38.51 -32.73 16.49
C LEU A 323 38.29 -32.29 17.96
N ALA A 324 37.10 -32.54 18.49
CA ALA A 324 36.77 -32.19 19.89
C ALA A 324 37.79 -32.84 20.80
N ARG A 325 38.00 -34.15 20.65
CA ARG A 325 38.92 -34.88 21.54
C ARG A 325 40.31 -34.26 21.41
N LEU A 326 40.78 -33.97 20.20
CA LEU A 326 42.12 -33.35 19.98
C LEU A 326 42.24 -32.02 20.73
N ILE A 327 41.28 -31.11 20.57
CA ILE A 327 41.20 -29.78 21.26
C ILE A 327 41.28 -30.00 22.80
N GLU A 328 40.49 -30.93 23.32
CA GLU A 328 40.44 -31.22 24.79
C GLU A 328 41.82 -31.69 25.31
N GLY A 329 42.66 -32.33 24.49
CA GLY A 329 43.92 -32.95 24.93
C GLY A 329 45.12 -32.04 24.84
N ASP A 330 45.02 -30.88 24.17
CA ASP A 330 46.19 -30.00 23.81
C ASP A 330 46.23 -28.82 24.78
N PRO A 331 47.30 -28.66 25.59
CA PRO A 331 47.43 -27.54 26.53
C PRO A 331 47.27 -26.16 25.91
N VAL A 332 47.80 -25.95 24.70
CA VAL A 332 47.80 -24.61 24.04
C VAL A 332 46.35 -24.27 23.64
N LEU A 333 45.63 -25.26 23.09
CA LEU A 333 44.21 -25.12 22.73
C LEU A 333 43.35 -25.00 23.99
N LYS A 334 43.64 -25.72 25.09
CA LYS A 334 42.90 -25.47 26.35
C LYS A 334 43.12 -24.02 26.84
N GLU A 335 44.34 -23.48 26.87
CA GLU A 335 44.65 -22.12 27.44
C GLU A 335 43.82 -21.06 26.70
N THR A 336 43.77 -21.18 25.38
CA THR A 336 43.01 -20.42 24.36
C THR A 336 41.49 -20.37 24.63
N GLY A 337 40.91 -21.37 25.29
CA GLY A 337 39.45 -21.50 25.46
C GLY A 337 38.75 -22.04 24.21
N LEU A 338 39.46 -22.52 23.19
CA LEU A 338 38.80 -22.94 21.92
C LEU A 338 37.87 -24.13 22.17
N SER A 339 36.74 -24.13 21.50
CA SER A 339 35.82 -25.31 21.36
C SER A 339 35.20 -25.26 19.96
N ILE A 340 34.57 -26.36 19.57
CA ILE A 340 33.66 -26.39 18.39
C ILE A 340 32.24 -26.60 18.91
N ILE A 341 31.26 -26.28 18.09
CA ILE A 341 29.94 -26.90 18.24
C ILE A 341 29.93 -28.05 17.25
N ARG A 342 29.74 -29.25 17.76
CA ARG A 342 29.85 -30.48 16.95
C ARG A 342 28.63 -30.66 16.04
N GLU A 343 28.92 -31.09 14.82
CA GLU A 343 27.96 -31.88 14.00
C GLU A 343 27.88 -33.25 14.69
N ARG A 344 26.75 -33.50 15.33
CA ARG A 344 26.48 -34.58 16.31
C ARG A 344 25.75 -35.73 15.64
N ALA A 345 24.92 -35.43 14.66
CA ALA A 345 24.12 -36.43 13.94
C ALA A 345 23.96 -35.99 12.49
N ALA A 346 23.66 -36.94 11.62
CA ALA A 346 23.58 -36.70 10.17
C ALA A 346 22.70 -37.79 9.57
N VAL A 347 21.85 -37.40 8.64
CA VAL A 347 21.16 -38.40 7.80
C VAL A 347 21.41 -38.04 6.34
N GLY A 348 21.52 -39.07 5.52
CA GLY A 348 21.79 -38.99 4.08
C GLY A 348 20.75 -39.83 3.37
N TYR A 349 20.24 -39.35 2.23
CA TYR A 349 19.40 -40.16 1.32
C TYR A 349 20.24 -40.44 0.08
N ARG A 350 20.26 -41.68 -0.34
CA ARG A 350 20.94 -42.14 -1.58
C ARG A 350 19.87 -42.43 -2.62
N HIS A 351 19.67 -41.53 -3.56
CA HIS A 351 18.78 -41.76 -4.72
C HIS A 351 19.49 -42.70 -5.67
N LEU A 352 19.11 -43.97 -5.69
CA LEU A 352 19.90 -45.04 -6.36
C LEU A 352 19.89 -44.82 -7.88
N GLU A 353 18.77 -44.36 -8.44
CA GLU A 353 18.65 -44.19 -9.91
C GLU A 353 19.52 -43.01 -10.32
N TYR A 354 19.55 -41.95 -9.53
CA TYR A 354 20.32 -40.73 -9.92
C TYR A 354 21.80 -40.98 -9.72
N GLU A 355 22.16 -41.86 -8.78
CA GLU A 355 23.53 -42.44 -8.66
C GLU A 355 23.95 -43.17 -9.94
N GLN A 356 23.11 -44.07 -10.45
CA GLN A 356 23.32 -44.80 -11.73
C GLN A 356 23.54 -43.79 -12.87
N ALA A 357 23.03 -42.55 -12.79
CA ALA A 357 22.91 -41.56 -13.92
C ALA A 357 23.92 -40.41 -13.88
N THR A 358 24.72 -40.26 -12.81
CA THR A 358 25.62 -39.12 -12.60
C THR A 358 26.95 -39.60 -12.02
N ASP A 359 28.00 -38.79 -12.08
CA ASP A 359 29.26 -39.13 -11.37
C ASP A 359 29.13 -38.60 -9.95
N ARG A 360 29.99 -39.07 -9.06
CA ARG A 360 29.99 -38.76 -7.60
C ARG A 360 29.98 -37.24 -7.36
N TYR A 361 30.36 -36.37 -8.30
CA TYR A 361 30.46 -34.90 -8.08
C TYR A 361 29.10 -34.21 -8.29
N SER A 362 28.15 -34.92 -8.90
CA SER A 362 26.84 -34.39 -9.34
C SER A 362 26.05 -33.76 -8.21
N PRO A 363 25.42 -32.61 -8.50
CA PRO A 363 24.50 -31.98 -7.55
C PRO A 363 23.21 -32.80 -7.31
N TYR A 364 22.90 -33.72 -8.21
CA TYR A 364 21.78 -34.69 -8.08
C TYR A 364 21.99 -35.56 -6.83
N ARG A 365 23.21 -35.64 -6.30
CA ARG A 365 23.53 -36.53 -5.13
C ARG A 365 23.59 -35.73 -3.84
N LYS A 366 23.29 -34.43 -3.92
CA LYS A 366 23.39 -33.45 -2.82
C LYS A 366 22.00 -32.83 -2.54
N MET A 367 20.91 -33.54 -2.86
CA MET A 367 19.55 -32.97 -2.88
C MET A 367 18.78 -33.29 -1.61
N LEU A 368 19.13 -34.39 -0.96
CA LEU A 368 18.46 -34.85 0.28
C LEU A 368 19.48 -35.41 1.30
N ALA A 369 19.78 -34.59 2.30
CA ALA A 369 20.68 -34.88 3.44
C ALA A 369 20.53 -33.74 4.43
N ALA A 370 20.87 -33.99 5.69
CA ALA A 370 20.74 -33.03 6.81
C ALA A 370 21.78 -33.39 7.86
N LEU A 371 22.30 -32.41 8.58
CA LEU A 371 23.05 -32.73 9.82
C LEU A 371 22.54 -31.85 10.95
N TRP A 372 22.81 -32.27 12.18
CA TRP A 372 22.50 -31.49 13.41
C TRP A 372 23.79 -31.07 14.11
N ARG A 373 23.82 -29.81 14.52
CA ARG A 373 24.99 -29.12 15.10
C ARG A 373 24.49 -28.53 16.41
N GLU A 374 25.14 -28.88 17.51
CA GLU A 374 24.73 -28.40 18.85
C GLU A 374 24.82 -26.88 18.85
N SER A 375 23.91 -26.24 19.59
CA SER A 375 23.85 -24.77 19.79
C SER A 375 24.94 -24.39 20.78
N PRO A 376 25.57 -23.21 20.62
CA PRO A 376 26.48 -22.67 21.63
C PRO A 376 25.80 -22.12 22.89
N VAL A 377 24.47 -21.99 22.87
CA VAL A 377 23.72 -21.18 23.88
C VAL A 377 23.82 -21.83 25.26
N PRO A 378 23.63 -23.15 25.44
CA PRO A 378 23.73 -23.78 26.76
C PRO A 378 25.09 -23.62 27.46
N SER A 379 26.17 -23.46 26.70
CA SER A 379 27.54 -23.42 27.26
C SER A 379 27.84 -22.02 27.86
N ILE A 380 27.10 -20.97 27.53
CA ILE A 380 27.51 -19.61 27.98
C ILE A 380 27.01 -19.36 29.41
N ARG A 381 27.70 -18.48 30.12
CA ARG A 381 27.47 -18.18 31.55
C ARG A 381 26.78 -16.82 31.58
N GLU A 382 26.16 -16.47 32.70
CA GLU A 382 25.57 -15.14 32.94
C GLU A 382 26.64 -14.06 32.67
N GLY A 383 26.33 -13.03 31.87
CA GLY A 383 27.30 -11.99 31.46
C GLY A 383 27.86 -12.21 30.05
N GLU A 384 27.74 -13.42 29.50
CA GLU A 384 28.26 -13.77 28.16
C GLU A 384 27.13 -13.68 27.14
N THR A 385 27.45 -13.19 25.95
CA THR A 385 26.58 -13.06 24.75
C THR A 385 27.28 -13.75 23.57
N LEU A 386 26.59 -14.00 22.45
CA LEU A 386 27.20 -14.64 21.25
C LEU A 386 27.12 -13.70 20.04
N ALA A 387 28.11 -13.77 19.14
CA ALA A 387 28.11 -13.03 17.86
C ALA A 387 28.98 -13.72 16.82
N THR A 388 28.44 -13.85 15.62
CA THR A 388 29.20 -14.22 14.41
C THR A 388 30.47 -13.37 14.41
N MET A 389 31.62 -13.97 14.11
CA MET A 389 32.87 -13.25 13.96
C MET A 389 32.72 -12.26 12.80
N ALA A 390 31.83 -12.53 11.84
CA ALA A 390 31.52 -11.62 10.71
C ALA A 390 31.13 -10.22 11.19
N SER A 391 30.73 -10.05 12.46
CA SER A 391 30.33 -8.74 13.02
C SER A 391 31.55 -7.83 13.19
N LEU A 392 32.75 -8.36 13.31
CA LEU A 392 33.93 -7.49 13.58
C LEU A 392 34.15 -6.58 12.38
N VAL A 393 33.76 -7.07 11.20
CA VAL A 393 33.88 -6.32 9.92
C VAL A 393 32.50 -5.80 9.52
N HIS A 394 31.53 -5.75 10.43
CA HIS A 394 30.26 -5.05 10.18
C HIS A 394 30.52 -3.56 10.31
N GLN A 395 30.07 -2.76 9.33
CA GLN A 395 29.89 -1.28 9.40
C GLN A 395 28.41 -0.95 9.27
N ASP A 396 27.86 -0.19 10.20
CA ASP A 396 26.43 0.21 10.16
C ASP A 396 26.26 1.28 9.05
N HIS A 397 25.09 1.92 9.03
CA HIS A 397 24.67 2.92 8.00
C HIS A 397 25.56 4.17 8.09
N GLU A 398 26.17 4.47 9.26
CA GLU A 398 27.09 5.64 9.49
C GLU A 398 28.56 5.32 9.16
N GLY A 399 28.89 4.09 8.78
CA GLY A 399 30.28 3.62 8.52
C GLY A 399 31.06 3.19 9.75
N ALA A 400 30.39 3.07 10.91
CA ALA A 400 30.95 2.79 12.26
C ALA A 400 31.13 1.28 12.44
N SER A 401 32.38 0.85 12.68
CA SER A 401 32.80 -0.57 12.86
C SER A 401 32.09 -1.18 14.08
N PHE A 402 31.61 -2.40 13.93
CA PHE A 402 30.98 -3.12 15.07
C PHE A 402 32.09 -3.48 16.08
N ALA A 403 33.28 -3.81 15.59
CA ALA A 403 34.45 -4.10 16.43
C ALA A 403 34.78 -2.85 17.25
N GLY A 404 34.68 -1.69 16.60
CA GLY A 404 34.92 -0.43 17.28
C GLY A 404 33.98 -0.31 18.47
N ALA A 405 32.71 -0.58 18.25
CA ALA A 405 31.67 -0.48 19.31
C ALA A 405 31.92 -1.51 20.42
N LEU A 406 32.55 -2.65 20.12
CA LEU A 406 32.89 -3.64 21.20
C LEU A 406 34.08 -3.09 22.00
N ILE A 407 35.04 -2.46 21.32
CA ILE A 407 36.19 -1.81 21.99
C ILE A 407 35.69 -0.73 22.99
N GLU A 408 34.78 0.14 22.57
CA GLU A 408 34.24 1.27 23.38
C GLU A 408 33.56 0.68 24.63
N ARG A 409 32.71 -0.33 24.46
CA ARG A 409 31.96 -1.04 25.53
C ARG A 409 32.95 -1.66 26.52
N SER A 410 34.13 -2.12 26.10
CA SER A 410 35.06 -2.89 26.97
C SER A 410 35.85 -1.99 27.93
N GLY A 411 36.01 -0.70 27.61
CA GLY A 411 36.91 0.20 28.33
C GLY A 411 38.37 -0.14 28.08
N LEU A 412 38.70 -1.08 27.19
CA LEU A 412 40.12 -1.47 26.90
C LEU A 412 40.69 -0.60 25.77
N THR A 413 42.02 -0.46 25.72
CA THR A 413 42.72 0.10 24.55
C THR A 413 42.47 -0.84 23.37
N PRO A 414 42.38 -0.25 22.15
CA PRO A 414 42.16 -1.02 20.94
C PRO A 414 43.06 -2.27 20.93
N THR A 415 44.35 -2.09 21.25
CA THR A 415 45.44 -3.09 21.33
C THR A 415 45.12 -4.19 22.38
N GLU A 416 44.75 -3.85 23.61
CA GLU A 416 44.37 -4.84 24.65
C GLU A 416 43.19 -5.66 24.11
N TRP A 417 42.16 -4.98 23.58
CA TRP A 417 40.96 -5.63 22.99
C TRP A 417 41.44 -6.68 21.97
N LEU A 418 42.40 -6.29 21.11
CA LEU A 418 42.86 -7.11 19.94
C LEU A 418 43.59 -8.35 20.44
N ARG A 419 44.38 -8.23 21.53
CA ARG A 419 45.12 -9.38 22.15
C ARG A 419 44.12 -10.50 22.48
N HIS A 420 43.04 -10.16 23.18
CA HIS A 420 41.98 -11.10 23.64
C HIS A 420 41.42 -11.79 22.40
N TYR A 421 41.07 -11.03 21.36
CA TYR A 421 40.46 -11.55 20.11
C TYR A 421 41.44 -12.53 19.43
N LEU A 422 42.71 -12.11 19.29
CA LEU A 422 43.71 -12.92 18.56
C LEU A 422 44.04 -14.20 19.33
N ARG A 423 44.07 -14.10 20.66
CA ARG A 423 44.37 -15.22 21.58
C ARG A 423 43.28 -16.28 21.39
N ALA A 424 42.01 -15.85 21.29
CA ALA A 424 40.84 -16.75 21.24
C ALA A 424 40.69 -17.36 19.84
N TYR A 425 40.94 -16.56 18.80
CA TYR A 425 40.58 -16.89 17.39
C TYR A 425 41.80 -17.36 16.61
N TYR A 426 42.92 -16.64 16.71
CA TYR A 426 44.04 -16.68 15.73
C TYR A 426 45.14 -17.68 16.22
N VAL A 427 45.53 -17.61 17.49
CA VAL A 427 46.49 -18.58 18.09
C VAL A 427 46.05 -20.01 17.80
N PRO A 428 44.80 -20.46 18.09
CA PRO A 428 44.43 -21.85 17.83
C PRO A 428 44.71 -22.25 16.37
N LEU A 429 44.60 -21.31 15.43
CA LEU A 429 44.86 -21.57 13.99
C LEU A 429 46.36 -21.76 13.75
N LEU A 430 47.21 -21.00 14.45
CA LEU A 430 48.69 -21.17 14.36
C LEU A 430 49.03 -22.54 14.95
N HIS A 431 48.42 -22.89 16.09
CA HIS A 431 48.83 -24.11 16.83
C HIS A 431 48.39 -25.36 16.07
N SER A 432 47.18 -25.33 15.48
CA SER A 432 46.62 -26.39 14.62
C SER A 432 47.53 -26.63 13.40
N PHE A 433 47.93 -25.60 12.66
CA PHE A 433 48.84 -25.73 11.48
C PHE A 433 50.19 -26.31 11.88
N TYR A 434 50.80 -25.70 12.89
CA TYR A 434 52.20 -26.00 13.25
C TYR A 434 52.30 -27.36 13.91
N ALA A 435 51.38 -27.69 14.82
CA ALA A 435 51.42 -28.93 15.63
C ALA A 435 50.69 -30.10 14.95
N TYR A 436 49.63 -29.88 14.15
CA TYR A 436 48.82 -31.02 13.64
C TYR A 436 48.66 -30.98 12.12
N ASP A 437 49.22 -29.98 11.41
CA ASP A 437 48.99 -29.74 9.94
C ASP A 437 47.48 -29.61 9.64
N LEU A 438 46.73 -29.03 10.57
CA LEU A 438 45.25 -29.00 10.56
C LEU A 438 44.79 -27.56 10.32
N VAL A 439 43.99 -27.37 9.27
CA VAL A 439 43.42 -26.05 8.90
C VAL A 439 41.91 -26.18 8.84
N TYR A 440 41.25 -25.06 9.08
CA TYR A 440 39.77 -24.96 9.08
C TYR A 440 39.42 -24.09 7.87
N MET A 441 38.17 -23.68 7.71
CA MET A 441 37.81 -22.49 6.89
C MET A 441 37.33 -21.42 7.87
N PRO A 442 38.25 -20.62 8.49
CA PRO A 442 37.88 -19.77 9.62
C PRO A 442 37.50 -18.34 9.23
N HIS A 443 36.59 -18.17 8.28
CA HIS A 443 36.03 -16.85 7.91
C HIS A 443 34.93 -16.44 8.93
N GLY A 444 34.32 -15.29 8.76
CA GLY A 444 33.45 -14.71 9.79
C GLY A 444 32.25 -15.59 10.02
N GLU A 445 31.81 -16.32 8.99
CA GLU A 445 30.56 -17.12 9.05
C GLU A 445 30.82 -18.45 9.76
N ASN A 446 32.08 -18.87 9.89
CA ASN A 446 32.43 -20.19 10.48
C ASN A 446 32.94 -20.01 11.93
N VAL A 447 32.94 -18.77 12.42
CA VAL A 447 33.37 -18.49 13.82
C VAL A 447 32.23 -17.80 14.57
N ILE A 448 32.04 -18.20 15.82
CA ILE A 448 31.16 -17.50 16.81
C ILE A 448 32.03 -17.01 17.96
N LEU A 449 31.81 -15.75 18.37
CA LEU A 449 32.59 -15.13 19.45
C LEU A 449 31.74 -15.16 20.71
N VAL A 450 32.35 -15.56 21.85
CA VAL A 450 31.74 -15.49 23.20
C VAL A 450 32.25 -14.21 23.85
N LEU A 451 31.31 -13.34 24.26
CA LEU A 451 31.59 -11.94 24.63
C LEU A 451 31.17 -11.67 26.08
N ALA A 452 32.11 -11.09 26.84
CA ALA A 452 31.93 -10.60 28.23
C ALA A 452 32.34 -9.12 28.22
N ASP A 453 31.39 -8.21 28.48
CA ASP A 453 31.71 -6.79 28.73
C ASP A 453 32.44 -6.26 27.48
N GLY A 454 31.93 -6.60 26.29
CA GLY A 454 32.52 -6.23 24.98
C GLY A 454 33.79 -7.01 24.58
N VAL A 455 34.36 -7.82 25.47
CA VAL A 455 35.63 -8.58 25.22
C VAL A 455 35.31 -9.96 24.64
N VAL A 456 36.13 -10.40 23.67
CA VAL A 456 36.22 -11.82 23.21
C VAL A 456 36.92 -12.63 24.33
N ARG A 457 36.15 -13.45 25.04
CA ARG A 457 36.62 -14.37 26.10
C ARG A 457 37.18 -15.66 25.46
N ARG A 458 36.42 -16.23 24.52
CA ARG A 458 36.76 -17.45 23.75
C ARG A 458 36.04 -17.42 22.38
N ALA A 459 36.52 -18.22 21.42
CA ALA A 459 35.95 -18.42 20.07
C ALA A 459 35.46 -19.87 19.89
N VAL A 460 34.39 -20.03 19.12
CA VAL A 460 33.74 -21.34 18.81
C VAL A 460 33.71 -21.54 17.29
N TYR A 461 34.31 -22.63 16.80
CA TYR A 461 34.41 -22.90 15.34
C TYR A 461 33.20 -23.77 14.97
N LYS A 462 32.76 -23.65 13.71
CA LYS A 462 31.73 -24.51 13.11
C LYS A 462 32.06 -24.70 11.63
N ASP A 463 31.15 -25.38 10.89
CA ASP A 463 31.33 -25.91 9.51
C ASP A 463 32.63 -26.74 9.64
N ILE A 464 32.52 -28.00 10.15
CA ILE A 464 33.75 -28.79 10.55
C ILE A 464 34.09 -29.89 9.53
N ALA A 465 33.26 -30.94 9.42
CA ALA A 465 33.52 -32.16 8.63
C ALA A 465 33.83 -31.79 7.17
N GLU A 466 33.12 -30.82 6.58
CA GLU A 466 33.20 -30.44 5.14
C GLU A 466 34.32 -29.42 4.90
N GLU A 467 34.95 -28.89 5.96
CA GLU A 467 35.96 -27.80 5.81
C GLU A 467 37.36 -28.24 6.24
N ILE A 468 37.54 -28.97 7.34
CA ILE A 468 38.91 -29.10 7.93
C ILE A 468 39.80 -29.97 7.05
N ALA A 469 41.10 -29.72 7.11
CA ALA A 469 42.11 -30.54 6.41
C ALA A 469 43.26 -30.87 7.35
N VAL A 470 43.92 -32.01 7.09
CA VAL A 470 45.26 -32.35 7.66
C VAL A 470 46.20 -32.40 6.47
N MET A 471 47.19 -31.50 6.46
CA MET A 471 48.10 -31.26 5.32
C MET A 471 49.36 -32.12 5.45
N ASP A 472 49.18 -33.37 5.05
CA ASP A 472 50.02 -34.56 5.37
C ASP A 472 49.27 -35.79 4.84
N PRO A 473 49.62 -36.29 3.62
CA PRO A 473 48.95 -37.48 3.09
C PRO A 473 49.25 -38.77 3.89
N ASP A 474 50.26 -38.76 4.76
CA ASP A 474 50.69 -39.93 5.59
C ASP A 474 50.11 -39.86 7.01
N ALA A 475 49.42 -38.79 7.36
CA ALA A 475 48.73 -38.69 8.66
C ALA A 475 48.13 -40.08 8.97
N VAL A 476 48.42 -40.67 10.13
CA VAL A 476 47.64 -41.83 10.63
C VAL A 476 46.49 -41.22 11.44
N LEU A 477 45.26 -41.46 10.98
CA LEU A 477 44.00 -40.95 11.57
C LEU A 477 43.08 -42.14 11.74
N PRO A 478 42.14 -42.11 12.71
CA PRO A 478 41.14 -43.17 12.82
C PRO A 478 40.60 -43.41 11.42
N PRO A 479 40.30 -44.67 11.04
CA PRO A 479 39.71 -44.98 9.73
C PRO A 479 38.63 -44.03 9.21
N GLU A 480 37.71 -43.63 10.07
CA GLU A 480 36.49 -42.85 9.65
C GLU A 480 36.91 -41.45 9.21
N VAL A 481 38.05 -40.95 9.68
CA VAL A 481 38.32 -39.49 9.54
C VAL A 481 39.48 -39.24 8.56
N SER A 482 39.96 -40.27 7.83
CA SER A 482 41.16 -40.19 6.97
C SER A 482 40.92 -39.43 5.65
N ARG A 483 39.68 -39.19 5.28
CA ARG A 483 39.31 -38.37 4.08
C ARG A 483 39.77 -36.92 4.21
N ILE A 484 40.13 -36.45 5.42
CA ILE A 484 40.61 -35.05 5.63
C ILE A 484 42.10 -34.97 5.35
N ALA A 485 42.82 -36.10 5.29
CA ALA A 485 44.23 -36.15 4.83
C ALA A 485 44.31 -35.61 3.40
N VAL A 486 45.17 -34.62 3.13
CA VAL A 486 45.34 -34.05 1.76
C VAL A 486 46.82 -33.85 1.47
N ASP A 487 47.15 -33.88 0.18
CA ASP A 487 48.48 -33.54 -0.38
C ASP A 487 48.40 -32.11 -0.95
N VAL A 488 48.97 -31.16 -0.22
CA VAL A 488 49.09 -29.71 -0.60
C VAL A 488 50.57 -29.46 -0.83
N PRO A 489 50.99 -28.81 -1.94
CA PRO A 489 52.40 -28.43 -2.08
C PRO A 489 52.86 -27.58 -0.87
N ASP A 490 54.03 -27.88 -0.34
CA ASP A 490 54.59 -27.24 0.88
C ASP A 490 54.53 -25.71 0.76
N ASP A 491 54.77 -25.20 -0.47
CA ASP A 491 54.88 -23.74 -0.75
C ASP A 491 53.51 -23.09 -0.71
N LYS A 492 52.40 -23.83 -0.60
CA LYS A 492 51.02 -23.27 -0.54
C LYS A 492 50.38 -23.49 0.84
N LYS A 493 51.06 -24.15 1.76
CA LYS A 493 50.45 -24.55 3.06
C LYS A 493 50.06 -23.31 3.88
N LEU A 494 50.95 -22.35 4.03
CA LEU A 494 50.77 -21.23 4.97
C LEU A 494 49.77 -20.21 4.38
N LEU A 495 49.40 -20.37 3.11
CA LEU A 495 48.28 -19.62 2.47
C LEU A 495 46.96 -19.80 3.25
N SER A 496 46.81 -20.93 3.96
CA SER A 496 45.72 -21.15 4.95
C SER A 496 45.60 -19.99 5.93
N ILE A 497 46.72 -19.41 6.35
CA ILE A 497 46.71 -18.28 7.32
C ILE A 497 46.77 -16.96 6.51
N PHE A 498 47.71 -16.88 5.57
CA PHE A 498 48.00 -15.62 4.84
C PHE A 498 46.74 -15.24 4.04
N THR A 499 46.11 -16.19 3.39
CA THR A 499 44.97 -15.91 2.48
C THR A 499 43.70 -15.81 3.34
N ASP A 500 43.37 -16.87 4.08
CA ASP A 500 42.03 -17.00 4.69
C ASP A 500 41.91 -16.06 5.88
N VAL A 501 42.99 -15.87 6.67
CA VAL A 501 42.91 -14.97 7.85
C VAL A 501 43.39 -13.56 7.47
N PHE A 502 44.59 -13.44 6.91
CA PHE A 502 45.25 -12.12 6.72
C PHE A 502 44.50 -11.36 5.63
N ASP A 503 44.52 -11.88 4.41
CA ASP A 503 44.03 -11.15 3.22
C ASP A 503 42.49 -11.12 3.19
N CYS A 504 41.80 -12.13 3.75
CA CYS A 504 40.33 -12.28 3.57
C CYS A 504 39.53 -11.82 4.80
N PHE A 505 40.20 -11.40 5.89
CA PHE A 505 39.55 -10.97 7.15
C PHE A 505 40.31 -9.81 7.82
N PHE A 506 41.51 -10.03 8.33
CA PHE A 506 42.25 -8.97 9.08
C PHE A 506 42.43 -7.74 8.18
N ARG A 507 42.68 -7.95 6.88
CA ARG A 507 42.76 -6.86 5.89
C ARG A 507 41.60 -5.87 6.13
N PHE A 508 40.39 -6.41 6.26
CA PHE A 508 39.12 -5.64 6.40
C PHE A 508 39.09 -5.05 7.81
N LEU A 509 39.46 -5.84 8.81
CA LEU A 509 39.26 -5.43 10.22
C LEU A 509 40.22 -4.27 10.54
N ALA A 510 41.48 -4.36 10.13
CA ALA A 510 42.55 -3.35 10.31
C ALA A 510 42.23 -2.06 9.54
N ALA A 511 41.63 -2.16 8.37
CA ALA A 511 41.21 -1.00 7.55
C ALA A 511 39.99 -0.36 8.21
N ASN A 512 38.98 -1.11 8.63
CA ASN A 512 37.78 -0.47 9.23
C ASN A 512 38.24 0.30 10.44
N LEU A 513 38.99 -0.34 11.33
CA LEU A 513 39.51 0.26 12.57
C LEU A 513 40.37 1.48 12.23
N ALA A 514 41.25 1.43 11.25
CA ALA A 514 42.10 2.61 10.96
C ALA A 514 41.24 3.76 10.41
N GLU A 515 40.31 3.47 9.51
CA GLU A 515 39.57 4.53 8.76
C GLU A 515 38.69 5.26 9.77
N GLU A 516 38.16 4.57 10.77
CA GLU A 516 37.34 5.24 11.80
C GLU A 516 38.20 6.00 12.83
N GLY A 517 39.53 5.90 12.78
CA GLY A 517 40.45 6.65 13.66
C GLY A 517 40.63 5.97 15.02
N ILE A 518 40.32 4.68 15.10
CA ILE A 518 40.28 3.95 16.41
C ILE A 518 41.69 3.50 16.78
N VAL A 519 42.41 2.91 15.83
CA VAL A 519 43.80 2.41 16.03
C VAL A 519 44.46 2.27 14.66
N THR A 520 45.74 2.62 14.59
CA THR A 520 46.56 2.64 13.36
C THR A 520 46.78 1.20 12.86
N GLU A 521 47.08 1.08 11.58
CA GLU A 521 47.46 -0.23 10.98
C GLU A 521 48.73 -0.74 11.66
N ASP A 522 49.69 0.15 11.95
CA ASP A 522 51.03 -0.25 12.46
C ASP A 522 50.79 -1.00 13.78
N ALA A 523 49.95 -0.46 14.67
CA ALA A 523 49.63 -1.01 16.01
C ALA A 523 48.72 -2.24 15.85
N PHE A 524 47.77 -2.21 14.92
CA PHE A 524 47.01 -3.42 14.59
C PHE A 524 48.01 -4.56 14.31
N TRP A 525 48.86 -4.42 13.28
CA TRP A 525 49.77 -5.50 12.83
C TRP A 525 50.90 -5.80 13.84
N ARG A 526 51.35 -4.79 14.59
CA ARG A 526 52.21 -4.96 15.78
C ARG A 526 51.61 -6.00 16.74
N THR A 527 50.37 -5.80 17.17
CA THR A 527 49.66 -6.73 18.06
C THR A 527 49.66 -8.17 17.50
N VAL A 528 49.27 -8.32 16.22
CA VAL A 528 49.26 -9.64 15.52
C VAL A 528 50.67 -10.24 15.63
N ALA A 529 51.69 -9.44 15.40
CA ALA A 529 53.08 -9.92 15.42
C ALA A 529 53.42 -10.30 16.86
N GLU A 530 53.01 -9.52 17.86
CA GLU A 530 53.33 -9.89 19.26
C GLU A 530 52.74 -11.26 19.58
N VAL A 531 51.49 -11.47 19.25
CA VAL A 531 50.72 -12.70 19.62
C VAL A 531 51.27 -13.92 18.88
N THR A 532 51.77 -13.69 17.67
CA THR A 532 52.41 -14.71 16.83
C THR A 532 53.70 -15.14 17.55
N ARG A 533 54.55 -14.17 17.90
CA ARG A 533 55.88 -14.36 18.57
C ARG A 533 55.71 -15.03 19.93
N GLU A 534 54.70 -14.60 20.70
CA GLU A 534 54.40 -15.12 22.06
C GLU A 534 53.90 -16.55 21.91
N TYR A 535 53.18 -16.86 20.85
CA TYR A 535 52.75 -18.26 20.64
C TYR A 535 54.00 -19.12 20.39
N GLN A 536 54.81 -18.70 19.43
CA GLN A 536 56.04 -19.43 19.01
C GLN A 536 57.00 -19.59 20.20
N GLU A 537 57.22 -18.57 21.01
CA GLU A 537 58.08 -18.67 22.22
C GLU A 537 57.58 -19.78 23.14
N SER A 538 56.25 -19.91 23.34
CA SER A 538 55.61 -20.81 24.34
C SER A 538 55.72 -22.29 23.91
N VAL A 539 56.22 -22.55 22.70
CA VAL A 539 56.25 -23.92 22.10
C VAL A 539 57.56 -24.10 21.31
N PRO A 540 58.73 -24.07 22.00
CA PRO A 540 60.04 -24.11 21.34
C PRO A 540 60.42 -25.39 20.57
N GLU A 541 59.69 -26.49 20.75
CA GLU A 541 60.02 -27.82 20.15
C GLU A 541 59.63 -27.81 18.68
N LEU A 542 58.90 -26.79 18.25
CA LEU A 542 58.41 -26.64 16.86
C LEU A 542 59.19 -25.52 16.19
N ALA A 543 60.33 -25.12 16.76
CA ALA A 543 61.15 -23.98 16.30
C ALA A 543 61.51 -24.21 14.82
N ASP A 544 61.69 -25.47 14.42
CA ASP A 544 62.17 -25.85 13.07
C ASP A 544 61.00 -25.76 12.06
N LYS A 545 59.77 -26.02 12.49
CA LYS A 545 58.57 -25.87 11.63
C LYS A 545 58.27 -24.38 11.45
N PHE A 546 58.59 -23.58 12.47
CA PHE A 546 58.44 -22.10 12.50
C PHE A 546 59.40 -21.43 11.50
N GLU A 547 60.64 -21.92 11.35
CA GLU A 547 61.57 -21.39 10.33
C GLU A 547 61.17 -21.94 8.93
N ARG A 548 60.65 -23.17 8.80
CA ARG A 548 60.23 -23.76 7.49
C ARG A 548 58.96 -23.05 6.98
N TYR A 549 57.96 -22.88 7.83
CA TYR A 549 56.72 -22.14 7.47
C TYR A 549 56.79 -20.79 8.18
N ASP A 550 57.41 -19.80 7.54
CA ASP A 550 57.79 -18.49 8.14
C ASP A 550 56.59 -17.53 8.07
N MET A 551 55.93 -17.27 9.22
CA MET A 551 54.84 -16.27 9.39
C MET A 551 55.33 -14.84 9.14
N PHE A 552 56.66 -14.57 9.22
CA PHE A 552 57.28 -13.24 9.06
C PHE A 552 58.09 -13.12 7.75
N ALA A 553 57.76 -13.95 6.76
CA ALA A 553 58.39 -13.92 5.41
C ALA A 553 58.07 -12.57 4.78
N PRO A 554 58.97 -12.00 3.94
CA PRO A 554 58.74 -10.70 3.30
C PRO A 554 57.39 -10.63 2.56
N GLU A 555 56.99 -11.74 1.94
CA GLU A 555 55.91 -11.76 0.94
C GLU A 555 55.23 -13.13 0.92
N PHE A 556 53.97 -13.17 0.50
CA PHE A 556 53.24 -14.41 0.09
C PHE A 556 52.35 -14.11 -1.14
N ALA A 557 51.90 -15.16 -1.82
CA ALA A 557 51.12 -15.03 -3.07
C ALA A 557 49.78 -14.32 -2.80
N LEU A 558 49.39 -13.45 -3.72
CA LEU A 558 48.03 -12.89 -3.75
C LEU A 558 47.14 -13.98 -4.33
N SER A 559 46.20 -14.45 -3.52
CA SER A 559 45.22 -15.47 -3.93
C SER A 559 43.88 -14.77 -4.19
N CYS A 560 43.38 -14.81 -5.42
CA CYS A 560 42.20 -14.03 -5.85
C CYS A 560 40.92 -14.84 -5.67
N LEU A 561 39.97 -14.34 -4.90
CA LEU A 561 38.69 -15.02 -4.65
C LEU A 561 37.71 -14.74 -5.79
N ASN A 562 37.48 -13.47 -6.16
CA ASN A 562 36.57 -13.04 -7.25
C ASN A 562 36.95 -13.74 -8.57
N ARG A 563 38.24 -13.85 -8.92
CA ARG A 563 38.67 -14.56 -10.15
C ARG A 563 38.06 -15.96 -10.25
N LEU A 564 37.86 -16.68 -9.16
CA LEU A 564 37.32 -18.06 -9.25
C LEU A 564 35.83 -18.00 -9.66
N GLN A 565 35.04 -17.19 -8.97
CA GLN A 565 33.61 -17.08 -9.26
C GLN A 565 33.40 -16.64 -10.71
N LEU A 566 34.24 -15.71 -11.20
CA LEU A 566 34.19 -15.14 -12.57
C LEU A 566 34.61 -16.19 -13.63
N ARG A 567 35.47 -17.13 -13.30
CA ARG A 567 35.95 -18.20 -14.22
C ARG A 567 34.82 -19.26 -14.29
N ASP A 568 34.08 -19.46 -13.20
CA ASP A 568 33.04 -20.53 -13.05
C ASP A 568 32.13 -20.18 -11.83
N ASN A 569 31.00 -19.50 -12.08
CA ASN A 569 30.08 -19.06 -10.98
C ASN A 569 29.25 -20.23 -10.41
N ARG A 570 29.30 -21.44 -10.99
CA ARG A 570 28.40 -22.57 -10.61
C ARG A 570 29.13 -23.59 -9.75
N GLN A 571 30.41 -23.85 -10.06
CA GLN A 571 31.33 -24.57 -9.16
C GLN A 571 32.72 -23.91 -9.24
N MET A 572 33.00 -22.94 -8.38
CA MET A 572 34.17 -22.02 -8.52
C MET A 572 35.45 -22.74 -8.12
N VAL A 573 35.35 -23.78 -7.29
CA VAL A 573 36.45 -24.76 -7.00
C VAL A 573 35.91 -26.11 -7.45
N ASP A 574 36.73 -26.88 -8.15
CA ASP A 574 36.30 -27.90 -9.16
C ASP A 574 36.77 -29.29 -8.68
N LEU A 575 36.35 -30.32 -9.45
CA LEU A 575 36.42 -31.79 -9.15
C LEU A 575 36.78 -32.01 -7.67
N ALA A 576 37.78 -32.86 -7.40
CA ALA A 576 38.30 -33.23 -6.06
C ALA A 576 39.67 -32.56 -5.83
N ASP A 577 40.03 -31.52 -6.60
CA ASP A 577 41.36 -30.85 -6.48
C ASP A 577 41.15 -29.34 -6.31
N PRO A 578 40.82 -28.86 -5.08
CA PRO A 578 40.90 -27.44 -4.71
C PRO A 578 42.23 -26.79 -5.15
N SER A 579 43.38 -27.25 -4.61
CA SER A 579 44.73 -27.03 -5.23
C SER A 579 44.66 -27.51 -6.69
N GLY A 580 44.25 -26.60 -7.58
CA GLY A 580 43.77 -26.88 -8.95
C GLY A 580 43.18 -25.62 -9.57
N ALA A 581 42.23 -24.97 -8.88
CA ALA A 581 41.52 -23.76 -9.37
C ALA A 581 42.10 -22.48 -8.75
N LEU A 582 43.06 -22.56 -7.81
CA LEU A 582 43.60 -21.34 -7.13
C LEU A 582 44.15 -20.39 -8.20
N GLN A 583 43.88 -19.09 -8.08
CA GLN A 583 44.45 -18.09 -9.01
C GLN A 583 45.41 -17.20 -8.20
N LEU A 584 46.71 -17.50 -8.33
CA LEU A 584 47.78 -16.73 -7.66
C LEU A 584 48.27 -15.69 -8.64
N VAL A 585 48.21 -14.40 -8.29
CA VAL A 585 48.72 -13.31 -9.19
C VAL A 585 49.72 -12.43 -8.41
N GLY A 586 51.01 -12.65 -8.65
CA GLY A 586 52.14 -12.04 -7.93
C GLY A 586 51.98 -12.19 -6.42
N THR A 587 52.47 -11.20 -5.68
CA THR A 587 52.65 -11.34 -4.20
C THR A 587 52.11 -10.11 -3.48
N LEU A 588 51.83 -10.29 -2.20
CA LEU A 588 51.52 -9.20 -1.23
C LEU A 588 52.71 -9.00 -0.29
N LYS A 589 52.94 -7.76 0.13
CA LYS A 589 53.85 -7.38 1.24
C LYS A 589 53.20 -7.91 2.53
N ASN A 590 53.83 -8.90 3.18
CA ASN A 590 53.36 -9.41 4.49
C ASN A 590 53.52 -8.29 5.52
N PRO A 591 52.46 -7.82 6.19
CA PRO A 591 52.64 -6.84 7.25
C PRO A 591 53.36 -7.37 8.51
N LEU A 592 53.50 -8.69 8.69
CA LEU A 592 54.39 -9.24 9.75
C LEU A 592 55.87 -9.23 9.32
N ALA A 593 56.25 -8.68 8.15
CA ALA A 593 57.63 -8.78 7.60
C ALA A 593 58.57 -8.01 8.54
N GLY A 594 59.75 -8.56 8.88
CA GLY A 594 60.76 -7.90 9.72
C GLY A 594 60.35 -7.79 11.19
N ARG A 595 59.47 -8.69 11.68
CA ARG A 595 59.05 -8.72 13.11
C ARG A 595 59.19 -10.16 13.62
N SER B 2 -34.92 18.18 27.34
CA SER B 2 -34.31 17.28 26.39
C SER B 2 -33.08 16.70 27.06
N LEU B 3 -31.93 16.98 26.45
CA LEU B 3 -30.79 16.08 26.25
C LEU B 3 -31.34 14.80 25.64
N ALA B 4 -32.16 14.04 26.36
CA ALA B 4 -32.64 12.73 25.86
C ALA B 4 -33.46 12.98 24.59
N ASP B 5 -34.31 14.00 24.59
CA ASP B 5 -35.24 14.27 23.46
C ASP B 5 -34.47 14.53 22.17
N ALA B 6 -33.39 15.31 22.23
CA ALA B 6 -32.55 15.65 21.05
C ALA B 6 -32.10 14.37 20.36
N VAL B 7 -31.95 13.24 21.06
CA VAL B 7 -31.42 11.99 20.42
C VAL B 7 -32.46 10.86 20.42
N ALA B 8 -33.72 11.13 20.73
CA ALA B 8 -34.77 10.09 20.83
C ALA B 8 -34.87 9.33 19.50
N HIS B 9 -34.48 9.93 18.37
CA HIS B 9 -34.60 9.24 17.05
C HIS B 9 -33.48 8.22 16.85
N LEU B 10 -32.36 8.29 17.57
CA LEU B 10 -31.22 7.35 17.48
C LEU B 10 -31.43 6.12 18.40
N THR B 11 -32.05 5.07 17.87
CA THR B 11 -32.39 3.79 18.56
C THR B 11 -31.82 2.65 17.72
N PRO B 12 -31.46 1.49 18.31
CA PRO B 12 -30.93 0.35 17.55
C PRO B 12 -31.75 -0.07 16.31
N GLU B 13 -33.06 -0.23 16.49
CA GLU B 13 -34.00 -0.70 15.44
C GLU B 13 -33.88 0.26 14.26
N ARG B 14 -33.93 1.55 14.58
CA ARG B 14 -33.96 2.60 13.53
C ARG B 14 -32.59 2.71 12.91
N TRP B 15 -31.50 2.57 13.70
CA TRP B 15 -30.09 2.62 13.25
C TRP B 15 -29.87 1.45 12.31
N GLU B 16 -30.37 0.28 12.69
CA GLU B 16 -30.26 -0.94 11.85
C GLU B 16 -30.90 -0.72 10.48
N GLU B 17 -32.11 -0.16 10.41
CA GLU B 17 -32.86 0.07 9.15
C GLU B 17 -32.09 1.13 8.32
N ALA B 18 -31.67 2.23 8.95
CA ALA B 18 -30.87 3.28 8.32
C ALA B 18 -29.63 2.69 7.61
N ASN B 19 -28.95 1.74 8.29
CA ASN B 19 -27.70 1.09 7.85
C ASN B 19 -28.06 0.14 6.71
N ARG B 20 -29.17 -0.58 6.80
CA ARG B 20 -29.57 -1.48 5.70
C ARG B 20 -29.89 -0.62 4.46
N LEU B 21 -30.60 0.50 4.60
CA LEU B 21 -30.99 1.32 3.43
C LEU B 21 -29.73 1.88 2.77
N LEU B 22 -28.76 2.35 3.56
CA LEU B 22 -27.59 3.09 3.00
C LEU B 22 -26.63 2.10 2.31
N VAL B 23 -26.31 1.00 2.98
CA VAL B 23 -25.51 -0.10 2.39
C VAL B 23 -26.18 -0.61 1.09
N ARG B 24 -27.51 -0.74 1.02
CA ARG B 24 -28.24 -1.15 -0.21
C ARG B 24 -27.87 -0.17 -1.34
N LYS B 25 -27.83 1.10 -1.01
CA LYS B 25 -27.57 2.19 -2.00
C LYS B 25 -26.08 2.19 -2.35
N ALA B 26 -25.22 1.95 -1.36
CA ALA B 26 -23.77 1.79 -1.57
C ALA B 26 -23.52 0.70 -2.63
N LEU B 27 -24.00 -0.54 -2.41
CA LEU B 27 -23.80 -1.64 -3.38
C LEU B 27 -24.31 -1.20 -4.78
N ALA B 28 -25.49 -0.62 -4.82
CA ALA B 28 -26.17 -0.26 -6.07
C ALA B 28 -25.33 0.76 -6.85
N GLU B 29 -24.98 1.89 -6.22
CA GLU B 29 -24.44 3.03 -6.91
C GLU B 29 -22.94 2.83 -7.13
N PHE B 30 -22.24 2.17 -6.23
CA PHE B 30 -20.78 1.93 -6.38
C PHE B 30 -20.60 0.83 -7.44
N THR B 31 -21.62 0.00 -7.66
CA THR B 31 -21.64 -0.94 -8.79
C THR B 31 -21.94 -0.17 -10.07
N HIS B 32 -22.93 0.73 -10.05
CA HIS B 32 -23.23 1.54 -11.24
C HIS B 32 -21.94 2.23 -11.71
N GLU B 33 -21.14 2.75 -10.76
CA GLU B 33 -19.94 3.56 -11.07
C GLU B 33 -18.70 2.67 -11.25
N ARG B 34 -18.86 1.35 -11.19
CA ARG B 34 -17.82 0.33 -11.50
C ARG B 34 -16.65 0.38 -10.51
N LEU B 35 -16.88 0.90 -9.32
CA LEU B 35 -15.98 0.70 -8.16
C LEU B 35 -16.14 -0.76 -7.66
N LEU B 36 -17.34 -1.33 -7.77
CA LEU B 36 -17.67 -2.72 -7.38
C LEU B 36 -18.00 -3.52 -8.64
N THR B 37 -17.58 -4.78 -8.72
CA THR B 37 -17.98 -5.79 -9.74
C THR B 37 -18.52 -7.01 -9.00
N PRO B 38 -19.82 -7.03 -8.64
CA PRO B 38 -20.42 -8.18 -7.97
C PRO B 38 -20.20 -9.46 -8.80
N GLU B 39 -19.85 -10.59 -8.19
CA GLU B 39 -19.81 -11.92 -8.88
C GLU B 39 -21.17 -12.63 -8.71
N ARG B 40 -21.72 -13.25 -9.76
CA ARG B 40 -22.90 -14.15 -9.69
C ARG B 40 -22.61 -15.32 -8.75
N GLU B 41 -23.55 -15.68 -7.86
CA GLU B 41 -23.64 -17.05 -7.27
C GLU B 41 -24.78 -17.77 -7.98
N PRO B 42 -24.76 -19.13 -8.05
CA PRO B 42 -25.50 -19.84 -9.10
C PRO B 42 -27.04 -19.74 -8.89
N ASP B 43 -27.49 -19.88 -7.63
CA ASP B 43 -28.86 -19.62 -7.06
C ASP B 43 -29.72 -20.89 -7.03
N ASP B 44 -29.53 -21.81 -8.00
CA ASP B 44 -30.17 -23.16 -8.13
C ASP B 44 -31.44 -23.07 -9.02
N GLY B 45 -31.77 -21.89 -9.56
CA GLY B 45 -32.87 -21.67 -10.53
C GLY B 45 -33.09 -20.17 -10.81
N GLY B 46 -32.77 -19.70 -12.02
CA GLY B 46 -32.53 -18.26 -12.30
C GLY B 46 -31.20 -17.81 -11.69
N GLY B 47 -30.83 -16.52 -11.81
CA GLY B 47 -29.44 -16.06 -11.52
C GLY B 47 -29.36 -14.80 -10.67
N GLN B 48 -30.28 -14.67 -9.71
CA GLN B 48 -30.74 -13.42 -9.04
C GLN B 48 -29.72 -12.96 -7.96
N THR B 49 -28.77 -13.83 -7.49
CA THR B 49 -27.87 -13.64 -6.30
C THR B 49 -26.41 -13.29 -6.61
N TYR B 50 -25.84 -12.31 -5.86
CA TYR B 50 -24.47 -11.77 -6.06
C TYR B 50 -23.68 -11.58 -4.78
N VAL B 51 -22.36 -11.66 -4.91
CA VAL B 51 -21.39 -11.35 -3.81
C VAL B 51 -20.48 -10.19 -4.24
N VAL B 52 -20.13 -9.32 -3.28
CA VAL B 52 -19.06 -8.28 -3.30
C VAL B 52 -18.18 -8.52 -2.07
N ARG B 53 -16.89 -8.73 -2.29
CA ARG B 53 -15.94 -8.99 -1.18
C ARG B 53 -15.16 -7.70 -0.85
N SER B 54 -14.58 -7.69 0.35
CA SER B 54 -13.82 -6.56 0.95
C SER B 54 -12.43 -6.55 0.34
N ASP B 55 -11.71 -5.44 0.55
CA ASP B 55 -10.30 -5.28 0.11
C ASP B 55 -9.54 -6.55 0.49
N ASP B 56 -9.58 -6.95 1.76
CA ASP B 56 -8.74 -8.06 2.29
C ASP B 56 -9.30 -9.45 1.94
N GLY B 57 -10.53 -9.55 1.40
CA GLY B 57 -11.12 -10.79 0.84
C GLY B 57 -11.92 -11.62 1.85
N GLN B 58 -11.93 -11.15 3.10
CA GLN B 58 -12.39 -11.89 4.31
C GLN B 58 -13.84 -11.54 4.69
N THR B 59 -14.39 -10.41 4.28
CA THR B 59 -15.83 -10.08 4.49
C THR B 59 -16.57 -10.08 3.15
N ALA B 60 -17.73 -10.74 3.06
CA ALA B 60 -18.55 -10.85 1.83
C ALA B 60 -19.92 -10.23 2.07
N TYR B 61 -20.39 -9.39 1.15
CA TYR B 61 -21.78 -8.85 1.09
C TYR B 61 -22.54 -9.63 0.02
N ARG B 62 -23.57 -10.34 0.42
CA ARG B 62 -24.46 -11.08 -0.52
C ARG B 62 -25.77 -10.30 -0.65
N PHE B 63 -26.37 -10.33 -1.84
CA PHE B 63 -27.67 -9.70 -2.13
C PHE B 63 -28.26 -10.28 -3.40
N THR B 64 -29.55 -10.02 -3.60
CA THR B 64 -30.29 -10.18 -4.88
C THR B 64 -30.44 -8.79 -5.50
N ALA B 65 -30.45 -8.70 -6.82
CA ALA B 65 -30.63 -7.44 -7.58
C ALA B 65 -31.24 -7.78 -8.94
N THR B 66 -32.09 -6.91 -9.45
CA THR B 66 -32.54 -6.89 -10.87
C THR B 66 -31.65 -5.88 -11.58
N VAL B 67 -31.01 -6.23 -12.68
CA VAL B 67 -30.17 -5.26 -13.43
C VAL B 67 -30.98 -4.71 -14.62
N ARG B 68 -31.17 -3.39 -14.61
CA ARG B 68 -32.10 -2.67 -15.53
C ARG B 68 -31.23 -1.80 -16.43
N ALA B 69 -31.83 -1.20 -17.43
CA ALA B 69 -31.17 -0.29 -18.39
C ALA B 69 -30.32 0.76 -17.67
N LEU B 70 -29.23 1.15 -18.31
CA LEU B 70 -28.26 2.19 -17.82
C LEU B 70 -27.53 1.57 -16.65
N ASP B 71 -27.36 0.24 -16.68
CA ASP B 71 -26.55 -0.45 -15.66
C ASP B 71 -27.05 -0.08 -14.27
N HIS B 72 -28.36 -0.12 -14.11
CA HIS B 72 -29.03 0.17 -12.83
C HIS B 72 -29.20 -1.12 -12.04
N TRP B 73 -28.52 -1.23 -10.91
CA TRP B 73 -28.61 -2.40 -10.02
C TRP B 73 -29.69 -2.13 -8.96
N GLN B 74 -30.84 -2.79 -9.10
CA GLN B 74 -31.95 -2.71 -8.13
C GLN B 74 -31.66 -3.70 -7.01
N VAL B 75 -30.72 -3.36 -6.13
CA VAL B 75 -30.31 -4.19 -4.97
C VAL B 75 -31.49 -4.18 -3.99
N ASP B 76 -32.02 -5.37 -3.67
CA ASP B 76 -33.15 -5.54 -2.70
C ASP B 76 -32.58 -5.42 -1.29
N ALA B 77 -33.04 -4.41 -0.54
CA ALA B 77 -32.62 -4.07 0.83
C ALA B 77 -32.71 -5.25 1.78
N ALA B 78 -33.85 -5.96 1.76
CA ALA B 78 -34.11 -7.14 2.64
C ALA B 78 -33.08 -8.24 2.41
N SER B 79 -32.43 -8.30 1.24
CA SER B 79 -31.58 -9.45 0.81
C SER B 79 -30.13 -9.30 1.29
N VAL B 80 -29.71 -8.10 1.66
CA VAL B 80 -28.29 -7.81 2.00
C VAL B 80 -27.94 -8.52 3.31
N THR B 81 -27.02 -9.48 3.29
CA THR B 81 -26.36 -10.09 4.46
C THR B 81 -24.85 -9.82 4.43
N ARG B 82 -24.19 -9.95 5.57
CA ARG B 82 -22.71 -9.79 5.68
C ARG B 82 -22.10 -11.00 6.37
N HIS B 83 -21.03 -11.57 5.80
CA HIS B 83 -20.36 -12.79 6.32
C HIS B 83 -18.85 -12.56 6.46
N ARG B 84 -18.23 -13.22 7.44
CA ARG B 84 -16.75 -13.39 7.58
C ARG B 84 -16.47 -14.66 8.40
N ASP B 85 -15.60 -15.55 7.93
CA ASP B 85 -15.15 -16.76 8.69
C ASP B 85 -16.36 -17.58 9.13
N GLY B 86 -17.31 -17.84 8.21
CA GLY B 86 -18.48 -18.70 8.44
C GLY B 86 -19.64 -18.01 9.14
N ALA B 87 -19.51 -16.76 9.62
CA ALA B 87 -20.43 -16.11 10.60
C ALA B 87 -21.18 -14.90 9.98
N GLU B 88 -22.48 -14.77 10.22
CA GLU B 88 -23.29 -13.63 9.71
C GLU B 88 -23.08 -12.47 10.70
N LEU B 89 -22.75 -11.25 10.22
CA LEU B 89 -22.48 -10.03 11.05
C LEU B 89 -23.50 -8.95 10.70
N PRO B 90 -23.75 -8.01 11.66
CA PRO B 90 -24.70 -6.95 11.44
C PRO B 90 -24.24 -6.10 10.25
N LEU B 91 -25.20 -5.53 9.54
CA LEU B 91 -24.96 -4.62 8.43
C LEU B 91 -24.56 -3.29 9.04
N ALA B 92 -23.40 -2.76 8.68
CA ALA B 92 -22.85 -1.57 9.38
C ALA B 92 -22.12 -0.69 8.36
N ALA B 93 -22.74 0.41 7.96
CA ALA B 93 -22.20 1.31 6.91
C ALA B 93 -20.76 1.71 7.28
N LEU B 94 -20.46 2.07 8.52
CA LEU B 94 -19.08 2.49 8.86
C LEU B 94 -18.12 1.34 8.52
N ASP B 95 -18.48 0.11 8.84
CA ASP B 95 -17.62 -1.08 8.59
C ASP B 95 -17.49 -1.35 7.08
N PHE B 96 -18.51 -1.03 6.31
CA PHE B 96 -18.53 -1.18 4.83
C PHE B 96 -17.44 -0.35 4.18
N PHE B 97 -17.35 0.90 4.63
CA PHE B 97 -16.42 1.92 4.09
C PHE B 97 -14.99 1.61 4.50
N ILE B 98 -14.77 1.13 5.72
CA ILE B 98 -13.42 0.73 6.18
C ILE B 98 -12.95 -0.46 5.35
N GLU B 99 -13.80 -1.46 5.17
CA GLU B 99 -13.44 -2.77 4.56
C GLU B 99 -13.16 -2.58 3.06
N LEU B 100 -13.78 -1.55 2.44
CA LEU B 100 -13.77 -1.28 0.97
C LEU B 100 -13.03 0.05 0.67
N LYS B 101 -12.30 0.57 1.66
CA LYS B 101 -11.43 1.78 1.60
C LYS B 101 -10.65 1.86 0.27
N GLN B 102 -9.79 0.88 -0.03
CA GLN B 102 -8.84 0.92 -1.17
C GLN B 102 -9.63 0.75 -2.47
N THR B 103 -10.52 -0.26 -2.55
CA THR B 103 -11.52 -0.48 -3.63
C THR B 103 -12.31 0.79 -3.99
N LEU B 104 -12.77 1.58 -3.01
CA LEU B 104 -13.54 2.79 -3.32
C LEU B 104 -12.59 3.98 -3.57
N GLY B 105 -11.29 3.86 -3.29
CA GLY B 105 -10.33 4.95 -3.51
C GLY B 105 -10.50 6.06 -2.48
N LEU B 106 -10.93 5.73 -1.26
CA LEU B 106 -10.98 6.70 -0.15
C LEU B 106 -9.56 6.90 0.40
N SER B 107 -9.02 8.13 0.36
CA SER B 107 -7.66 8.50 0.86
C SER B 107 -7.67 8.35 2.38
N ASP B 108 -6.49 8.22 2.99
CA ASP B 108 -6.33 8.26 4.47
C ASP B 108 -6.94 9.55 5.04
N GLU B 109 -6.86 10.68 4.31
CA GLU B 109 -7.26 12.02 4.79
C GLU B 109 -8.78 12.11 4.73
N ILE B 110 -9.43 11.54 3.72
CA ILE B 110 -10.88 11.75 3.50
C ILE B 110 -11.65 10.76 4.39
N LEU B 111 -11.21 9.51 4.47
CA LEU B 111 -12.04 8.42 5.05
C LEU B 111 -12.69 8.92 6.35
N PRO B 112 -11.94 9.36 7.39
CA PRO B 112 -12.56 9.81 8.65
C PRO B 112 -13.63 10.89 8.49
N VAL B 113 -13.52 11.79 7.51
CA VAL B 113 -14.49 12.91 7.38
C VAL B 113 -15.72 12.36 6.62
N TYR B 114 -15.47 11.47 5.67
CA TYR B 114 -16.53 10.83 4.89
C TYR B 114 -17.44 10.01 5.84
N LEU B 115 -16.81 9.28 6.76
CA LEU B 115 -17.55 8.53 7.79
C LEU B 115 -18.48 9.44 8.62
N GLU B 116 -18.07 10.68 8.87
CA GLU B 116 -18.91 11.63 9.63
C GLU B 116 -20.13 11.96 8.79
N GLU B 117 -19.93 12.17 7.50
CA GLU B 117 -21.02 12.47 6.54
C GLU B 117 -21.98 11.27 6.48
N ILE B 118 -21.42 10.07 6.49
CA ILE B 118 -22.22 8.82 6.52
C ILE B 118 -23.00 8.77 7.85
N SER B 119 -22.32 9.01 8.97
CA SER B 119 -22.92 8.96 10.33
C SER B 119 -24.12 9.91 10.38
N SER B 120 -23.97 11.03 9.71
CA SER B 120 -24.91 12.18 9.75
C SER B 120 -26.11 11.87 8.84
N THR B 121 -25.85 11.34 7.63
CA THR B 121 -26.89 10.80 6.70
C THR B 121 -27.74 9.74 7.42
N LEU B 122 -27.13 8.75 8.06
CA LEU B 122 -27.85 7.72 8.85
C LEU B 122 -28.75 8.35 9.93
N SER B 123 -28.21 9.31 10.68
CA SER B 123 -28.93 10.08 11.73
C SER B 123 -30.19 10.66 11.16
N GLY B 124 -30.04 11.30 10.01
CA GLY B 124 -31.19 11.90 9.32
C GLY B 124 -32.23 10.84 9.00
N THR B 125 -31.82 9.67 8.47
CA THR B 125 -32.72 8.53 8.19
C THR B 125 -33.44 8.16 9.48
N CYS B 126 -32.74 8.06 10.63
CA CYS B 126 -33.33 7.69 11.94
C CYS B 126 -34.39 8.72 12.33
N TYR B 127 -34.10 10.00 12.18
CA TYR B 127 -35.09 11.09 12.33
C TYR B 127 -36.27 10.91 11.38
N LYS B 128 -36.02 10.64 10.11
CA LYS B 128 -37.09 10.53 9.08
C LYS B 128 -37.94 9.27 9.37
N LEU B 129 -37.39 8.26 10.02
CA LEU B 129 -38.18 7.06 10.44
C LEU B 129 -39.12 7.31 11.64
N THR B 130 -38.96 8.40 12.39
CA THR B 130 -39.77 8.69 13.60
C THR B 130 -40.92 9.62 13.28
N LYS B 131 -40.98 10.21 12.10
CA LYS B 131 -42.08 11.11 11.68
C LYS B 131 -43.30 10.29 11.25
N PRO B 132 -44.49 10.91 11.21
CA PRO B 132 -45.68 10.20 10.75
C PRO B 132 -45.34 9.65 9.35
N GLN B 133 -45.59 8.36 9.11
CA GLN B 133 -45.12 7.56 7.95
C GLN B 133 -46.21 7.59 6.88
N LEU B 134 -46.28 8.65 6.07
CA LEU B 134 -47.28 8.90 4.99
C LEU B 134 -46.93 8.11 3.73
N SER B 135 -47.97 7.49 3.18
CA SER B 135 -47.96 6.75 1.90
C SER B 135 -47.81 7.77 0.79
N SER B 136 -47.29 7.31 -0.34
CA SER B 136 -47.14 8.11 -1.58
C SER B 136 -48.52 8.65 -1.96
N ALA B 137 -49.57 7.83 -1.84
CA ALA B 137 -50.98 8.20 -2.11
C ALA B 137 -51.43 9.33 -1.15
N GLU B 138 -51.16 9.27 0.14
CA GLU B 138 -51.62 10.32 1.09
C GLU B 138 -51.02 11.68 0.66
N LEU B 139 -49.73 11.70 0.39
CA LEU B 139 -48.92 12.91 0.06
C LEU B 139 -49.34 13.48 -1.32
N ALA B 140 -49.55 12.63 -2.32
CA ALA B 140 -50.14 12.99 -3.63
C ALA B 140 -51.49 13.69 -3.44
N ARG B 141 -52.38 13.08 -2.68
CA ARG B 141 -53.77 13.57 -2.39
C ARG B 141 -53.76 14.97 -1.73
N SER B 142 -52.78 15.28 -0.88
CA SER B 142 -52.77 16.48 -0.01
C SER B 142 -52.67 17.77 -0.84
N GLY B 143 -52.04 17.76 -2.02
CA GLY B 143 -51.84 19.01 -2.78
C GLY B 143 -51.01 20.04 -2.03
N ASP B 144 -50.24 19.61 -1.03
CA ASP B 144 -49.51 20.53 -0.13
C ASP B 144 -48.02 20.51 -0.57
N PHE B 145 -47.65 21.55 -1.30
CA PHE B 145 -46.29 21.81 -1.85
C PHE B 145 -45.24 21.57 -0.78
N GLN B 146 -45.45 22.11 0.42
CA GLN B 146 -44.41 22.10 1.49
C GLN B 146 -44.46 20.77 2.23
N ALA B 147 -45.61 20.12 2.25
CA ALA B 147 -45.74 18.77 2.85
C ALA B 147 -44.96 17.79 1.95
N VAL B 148 -44.99 18.00 0.64
CA VAL B 148 -44.16 17.21 -0.31
C VAL B 148 -42.67 17.54 -0.11
N GLU B 149 -42.34 18.82 0.04
CA GLU B 149 -40.93 19.29 0.06
C GLU B 149 -40.19 18.75 1.28
N THR B 150 -40.84 18.80 2.45
CA THR B 150 -40.27 18.44 3.76
C THR B 150 -40.50 16.95 4.04
N GLY B 151 -41.35 16.31 3.20
CA GLY B 151 -41.69 14.88 3.24
C GLY B 151 -40.82 14.04 2.32
N MET B 152 -39.97 14.66 1.50
CA MET B 152 -38.95 13.91 0.73
C MET B 152 -37.97 13.28 1.72
N THR B 153 -37.50 12.06 1.44
CA THR B 153 -36.56 11.31 2.34
C THR B 153 -35.21 11.03 1.67
N GLU B 154 -35.17 10.84 0.35
CA GLU B 154 -33.97 10.30 -0.34
C GLU B 154 -32.85 11.34 -0.34
N GLY B 155 -33.14 12.58 -0.68
CA GLY B 155 -32.10 13.45 -1.27
C GLY B 155 -31.60 12.89 -2.61
N HIS B 156 -30.49 13.39 -3.10
CA HIS B 156 -29.93 13.03 -4.43
C HIS B 156 -29.89 11.50 -4.57
N PRO B 157 -30.49 10.97 -5.65
CA PRO B 157 -30.65 9.53 -5.80
C PRO B 157 -29.31 8.83 -6.10
N CYS B 158 -28.26 9.55 -6.47
CA CYS B 158 -26.94 8.94 -6.83
C CYS B 158 -25.96 8.93 -5.64
N PHE B 159 -25.75 10.10 -5.03
CA PHE B 159 -24.72 10.31 -3.99
C PHE B 159 -25.15 9.55 -2.74
N VAL B 160 -24.29 8.69 -2.22
CA VAL B 160 -24.58 7.90 -0.98
C VAL B 160 -24.55 8.84 0.25
N ALA B 161 -23.42 9.55 0.42
CA ALA B 161 -23.13 10.52 1.51
C ALA B 161 -23.73 11.87 1.13
N ASN B 162 -25.04 11.89 0.94
CA ASN B 162 -25.77 13.00 0.26
C ASN B 162 -26.41 13.98 1.25
N ASN B 163 -26.57 13.58 2.53
CA ASN B 163 -27.30 14.40 3.52
C ASN B 163 -26.45 14.60 4.82
N GLY B 164 -25.18 14.99 4.67
CA GLY B 164 -24.21 15.25 5.76
C GLY B 164 -24.59 16.46 6.63
N ARG B 165 -24.81 17.61 6.02
CA ARG B 165 -25.07 18.87 6.75
C ARG B 165 -23.97 19.06 7.82
N LEU B 166 -22.71 18.82 7.48
CA LEU B 166 -21.60 18.82 8.48
C LEU B 166 -21.30 20.23 8.97
N GLY B 167 -21.36 20.43 10.29
CA GLY B 167 -21.35 21.76 10.94
C GLY B 167 -22.59 21.96 11.82
N PHE B 168 -23.71 21.30 11.47
CA PHE B 168 -24.91 21.22 12.32
C PHE B 168 -24.57 20.27 13.49
N GLY B 169 -24.71 20.78 14.72
CA GLY B 169 -24.80 19.95 15.91
C GLY B 169 -26.23 19.48 16.01
N ILE B 170 -26.50 18.53 16.88
CA ILE B 170 -27.82 17.83 16.83
C ILE B 170 -28.98 18.83 17.03
N HIS B 171 -28.86 19.78 17.96
CA HIS B 171 -29.85 20.88 18.20
C HIS B 171 -30.14 21.66 16.90
N GLU B 172 -29.09 21.86 16.10
CA GLU B 172 -29.09 22.64 14.84
C GLU B 172 -29.78 21.78 13.80
N TYR B 173 -29.43 20.50 13.71
CA TYR B 173 -30.12 19.59 12.77
C TYR B 173 -31.63 19.76 12.97
N LEU B 174 -32.08 19.67 14.20
CA LEU B 174 -33.52 19.64 14.57
C LEU B 174 -34.16 20.99 14.28
N SER B 175 -33.38 22.06 14.20
CA SER B 175 -33.91 23.44 14.00
C SER B 175 -33.95 23.78 12.51
N TYR B 176 -33.03 23.21 11.73
CA TYR B 176 -32.71 23.77 10.40
C TYR B 176 -32.80 22.76 9.26
N ALA B 177 -32.72 21.47 9.50
CA ALA B 177 -32.74 20.48 8.39
C ALA B 177 -34.15 20.44 7.82
N PRO B 178 -34.29 20.46 6.47
CA PRO B 178 -35.60 20.53 5.82
C PRO B 178 -36.59 19.47 6.27
N GLU B 179 -36.11 18.24 6.47
CA GLU B 179 -36.97 17.11 6.86
C GLU B 179 -37.62 17.36 8.22
N THR B 180 -37.22 18.39 8.99
CA THR B 180 -37.88 18.74 10.27
C THR B 180 -39.15 19.56 10.05
N ALA B 181 -39.28 20.23 8.90
CA ALA B 181 -40.29 21.29 8.74
C ALA B 181 -40.22 22.23 9.97
N SER B 182 -39.05 22.53 10.54
CA SER B 182 -38.96 23.53 11.64
C SER B 182 -39.09 24.93 11.09
N PRO B 183 -40.05 25.73 11.57
CA PRO B 183 -40.08 27.13 11.22
C PRO B 183 -38.77 27.83 11.56
N VAL B 184 -38.25 28.57 10.58
CA VAL B 184 -37.01 29.38 10.75
C VAL B 184 -37.33 30.86 10.58
N ARG B 185 -36.80 31.67 11.49
CA ARG B 185 -36.82 33.14 11.31
C ARG B 185 -35.44 33.59 10.86
N LEU B 186 -35.37 34.37 9.78
CA LEU B 186 -34.09 34.86 9.24
C LEU B 186 -33.60 35.95 10.19
N VAL B 187 -32.29 35.99 10.38
CA VAL B 187 -31.64 37.15 11.03
C VAL B 187 -31.34 38.15 9.96
N TRP B 188 -31.57 39.43 10.24
CA TRP B 188 -31.39 40.54 9.30
C TRP B 188 -30.25 41.43 9.81
N LEU B 189 -29.35 41.74 8.87
CA LEU B 189 -28.17 42.63 9.09
C LEU B 189 -28.34 43.89 8.26
N ALA B 190 -27.90 45.02 8.79
CA ALA B 190 -27.54 46.22 8.01
C ALA B 190 -26.08 46.08 7.62
N ALA B 191 -25.75 46.14 6.33
CA ALA B 191 -24.36 46.03 5.82
C ALA B 191 -23.98 47.34 5.12
N HIS B 192 -22.90 47.95 5.59
CA HIS B 192 -22.43 49.30 5.17
C HIS B 192 -22.11 49.31 3.65
N ARG B 193 -22.45 50.37 2.92
CA ARG B 193 -22.43 50.43 1.43
C ARG B 193 -21.01 50.43 0.84
N SER B 194 -19.99 50.70 1.64
CA SER B 194 -18.58 50.62 1.19
C SER B 194 -18.21 49.16 0.96
N ARG B 195 -18.96 48.17 1.47
CA ARG B 195 -18.63 46.72 1.29
C ARG B 195 -19.82 45.89 0.81
N ALA B 196 -21.02 46.42 0.81
CA ALA B 196 -22.21 45.68 0.34
C ALA B 196 -22.77 46.41 -0.89
N ALA B 197 -23.33 45.63 -1.81
CA ALA B 197 -23.88 46.06 -3.11
C ALA B 197 -25.15 45.22 -3.37
N PHE B 198 -26.26 45.93 -3.61
CA PHE B 198 -27.55 45.32 -3.95
C PHE B 198 -27.72 45.39 -5.45
N THR B 199 -28.20 44.30 -6.07
CA THR B 199 -28.43 44.19 -7.53
C THR B 199 -29.89 43.78 -7.78
N ALA B 200 -30.50 44.39 -8.79
CA ALA B 200 -31.95 44.44 -9.06
C ALA B 200 -32.21 43.90 -10.46
N GLY B 201 -33.08 42.91 -10.59
CA GLY B 201 -33.62 42.53 -11.91
C GLY B 201 -34.55 43.60 -12.43
N VAL B 202 -34.96 43.49 -13.69
CA VAL B 202 -35.88 44.48 -14.32
C VAL B 202 -37.14 44.54 -13.44
N GLY B 203 -37.61 45.74 -13.10
CA GLY B 203 -38.91 45.96 -12.45
C GLY B 203 -38.75 46.02 -10.94
N ILE B 204 -37.54 45.80 -10.45
CA ILE B 204 -37.18 45.76 -9.02
C ILE B 204 -36.59 47.11 -8.63
N GLU B 205 -36.98 47.66 -7.50
CA GLU B 205 -36.22 48.82 -6.95
C GLU B 205 -36.16 48.66 -5.43
N TYR B 206 -35.00 49.04 -4.91
CA TYR B 206 -34.49 48.59 -3.60
C TYR B 206 -35.51 48.89 -2.50
N GLU B 207 -35.94 50.13 -2.36
CA GLU B 207 -36.75 50.57 -1.20
C GLU B 207 -38.16 49.93 -1.27
N SER B 208 -38.79 49.85 -2.43
CA SER B 208 -40.16 49.27 -2.47
C SER B 208 -40.04 47.74 -2.21
N PHE B 209 -39.01 47.13 -2.77
CA PHE B 209 -38.77 45.66 -2.73
C PHE B 209 -38.52 45.18 -1.30
N VAL B 210 -37.74 45.92 -0.56
CA VAL B 210 -37.46 45.60 0.86
C VAL B 210 -38.72 45.82 1.74
N ARG B 211 -39.52 46.84 1.47
CA ARG B 211 -40.82 47.04 2.18
C ARG B 211 -41.81 45.92 1.81
N ASP B 212 -41.87 45.49 0.56
CA ASP B 212 -42.74 44.36 0.17
C ASP B 212 -42.30 43.10 0.87
N GLU B 213 -41.02 42.94 1.15
CA GLU B 213 -40.52 41.64 1.67
C GLU B 213 -40.66 41.60 3.19
N LEU B 214 -40.43 42.74 3.87
CA LEU B 214 -40.37 42.78 5.35
C LEU B 214 -41.62 43.45 5.92
N GLY B 215 -42.34 44.23 5.14
CA GLY B 215 -43.40 45.13 5.62
C GLY B 215 -42.78 46.47 6.02
N ALA B 216 -43.45 47.57 5.71
CA ALA B 216 -42.98 48.93 6.01
C ALA B 216 -42.77 49.05 7.54
N ALA B 217 -43.58 48.35 8.34
CA ALA B 217 -43.43 48.37 9.81
C ALA B 217 -42.03 47.92 10.23
N THR B 218 -41.56 46.80 9.73
CA THR B 218 -40.26 46.21 10.15
C THR B 218 -39.07 47.06 9.65
N VAL B 219 -39.11 47.53 8.40
CA VAL B 219 -38.09 48.44 7.81
C VAL B 219 -37.96 49.68 8.71
N ASP B 220 -39.10 50.30 9.04
CA ASP B 220 -39.18 51.42 10.02
C ASP B 220 -38.49 51.02 11.33
N ARG B 221 -38.77 49.84 11.87
CA ARG B 221 -38.13 49.46 13.16
C ARG B 221 -36.62 49.28 12.95
N PHE B 222 -36.18 48.67 11.85
CA PHE B 222 -34.75 48.53 11.48
C PHE B 222 -34.09 49.91 11.36
N HIS B 223 -34.72 50.88 10.70
CA HIS B 223 -34.17 52.26 10.62
C HIS B 223 -34.03 52.78 12.05
N GLY B 224 -34.97 52.48 12.92
CA GLY B 224 -34.92 52.97 14.30
C GLY B 224 -33.73 52.39 15.01
N VAL B 225 -33.39 51.14 14.71
CA VAL B 225 -32.24 50.49 15.38
C VAL B 225 -30.98 51.25 14.98
N LEU B 226 -30.80 51.52 13.70
CA LEU B 226 -29.60 52.20 13.17
C LEU B 226 -29.49 53.60 13.77
N ARG B 227 -30.57 54.38 13.70
CA ARG B 227 -30.63 55.76 14.25
C ARG B 227 -30.30 55.77 15.75
N GLY B 228 -30.65 54.70 16.47
CA GLY B 228 -30.40 54.58 17.91
C GLY B 228 -28.92 54.38 18.26
N ARG B 229 -28.15 53.78 17.34
CA ARG B 229 -26.67 53.55 17.40
C ARG B 229 -25.96 54.77 16.79
N GLY B 230 -26.70 55.81 16.41
CA GLY B 230 -26.16 57.01 15.77
C GLY B 230 -25.81 56.82 14.30
N LEU B 231 -26.43 55.88 13.58
CA LEU B 231 -26.06 55.57 12.16
C LEU B 231 -27.20 56.00 11.24
N ASP B 232 -26.84 56.39 10.02
CA ASP B 232 -27.79 56.89 8.99
C ASP B 232 -28.18 55.69 8.16
N PRO B 233 -29.46 55.29 8.12
CA PRO B 233 -29.87 54.16 7.30
C PRO B 233 -29.57 54.24 5.81
N ALA B 234 -29.44 55.45 5.25
CA ALA B 234 -29.03 55.65 3.83
C ALA B 234 -27.66 54.97 3.62
N ASP B 235 -26.89 54.76 4.68
CA ASP B 235 -25.51 54.25 4.57
C ASP B 235 -25.52 52.74 4.45
N TYR B 236 -26.69 52.07 4.54
CA TYR B 236 -26.75 50.61 4.76
C TYR B 236 -27.74 49.89 3.82
N LEU B 237 -27.40 48.63 3.56
CA LEU B 237 -28.24 47.69 2.78
C LEU B 237 -28.64 46.58 3.72
N LEU B 238 -29.84 46.03 3.54
CA LEU B 238 -30.29 44.91 4.38
C LEU B 238 -29.83 43.58 3.75
N ILE B 239 -29.31 42.66 4.56
CA ILE B 239 -28.91 41.27 4.17
C ILE B 239 -29.58 40.32 5.16
N PRO B 240 -30.45 39.43 4.65
CA PRO B 240 -30.96 38.30 5.41
C PRO B 240 -29.90 37.20 5.46
N VAL B 241 -29.86 36.49 6.57
CA VAL B 241 -28.74 35.58 6.93
C VAL B 241 -29.34 34.38 7.63
N HIS B 242 -28.88 33.19 7.28
CA HIS B 242 -29.18 31.95 8.02
C HIS B 242 -28.73 32.13 9.48
N PRO B 243 -29.62 31.91 10.48
CA PRO B 243 -29.22 32.04 11.86
C PRO B 243 -27.94 31.24 12.19
N TRP B 244 -27.76 30.05 11.61
CA TRP B 244 -26.56 29.25 11.86
C TRP B 244 -25.34 30.11 11.49
N GLN B 245 -25.43 30.78 10.33
CA GLN B 245 -24.30 31.49 9.70
C GLN B 245 -24.00 32.65 10.62
N TRP B 246 -25.03 33.22 11.20
CA TRP B 246 -24.84 34.37 12.12
C TRP B 246 -24.14 33.90 13.39
N TRP B 247 -24.71 32.97 14.13
CA TRP B 247 -24.26 32.63 15.50
C TRP B 247 -22.89 31.92 15.48
N ASN B 248 -22.67 31.09 14.44
CA ASN B 248 -21.48 30.21 14.27
C ASN B 248 -20.40 30.90 13.43
N LYS B 249 -20.71 31.81 12.49
CA LYS B 249 -19.66 32.38 11.58
C LYS B 249 -19.55 33.91 11.63
N LEU B 250 -20.57 34.65 11.22
CA LEU B 250 -20.40 36.10 11.03
C LEU B 250 -19.94 36.71 12.34
N THR B 251 -20.41 36.16 13.47
CA THR B 251 -20.17 36.77 14.81
C THR B 251 -18.75 36.45 15.26
N VAL B 252 -18.06 35.55 14.60
CA VAL B 252 -16.67 35.21 14.98
C VAL B 252 -15.79 35.56 13.78
N THR B 253 -15.94 34.85 12.65
CA THR B 253 -15.13 35.14 11.42
C THR B 253 -15.23 36.64 11.07
N PHE B 254 -16.41 37.29 11.14
CA PHE B 254 -16.61 38.69 10.65
C PHE B 254 -16.78 39.62 11.84
N ALA B 255 -16.15 39.25 12.96
CA ALA B 255 -16.20 39.99 14.24
C ALA B 255 -15.74 41.44 14.07
N ALA B 256 -14.72 41.69 13.24
CA ALA B 256 -14.19 43.04 12.97
C ALA B 256 -15.33 43.88 12.34
N GLU B 257 -16.18 43.27 11.52
CA GLU B 257 -17.24 43.95 10.72
C GLU B 257 -18.38 44.37 11.67
N VAL B 258 -18.74 43.48 12.59
CA VAL B 258 -19.74 43.75 13.66
C VAL B 258 -19.22 44.88 14.56
N ALA B 259 -18.03 44.72 15.13
CA ALA B 259 -17.43 45.65 16.09
C ALA B 259 -17.29 47.06 15.49
N ARG B 260 -16.85 47.16 14.25
CA ARG B 260 -16.60 48.43 13.52
C ARG B 260 -17.92 49.03 13.04
N GLY B 261 -19.01 48.26 12.95
CA GLY B 261 -20.30 48.79 12.50
C GLY B 261 -20.44 48.73 10.99
N HIS B 262 -19.60 47.95 10.32
CA HIS B 262 -19.83 47.53 8.92
C HIS B 262 -21.04 46.58 8.91
N LEU B 263 -21.24 45.81 9.97
CA LEU B 263 -22.41 44.91 10.02
C LEU B 263 -23.08 45.23 11.33
N VAL B 264 -24.41 45.43 11.28
CA VAL B 264 -25.26 45.71 12.46
C VAL B 264 -26.44 44.74 12.47
N CYS B 265 -26.61 44.03 13.58
CA CYS B 265 -27.68 43.04 13.82
C CYS B 265 -28.97 43.79 14.02
N LEU B 266 -29.98 43.59 13.20
CA LEU B 266 -31.26 44.36 13.30
C LEU B 266 -32.32 43.61 14.12
N GLY B 267 -32.25 42.27 14.12
CA GLY B 267 -33.22 41.35 14.73
C GLY B 267 -33.71 40.27 13.78
N GLU B 268 -34.68 39.47 14.23
CA GLU B 268 -35.35 38.45 13.40
C GLU B 268 -36.43 39.15 12.59
N GLY B 269 -36.69 38.67 11.37
CA GLY B 269 -37.91 39.00 10.63
C GLY B 269 -39.07 38.23 11.25
N ASP B 270 -40.28 38.70 11.04
CA ASP B 270 -41.55 38.12 11.56
C ASP B 270 -41.86 36.80 10.84
N ASP B 271 -41.68 36.73 9.54
CA ASP B 271 -42.22 35.58 8.74
C ASP B 271 -41.47 34.30 9.09
N GLU B 272 -42.22 33.19 9.17
CA GLU B 272 -41.70 31.84 9.38
C GLU B 272 -41.40 31.26 7.99
N TYR B 273 -40.22 30.69 7.83
CA TYR B 273 -39.68 30.13 6.56
C TYR B 273 -39.40 28.64 6.78
N LEU B 274 -39.45 27.87 5.70
CA LEU B 274 -39.14 26.44 5.69
C LEU B 274 -37.88 26.27 4.83
N ALA B 275 -36.84 25.69 5.40
CA ALA B 275 -35.68 25.25 4.62
C ALA B 275 -36.18 24.32 3.51
N GLN B 276 -35.74 24.52 2.28
CA GLN B 276 -36.10 23.59 1.18
C GLN B 276 -35.05 22.50 1.11
N GLN B 277 -35.18 21.61 0.13
CA GLN B 277 -34.30 20.43 -0.05
C GLN B 277 -32.84 20.90 -0.16
N SER B 278 -32.62 22.12 -0.62
CA SER B 278 -31.25 22.69 -0.73
C SER B 278 -30.71 23.15 0.63
N ILE B 279 -31.52 23.19 1.69
CA ILE B 279 -31.10 23.44 3.10
C ILE B 279 -31.00 24.96 3.37
N ARG B 280 -30.34 25.67 2.48
CA ARG B 280 -30.03 27.11 2.72
C ARG B 280 -30.96 27.98 1.89
N THR B 281 -31.86 27.41 1.08
CA THR B 281 -32.94 28.20 0.41
C THR B 281 -34.24 28.06 1.24
N PHE B 282 -34.88 29.17 1.54
CA PHE B 282 -36.04 29.23 2.47
C PHE B 282 -37.28 29.63 1.68
N PHE B 283 -38.40 28.94 1.91
CA PHE B 283 -39.71 29.29 1.34
C PHE B 283 -40.53 30.00 2.41
N ASN B 284 -41.23 31.07 2.09
CA ASN B 284 -41.95 31.88 3.11
C ASN B 284 -43.24 31.12 3.45
N ALA B 285 -43.33 30.45 4.60
CA ALA B 285 -44.57 29.78 5.06
C ALA B 285 -45.66 30.78 5.48
N SER B 286 -45.34 31.88 6.17
CA SER B 286 -46.33 32.88 6.65
C SER B 286 -46.99 33.52 5.43
N HIS B 287 -46.22 33.79 4.36
CA HIS B 287 -46.67 34.48 3.13
C HIS B 287 -46.12 33.74 1.93
N PRO B 288 -46.81 32.69 1.43
CA PRO B 288 -46.24 31.89 0.35
C PRO B 288 -45.98 32.63 -0.98
N GLY B 289 -46.71 33.72 -1.28
CA GLY B 289 -46.53 34.54 -2.48
C GLY B 289 -45.23 35.31 -2.48
N LYS B 290 -44.64 35.50 -1.31
CA LYS B 290 -43.34 36.23 -1.16
C LYS B 290 -42.16 35.39 -1.65
N HIS B 291 -41.01 36.03 -1.73
CA HIS B 291 -39.77 35.48 -2.36
C HIS B 291 -39.16 34.41 -1.46
N TYR B 292 -38.56 33.41 -2.08
CA TYR B 292 -37.53 32.61 -1.40
C TYR B 292 -36.28 33.46 -1.20
N VAL B 293 -35.61 33.15 -0.10
CA VAL B 293 -34.31 33.75 0.30
C VAL B 293 -33.28 32.61 0.26
N LYS B 294 -32.25 32.76 -0.56
CA LYS B 294 -31.09 31.86 -0.64
C LYS B 294 -29.96 32.54 0.13
N THR B 295 -29.49 31.89 1.19
CA THR B 295 -28.61 32.37 2.27
C THR B 295 -27.27 31.64 2.18
N ALA B 296 -26.22 32.33 2.59
CA ALA B 296 -24.86 31.77 2.69
C ALA B 296 -24.82 30.86 3.93
N LEU B 297 -24.47 29.55 3.77
CA LEU B 297 -24.45 28.56 4.89
C LEU B 297 -23.18 27.71 4.75
N SER B 298 -22.19 27.96 5.61
CA SER B 298 -20.84 27.38 5.56
C SER B 298 -20.85 26.03 6.29
N VAL B 299 -21.73 25.14 5.86
CA VAL B 299 -21.77 23.69 6.23
C VAL B 299 -21.41 22.85 4.98
N LEU B 300 -20.85 21.64 5.18
CA LEU B 300 -20.54 20.70 4.07
C LEU B 300 -21.79 19.85 3.79
N ASN B 301 -22.26 19.87 2.55
CA ASN B 301 -23.28 18.90 2.07
C ASN B 301 -22.89 18.45 0.66
N MET B 302 -22.72 17.16 0.46
CA MET B 302 -22.69 16.57 -0.90
C MET B 302 -21.62 17.25 -1.79
N GLY B 303 -20.37 17.26 -1.34
CA GLY B 303 -19.19 17.66 -2.13
C GLY B 303 -18.95 19.18 -2.23
N PHE B 304 -19.72 20.04 -1.56
CA PHE B 304 -19.46 21.51 -1.49
C PHE B 304 -19.85 22.10 -0.12
N MET B 305 -19.08 23.07 0.33
CA MET B 305 -19.63 24.03 1.33
C MET B 305 -20.74 24.82 0.61
N ARG B 306 -21.87 25.06 1.28
CA ARG B 306 -23.05 25.74 0.68
C ARG B 306 -23.08 27.21 1.11
N GLY B 307 -21.91 27.86 1.14
CA GLY B 307 -21.80 29.33 1.08
C GLY B 307 -22.43 29.90 -0.19
N LEU B 308 -22.37 31.20 -0.35
CA LEU B 308 -22.95 31.88 -1.53
C LEU B 308 -22.01 33.04 -1.89
N SER B 309 -21.49 33.03 -3.14
CA SER B 309 -20.47 33.95 -3.70
C SER B 309 -21.02 35.38 -3.82
N ALA B 310 -20.47 36.35 -3.08
CA ALA B 310 -20.80 37.78 -3.18
C ALA B 310 -20.53 38.24 -4.62
N ALA B 311 -19.40 37.85 -5.21
CA ALA B 311 -18.92 38.21 -6.56
C ALA B 311 -19.93 37.82 -7.65
N TYR B 312 -20.62 36.69 -7.57
CA TYR B 312 -21.54 36.22 -8.65
C TYR B 312 -22.90 36.93 -8.54
N MET B 313 -23.20 37.66 -7.46
CA MET B 313 -24.56 38.21 -7.19
C MET B 313 -24.82 39.36 -8.17
N GLU B 314 -23.76 40.02 -8.57
CA GLU B 314 -23.80 41.20 -9.46
C GLU B 314 -24.47 40.83 -10.80
N ALA B 315 -24.14 39.69 -11.40
CA ALA B 315 -24.67 39.28 -12.72
C ALA B 315 -25.93 38.41 -12.52
N THR B 316 -26.26 38.01 -11.31
CA THR B 316 -27.28 36.96 -11.10
C THR B 316 -28.64 37.40 -11.68
N PRO B 317 -29.25 38.54 -11.27
CA PRO B 317 -30.56 38.93 -11.81
C PRO B 317 -30.55 39.11 -13.34
N ALA B 318 -29.51 39.75 -13.88
CA ALA B 318 -29.38 39.97 -15.34
C ALA B 318 -29.42 38.63 -16.09
N ILE B 319 -28.80 37.59 -15.55
CA ILE B 319 -28.77 36.25 -16.20
C ILE B 319 -30.22 35.71 -16.26
N ASN B 320 -30.97 35.90 -15.17
CA ASN B 320 -32.36 35.42 -15.00
C ASN B 320 -33.26 36.17 -15.97
N ASP B 321 -33.04 37.47 -16.13
CA ASP B 321 -33.84 38.31 -17.06
C ASP B 321 -33.56 37.89 -18.50
N TRP B 322 -32.30 37.68 -18.86
CA TRP B 322 -31.92 37.22 -20.22
C TRP B 322 -32.65 35.88 -20.47
N LEU B 323 -32.67 34.97 -19.50
CA LEU B 323 -33.26 33.63 -19.74
C LEU B 323 -34.79 33.78 -19.82
N ALA B 324 -35.43 34.50 -18.90
CA ALA B 324 -36.90 34.66 -18.99
C ALA B 324 -37.28 35.20 -20.38
N ARG B 325 -36.58 36.21 -20.87
CA ARG B 325 -36.85 36.83 -22.19
C ARG B 325 -36.69 35.80 -23.32
N LEU B 326 -35.54 35.12 -23.41
CA LEU B 326 -35.29 34.02 -24.37
C LEU B 326 -36.50 33.07 -24.40
N ILE B 327 -36.96 32.62 -23.23
CA ILE B 327 -38.05 31.61 -23.08
C ILE B 327 -39.36 32.21 -23.62
N GLU B 328 -39.62 33.44 -23.25
CA GLU B 328 -40.86 34.14 -23.66
C GLU B 328 -40.82 34.23 -25.20
N GLY B 329 -39.63 34.26 -25.79
CA GLY B 329 -39.40 34.52 -27.22
C GLY B 329 -39.58 33.31 -28.12
N ASP B 330 -39.44 32.10 -27.59
CA ASP B 330 -39.31 30.85 -28.39
C ASP B 330 -40.65 30.12 -28.56
N PRO B 331 -41.23 30.01 -29.76
CA PRO B 331 -42.46 29.23 -29.95
C PRO B 331 -42.45 27.85 -29.29
N VAL B 332 -41.37 27.09 -29.47
CA VAL B 332 -41.26 25.72 -28.92
C VAL B 332 -41.35 25.74 -27.39
N LEU B 333 -40.59 26.61 -26.73
CA LEU B 333 -40.66 26.70 -25.25
C LEU B 333 -42.03 27.21 -24.81
N LYS B 334 -42.76 27.99 -25.59
CA LYS B 334 -44.11 28.44 -25.20
C LYS B 334 -45.11 27.29 -25.31
N GLU B 335 -45.08 26.46 -26.33
CA GLU B 335 -45.95 25.25 -26.42
C GLU B 335 -45.75 24.34 -25.19
N THR B 336 -44.55 24.33 -24.67
CA THR B 336 -44.04 23.47 -23.58
C THR B 336 -44.62 23.98 -22.24
N GLY B 337 -44.82 25.30 -22.12
CA GLY B 337 -45.25 25.94 -20.87
C GLY B 337 -44.12 26.24 -19.90
N LEU B 338 -42.87 26.01 -20.29
CA LEU B 338 -41.68 26.24 -19.45
C LEU B 338 -41.69 27.66 -18.86
N SER B 339 -41.36 27.78 -17.62
CA SER B 339 -41.07 29.07 -16.96
C SER B 339 -39.93 28.82 -15.99
N ILE B 340 -39.29 29.91 -15.62
CA ILE B 340 -38.37 29.92 -14.48
C ILE B 340 -39.01 30.80 -13.42
N ILE B 341 -38.69 30.52 -12.17
CA ILE B 341 -38.84 31.47 -11.05
C ILE B 341 -37.50 32.18 -10.93
N ARG B 342 -37.51 33.46 -11.23
CA ARG B 342 -36.29 34.26 -11.42
C ARG B 342 -35.69 34.51 -10.05
N GLU B 343 -34.36 34.47 -10.00
CA GLU B 343 -33.55 35.30 -9.08
C GLU B 343 -33.76 36.75 -9.50
N ARG B 344 -34.46 37.50 -8.63
CA ARG B 344 -34.97 38.87 -8.86
C ARG B 344 -34.01 39.94 -8.32
N ALA B 345 -33.27 39.60 -7.28
CA ALA B 345 -32.46 40.53 -6.46
C ALA B 345 -31.40 39.74 -5.70
N ALA B 346 -30.32 40.40 -5.39
CA ALA B 346 -29.15 39.79 -4.74
C ALA B 346 -28.40 40.89 -4.04
N VAL B 347 -27.78 40.52 -2.95
CA VAL B 347 -26.94 41.41 -2.13
C VAL B 347 -25.70 40.61 -1.75
N GLY B 348 -24.57 41.27 -1.85
CA GLY B 348 -23.22 40.68 -1.66
C GLY B 348 -22.44 41.58 -0.72
N TYR B 349 -21.78 40.97 0.27
CA TYR B 349 -20.83 41.64 1.17
C TYR B 349 -19.43 41.27 0.70
N ARG B 350 -18.63 42.28 0.49
CA ARG B 350 -17.22 42.09 0.09
C ARG B 350 -16.35 42.36 1.32
N HIS B 351 -15.89 41.31 2.01
CA HIS B 351 -14.96 41.39 3.16
C HIS B 351 -13.59 41.75 2.60
N LEU B 352 -13.18 42.99 2.73
CA LEU B 352 -12.02 43.48 1.94
C LEU B 352 -10.73 42.85 2.46
N GLU B 353 -10.65 42.48 3.75
CA GLU B 353 -9.39 41.92 4.31
C GLU B 353 -9.27 40.47 3.93
N TYR B 354 -10.38 39.72 3.99
CA TYR B 354 -10.46 38.30 3.55
C TYR B 354 -10.20 38.18 2.06
N GLU B 355 -10.57 39.15 1.23
CA GLU B 355 -10.21 39.17 -0.22
C GLU B 355 -8.67 39.28 -0.36
N GLN B 356 -8.04 40.24 0.31
CA GLN B 356 -6.57 40.38 0.29
C GLN B 356 -5.91 39.05 0.77
N ALA B 357 -6.54 38.23 1.61
CA ALA B 357 -5.84 37.11 2.31
C ALA B 357 -6.11 35.75 1.67
N THR B 358 -6.86 35.69 0.57
CA THR B 358 -7.37 34.45 -0.06
C THR B 358 -7.48 34.66 -1.57
N ASP B 359 -7.64 33.60 -2.34
CA ASP B 359 -7.85 33.73 -3.80
C ASP B 359 -9.35 33.69 -4.06
N ARG B 360 -9.74 33.96 -5.31
CA ARG B 360 -11.13 34.11 -5.84
C ARG B 360 -12.03 32.93 -5.46
N TYR B 361 -11.47 31.74 -5.30
CA TYR B 361 -12.24 30.50 -5.06
C TYR B 361 -12.49 30.25 -3.56
N SER B 362 -11.89 31.03 -2.66
CA SER B 362 -11.92 30.74 -1.21
C SER B 362 -13.36 30.64 -0.70
N PRO B 363 -13.67 29.67 0.16
CA PRO B 363 -14.95 29.68 0.87
C PRO B 363 -15.11 30.95 1.71
N TYR B 364 -13.99 31.61 2.02
CA TYR B 364 -13.90 32.81 2.88
C TYR B 364 -14.56 34.00 2.16
N ARG B 365 -14.86 33.89 0.86
CA ARG B 365 -15.56 34.93 0.09
C ARG B 365 -17.01 34.58 -0.22
N LYS B 366 -17.55 33.50 0.39
CA LYS B 366 -18.96 33.04 0.20
C LYS B 366 -19.72 33.03 1.53
N MET B 367 -19.24 33.76 2.53
CA MET B 367 -19.83 33.67 3.89
C MET B 367 -20.94 34.71 4.02
N LEU B 368 -20.99 35.74 3.17
CA LEU B 368 -22.09 36.74 3.36
C LEU B 368 -22.66 37.26 2.03
N ALA B 369 -23.85 36.80 1.68
CA ALA B 369 -24.56 37.10 0.44
C ALA B 369 -25.95 36.45 0.48
N ALA B 370 -26.86 36.91 -0.36
CA ALA B 370 -28.26 36.40 -0.35
C ALA B 370 -28.86 36.75 -1.70
N LEU B 371 -29.83 35.97 -2.13
CA LEU B 371 -30.64 36.37 -3.29
C LEU B 371 -32.05 35.98 -2.99
N TRP B 372 -32.96 36.59 -3.73
CA TRP B 372 -34.41 36.44 -3.55
C TRP B 372 -34.90 35.82 -4.85
N ARG B 373 -35.66 34.74 -4.77
CA ARG B 373 -36.24 34.08 -5.96
C ARG B 373 -37.76 34.12 -5.85
N GLU B 374 -38.44 34.42 -6.96
CA GLU B 374 -39.91 34.36 -7.07
C GLU B 374 -40.39 33.00 -6.55
N SER B 375 -41.46 33.03 -5.77
CA SER B 375 -42.30 31.86 -5.43
C SER B 375 -43.11 31.50 -6.67
N PRO B 376 -43.32 30.20 -6.92
CA PRO B 376 -44.24 29.77 -7.97
C PRO B 376 -45.73 29.90 -7.61
N VAL B 377 -46.04 30.16 -6.34
CA VAL B 377 -47.43 30.05 -5.80
C VAL B 377 -48.33 31.08 -6.46
N PRO B 378 -47.97 32.37 -6.63
CA PRO B 378 -48.92 33.28 -7.26
C PRO B 378 -49.27 32.91 -8.72
N SER B 379 -48.46 32.12 -9.42
CA SER B 379 -48.62 31.81 -10.88
C SER B 379 -49.61 30.65 -11.14
N ILE B 380 -50.08 29.89 -10.14
CA ILE B 380 -50.93 28.68 -10.39
C ILE B 380 -52.40 29.07 -10.28
N ARG B 381 -53.28 28.45 -11.09
CA ARG B 381 -54.77 28.62 -10.99
C ARG B 381 -55.32 27.65 -9.94
N GLU B 382 -56.51 27.94 -9.38
CA GLU B 382 -57.22 27.06 -8.40
C GLU B 382 -57.33 25.67 -9.04
N GLY B 383 -57.14 24.61 -8.25
CA GLY B 383 -57.12 23.22 -8.76
C GLY B 383 -55.74 22.77 -9.21
N GLU B 384 -54.75 23.65 -9.26
CA GLU B 384 -53.36 23.28 -9.61
C GLU B 384 -52.58 23.15 -8.30
N THR B 385 -51.61 22.27 -8.21
CA THR B 385 -50.75 22.07 -6.99
C THR B 385 -49.30 22.06 -7.43
N LEU B 386 -48.39 22.23 -6.48
CA LEU B 386 -46.92 22.25 -6.77
C LEU B 386 -46.21 21.06 -6.12
N ALA B 387 -45.15 20.54 -6.76
CA ALA B 387 -44.30 19.47 -6.18
C ALA B 387 -42.87 19.54 -6.73
N THR B 388 -41.86 19.50 -5.87
CA THR B 388 -40.48 19.23 -6.35
C THR B 388 -40.54 18.05 -7.32
N MET B 389 -39.82 18.11 -8.45
CA MET B 389 -39.67 16.95 -9.37
C MET B 389 -38.96 15.85 -8.59
N ALA B 390 -38.28 16.15 -7.52
CA ALA B 390 -37.67 15.07 -6.70
C ALA B 390 -38.74 14.04 -6.32
N SER B 391 -40.01 14.48 -6.19
CA SER B 391 -41.13 13.63 -5.75
C SER B 391 -41.28 12.43 -6.68
N LEU B 392 -40.94 12.57 -7.96
CA LEU B 392 -41.19 11.52 -8.98
C LEU B 392 -40.42 10.25 -8.65
N VAL B 393 -39.24 10.38 -8.01
CA VAL B 393 -38.39 9.21 -7.66
C VAL B 393 -38.46 8.97 -6.15
N HIS B 394 -39.42 9.56 -5.42
CA HIS B 394 -39.70 9.24 -3.99
C HIS B 394 -40.45 7.90 -3.89
N GLN B 395 -40.04 7.06 -2.94
CA GLN B 395 -40.73 5.80 -2.59
C GLN B 395 -41.10 5.94 -1.13
N ASP B 396 -42.30 5.52 -0.77
CA ASP B 396 -42.72 5.67 0.62
C ASP B 396 -42.18 4.46 1.43
N HIS B 397 -42.62 4.33 2.67
CA HIS B 397 -42.10 3.32 3.62
C HIS B 397 -42.41 1.92 3.08
N GLU B 398 -43.27 1.77 2.08
CA GLU B 398 -43.63 0.46 1.49
C GLU B 398 -43.08 0.24 0.08
N GLY B 399 -42.27 1.15 -0.46
CA GLY B 399 -41.75 1.02 -1.85
C GLY B 399 -42.65 1.63 -2.92
N ALA B 400 -43.81 2.22 -2.57
CA ALA B 400 -44.75 2.84 -3.52
C ALA B 400 -44.18 4.15 -4.11
N SER B 401 -44.02 4.20 -5.44
CA SER B 401 -43.61 5.40 -6.21
C SER B 401 -44.64 6.53 -6.05
N PHE B 402 -44.17 7.75 -5.78
CA PHE B 402 -45.01 8.97 -5.82
C PHE B 402 -45.42 9.22 -7.27
N ALA B 403 -44.54 8.99 -8.23
CA ALA B 403 -44.93 9.02 -9.65
C ALA B 403 -46.11 8.05 -9.87
N GLY B 404 -46.06 6.84 -9.29
CA GLY B 404 -47.16 5.87 -9.43
C GLY B 404 -48.49 6.42 -8.90
N ALA B 405 -48.47 7.08 -7.75
CA ALA B 405 -49.69 7.57 -7.08
C ALA B 405 -50.31 8.69 -7.93
N LEU B 406 -49.46 9.51 -8.54
CA LEU B 406 -49.87 10.56 -9.53
C LEU B 406 -50.49 9.91 -10.75
N ILE B 407 -49.85 8.91 -11.32
CA ILE B 407 -50.41 8.23 -12.52
C ILE B 407 -51.82 7.73 -12.16
N GLU B 408 -51.92 6.98 -11.06
CA GLU B 408 -53.20 6.40 -10.56
C GLU B 408 -54.27 7.50 -10.46
N ARG B 409 -53.92 8.67 -9.95
CA ARG B 409 -54.90 9.72 -9.53
C ARG B 409 -55.30 10.48 -10.82
N SER B 410 -54.43 10.52 -11.82
CA SER B 410 -54.70 11.10 -13.17
C SER B 410 -55.74 10.29 -13.96
N GLY B 411 -55.93 9.00 -13.69
CA GLY B 411 -56.77 8.14 -14.53
C GLY B 411 -56.18 7.86 -15.90
N LEU B 412 -54.91 8.20 -16.19
CA LEU B 412 -54.31 8.04 -17.54
C LEU B 412 -53.50 6.76 -17.58
N THR B 413 -53.23 6.18 -18.76
CA THR B 413 -52.21 5.11 -18.87
C THR B 413 -50.90 5.69 -18.40
N PRO B 414 -49.98 4.86 -17.88
CA PRO B 414 -48.65 5.32 -17.54
C PRO B 414 -47.94 6.05 -18.70
N THR B 415 -48.07 5.58 -19.93
CA THR B 415 -47.37 6.21 -21.09
C THR B 415 -48.02 7.58 -21.41
N GLU B 416 -49.36 7.75 -21.30
CA GLU B 416 -50.02 9.05 -21.55
C GLU B 416 -49.48 10.03 -20.51
N TRP B 417 -49.40 9.57 -19.26
CA TRP B 417 -48.91 10.39 -18.13
C TRP B 417 -47.45 10.83 -18.38
N LEU B 418 -46.58 9.93 -18.88
CA LEU B 418 -45.18 10.24 -19.23
C LEU B 418 -45.11 11.21 -20.40
N ARG B 419 -45.99 11.18 -21.38
CA ARG B 419 -45.98 12.20 -22.47
C ARG B 419 -46.14 13.60 -21.84
N HIS B 420 -47.11 13.82 -20.93
CA HIS B 420 -47.34 15.18 -20.35
C HIS B 420 -46.06 15.62 -19.60
N TYR B 421 -45.46 14.76 -18.78
CA TYR B 421 -44.27 15.09 -17.98
C TYR B 421 -43.06 15.37 -18.90
N LEU B 422 -42.81 14.53 -19.89
CA LEU B 422 -41.69 14.72 -20.85
C LEU B 422 -41.91 15.98 -21.70
N ARG B 423 -43.16 16.28 -22.11
CA ARG B 423 -43.47 17.51 -22.89
C ARG B 423 -43.11 18.73 -22.03
N ALA B 424 -43.42 18.74 -20.73
CA ALA B 424 -43.25 19.89 -19.81
C ALA B 424 -41.76 20.02 -19.44
N TYR B 425 -41.09 18.90 -19.13
CA TYR B 425 -39.76 18.90 -18.46
C TYR B 425 -38.58 18.67 -19.43
N TYR B 426 -38.72 17.71 -20.35
CA TYR B 426 -37.62 17.09 -21.13
C TYR B 426 -37.48 17.83 -22.47
N VAL B 427 -38.56 18.15 -23.18
CA VAL B 427 -38.50 18.83 -24.51
C VAL B 427 -37.80 20.18 -24.35
N PRO B 428 -38.07 20.96 -23.29
CA PRO B 428 -37.41 22.24 -23.17
C PRO B 428 -35.89 22.05 -23.08
N LEU B 429 -35.45 20.96 -22.46
CA LEU B 429 -34.00 20.68 -22.27
C LEU B 429 -33.37 20.40 -23.64
N LEU B 430 -34.04 19.55 -24.44
CA LEU B 430 -33.61 19.26 -25.82
C LEU B 430 -33.53 20.59 -26.59
N HIS B 431 -34.62 21.33 -26.67
CA HIS B 431 -34.71 22.53 -27.52
C HIS B 431 -33.73 23.58 -27.02
N SER B 432 -33.54 23.75 -25.71
CA SER B 432 -32.54 24.68 -25.16
C SER B 432 -31.15 24.27 -25.67
N PHE B 433 -30.86 22.99 -25.66
CA PHE B 433 -29.55 22.48 -26.15
C PHE B 433 -29.37 22.76 -27.66
N TYR B 434 -30.30 22.30 -28.47
CA TYR B 434 -30.18 22.32 -29.96
C TYR B 434 -30.29 23.76 -30.49
N ALA B 435 -31.14 24.57 -29.89
CA ALA B 435 -31.44 25.90 -30.47
C ALA B 435 -30.46 26.93 -29.90
N TYR B 436 -30.03 26.78 -28.65
CA TYR B 436 -29.31 27.89 -27.99
C TYR B 436 -27.96 27.42 -27.39
N ASP B 437 -27.58 26.15 -27.51
CA ASP B 437 -26.40 25.56 -26.81
C ASP B 437 -26.57 25.77 -25.30
N LEU B 438 -27.82 25.80 -24.84
CA LEU B 438 -28.16 26.19 -23.45
C LEU B 438 -28.43 24.94 -22.59
N VAL B 439 -27.76 24.82 -21.47
CA VAL B 439 -27.90 23.69 -20.52
C VAL B 439 -28.18 24.24 -19.12
N TYR B 440 -28.81 23.40 -18.32
CA TYR B 440 -29.21 23.70 -16.90
C TYR B 440 -28.54 22.67 -15.99
N MET B 441 -28.97 22.66 -14.75
CA MET B 441 -28.72 21.52 -13.83
C MET B 441 -30.10 21.01 -13.45
N PRO B 442 -30.78 20.30 -14.36
CA PRO B 442 -32.22 19.98 -14.19
C PRO B 442 -32.54 18.68 -13.43
N HIS B 443 -31.91 18.48 -12.28
CA HIS B 443 -32.20 17.34 -11.36
C HIS B 443 -33.47 17.64 -10.54
N GLY B 444 -33.79 16.75 -9.61
CA GLY B 444 -35.06 16.78 -8.87
C GLY B 444 -35.23 18.07 -8.10
N GLU B 445 -34.17 18.55 -7.50
CA GLU B 445 -34.25 19.67 -6.54
C GLU B 445 -34.36 21.01 -7.29
N ASN B 446 -34.00 21.03 -8.55
CA ASN B 446 -33.93 22.26 -9.38
C ASN B 446 -35.12 22.32 -10.35
N VAL B 447 -36.08 21.41 -10.21
CA VAL B 447 -37.35 21.50 -10.99
C VAL B 447 -38.54 21.38 -10.03
N ILE B 448 -39.57 22.19 -10.31
CA ILE B 448 -40.91 22.10 -9.67
C ILE B 448 -41.96 21.79 -10.74
N LEU B 449 -42.90 20.90 -10.39
CA LEU B 449 -43.99 20.50 -11.31
C LEU B 449 -45.25 21.23 -10.86
N VAL B 450 -45.99 21.74 -11.87
CA VAL B 450 -47.41 22.20 -11.73
C VAL B 450 -48.26 20.99 -12.15
N LEU B 451 -49.06 20.54 -11.21
CA LEU B 451 -49.90 19.34 -11.36
C LEU B 451 -51.34 19.82 -11.41
N ALA B 452 -52.16 19.20 -12.26
CA ALA B 452 -53.63 19.28 -12.31
C ALA B 452 -54.11 17.85 -12.44
N ASP B 453 -54.83 17.36 -11.44
CA ASP B 453 -55.46 16.02 -11.43
C ASP B 453 -54.35 14.99 -11.53
N GLY B 454 -53.17 15.28 -10.99
CA GLY B 454 -52.02 14.33 -11.01
C GLY B 454 -51.22 14.36 -12.32
N VAL B 455 -51.62 15.16 -13.31
CA VAL B 455 -50.91 15.33 -14.60
C VAL B 455 -49.96 16.53 -14.46
N VAL B 456 -48.79 16.42 -15.06
CA VAL B 456 -47.79 17.52 -15.10
C VAL B 456 -48.26 18.48 -16.19
N ARG B 457 -48.72 19.69 -15.86
CA ARG B 457 -49.21 20.68 -16.85
C ARG B 457 -48.01 21.44 -17.41
N ARG B 458 -46.95 21.57 -16.63
CA ARG B 458 -45.81 22.48 -16.92
C ARG B 458 -44.76 22.32 -15.82
N ALA B 459 -43.52 22.66 -16.14
CA ALA B 459 -42.36 22.52 -15.26
C ALA B 459 -41.77 23.93 -15.06
N VAL B 460 -41.31 24.19 -13.86
CA VAL B 460 -40.67 25.47 -13.48
C VAL B 460 -39.24 25.14 -13.12
N TYR B 461 -38.26 25.76 -13.77
CA TYR B 461 -36.83 25.55 -13.44
C TYR B 461 -36.41 26.64 -12.45
N LYS B 462 -35.43 26.33 -11.60
CA LYS B 462 -34.76 27.25 -10.66
C LYS B 462 -33.29 26.84 -10.55
N ASP B 463 -32.51 27.61 -9.77
CA ASP B 463 -31.02 27.53 -9.65
C ASP B 463 -30.55 27.88 -11.06
N ILE B 464 -30.56 29.17 -11.37
CA ILE B 464 -30.34 29.64 -12.78
C ILE B 464 -28.93 30.18 -12.93
N ALA B 465 -28.59 31.27 -12.23
CA ALA B 465 -27.41 32.11 -12.56
C ALA B 465 -26.16 31.26 -12.37
N GLU B 466 -26.13 30.51 -11.27
CA GLU B 466 -24.98 29.64 -10.85
C GLU B 466 -24.97 28.28 -11.56
N GLU B 467 -25.99 27.91 -12.36
CA GLU B 467 -26.02 26.58 -13.02
C GLU B 467 -26.00 26.68 -14.55
N ILE B 468 -26.59 27.70 -15.20
CA ILE B 468 -26.85 27.58 -16.66
C ILE B 468 -25.53 27.80 -17.41
N ALA B 469 -25.39 27.22 -18.61
CA ALA B 469 -24.21 27.42 -19.46
C ALA B 469 -24.65 27.52 -20.91
N VAL B 470 -23.93 28.34 -21.67
CA VAL B 470 -24.00 28.36 -23.16
C VAL B 470 -22.68 27.80 -23.69
N MET B 471 -22.79 26.72 -24.46
CA MET B 471 -21.66 25.86 -24.87
C MET B 471 -21.28 26.31 -26.26
N ASP B 472 -20.81 27.54 -26.29
CA ASP B 472 -20.35 28.26 -27.51
C ASP B 472 -19.49 29.41 -26.98
N PRO B 473 -18.15 29.29 -26.98
CA PRO B 473 -17.30 30.38 -26.49
C PRO B 473 -17.47 31.72 -27.24
N ASP B 474 -17.98 31.73 -28.47
CA ASP B 474 -18.27 32.99 -29.21
C ASP B 474 -19.76 33.39 -29.11
N ALA B 475 -20.56 32.79 -28.23
CA ALA B 475 -21.99 33.19 -28.09
C ALA B 475 -22.07 34.72 -27.99
N VAL B 476 -22.85 35.38 -28.84
CA VAL B 476 -23.09 36.85 -28.66
C VAL B 476 -24.11 36.99 -27.53
N LEU B 477 -23.71 37.53 -26.38
CA LEU B 477 -24.60 37.68 -25.20
C LEU B 477 -24.43 39.08 -24.61
N PRO B 478 -25.46 39.60 -23.89
CA PRO B 478 -25.30 40.87 -23.18
C PRO B 478 -24.06 40.79 -22.28
N PRO B 479 -23.19 41.84 -22.20
CA PRO B 479 -21.97 41.81 -21.36
C PRO B 479 -22.18 41.24 -19.95
N GLU B 480 -23.25 41.64 -19.29
CA GLU B 480 -23.52 41.32 -17.86
C GLU B 480 -23.78 39.82 -17.66
N VAL B 481 -23.78 39.01 -18.74
CA VAL B 481 -24.36 37.64 -18.84
C VAL B 481 -23.37 36.67 -19.52
N SER B 482 -22.32 37.18 -20.16
CA SER B 482 -21.39 36.40 -21.04
C SER B 482 -20.50 35.46 -20.24
N ARG B 483 -20.43 35.57 -18.91
CA ARG B 483 -19.62 34.63 -18.09
C ARG B 483 -20.26 33.22 -18.17
N ILE B 484 -21.50 33.11 -18.69
CA ILE B 484 -22.19 31.80 -18.76
C ILE B 484 -21.71 31.10 -20.03
N ALA B 485 -21.00 31.79 -20.91
CA ALA B 485 -20.43 31.20 -22.13
C ALA B 485 -19.19 30.37 -21.77
N VAL B 486 -19.21 29.07 -22.07
CA VAL B 486 -18.15 28.07 -21.74
C VAL B 486 -17.70 27.37 -23.02
N ASP B 487 -16.56 26.68 -22.91
CA ASP B 487 -15.87 25.91 -23.98
C ASP B 487 -15.78 24.45 -23.52
N VAL B 488 -16.61 23.62 -24.14
CA VAL B 488 -16.79 22.19 -23.81
C VAL B 488 -16.54 21.48 -25.12
N PRO B 489 -15.67 20.45 -25.18
CA PRO B 489 -15.47 19.76 -26.45
C PRO B 489 -16.82 19.20 -26.94
N ASP B 490 -17.03 19.12 -28.24
CA ASP B 490 -18.25 18.54 -28.87
C ASP B 490 -18.67 17.19 -28.25
N ASP B 491 -17.78 16.21 -28.28
CA ASP B 491 -17.65 14.99 -27.45
C ASP B 491 -18.56 14.93 -26.22
N LYS B 492 -18.59 15.99 -25.43
CA LYS B 492 -19.12 15.92 -24.04
C LYS B 492 -20.35 16.85 -23.91
N LYS B 493 -20.76 17.54 -24.97
CA LYS B 493 -21.89 18.52 -24.93
C LYS B 493 -23.20 17.80 -24.54
N LEU B 494 -23.58 16.78 -25.30
CA LEU B 494 -24.83 16.02 -25.12
C LEU B 494 -24.78 15.25 -23.81
N LEU B 495 -23.63 15.17 -23.12
CA LEU B 495 -23.65 14.56 -21.77
C LEU B 495 -24.52 15.38 -20.83
N SER B 496 -24.83 16.60 -21.17
CA SER B 496 -25.69 17.42 -20.28
C SER B 496 -27.07 16.79 -20.22
N ILE B 497 -27.51 16.15 -21.30
CA ILE B 497 -28.81 15.43 -21.35
C ILE B 497 -28.56 14.00 -20.85
N PHE B 498 -27.57 13.33 -21.43
CA PHE B 498 -27.38 11.87 -21.21
C PHE B 498 -27.14 11.66 -19.72
N THR B 499 -26.31 12.49 -19.08
CA THR B 499 -25.86 12.23 -17.69
C THR B 499 -26.92 12.74 -16.71
N ASP B 500 -27.35 13.97 -16.88
CA ASP B 500 -28.13 14.70 -15.86
C ASP B 500 -29.61 14.37 -16.02
N VAL B 501 -30.07 13.99 -17.18
CA VAL B 501 -31.48 13.55 -17.37
C VAL B 501 -31.55 12.00 -17.35
N PHE B 502 -30.79 11.30 -18.20
CA PHE B 502 -30.96 9.84 -18.37
C PHE B 502 -30.38 9.11 -17.15
N ASP B 503 -29.09 9.23 -16.90
CA ASP B 503 -28.40 8.37 -15.91
C ASP B 503 -28.61 8.85 -14.45
N CYS B 504 -28.99 10.10 -14.19
CA CYS B 504 -29.12 10.62 -12.80
C CYS B 504 -30.57 10.85 -12.42
N PHE B 505 -31.54 10.58 -13.32
CA PHE B 505 -32.96 10.79 -13.00
C PHE B 505 -33.85 9.75 -13.69
N PHE B 506 -33.93 9.69 -15.01
CA PHE B 506 -34.80 8.72 -15.68
C PHE B 506 -34.43 7.30 -15.20
N ARG B 507 -33.13 7.01 -15.09
CA ARG B 507 -32.63 5.68 -14.65
C ARG B 507 -33.43 5.23 -13.39
N PHE B 508 -33.66 6.13 -12.47
CA PHE B 508 -34.35 5.83 -11.19
C PHE B 508 -35.86 5.75 -11.42
N LEU B 509 -36.42 6.69 -12.19
CA LEU B 509 -37.87 6.79 -12.46
C LEU B 509 -38.36 5.54 -13.21
N ALA B 510 -37.68 5.12 -14.29
CA ALA B 510 -38.00 3.94 -15.10
C ALA B 510 -37.90 2.69 -14.22
N ALA B 511 -36.85 2.56 -13.42
CA ALA B 511 -36.61 1.39 -12.52
C ALA B 511 -37.73 1.26 -11.47
N ASN B 512 -38.04 2.34 -10.74
CA ASN B 512 -39.17 2.36 -9.76
C ASN B 512 -40.48 1.97 -10.44
N LEU B 513 -40.84 2.54 -11.61
CA LEU B 513 -42.17 2.25 -12.23
C LEU B 513 -42.24 0.79 -12.71
N ALA B 514 -41.13 0.22 -13.20
CA ALA B 514 -41.02 -1.18 -13.67
C ALA B 514 -41.09 -2.16 -12.47
N GLU B 515 -40.30 -1.94 -11.39
CA GLU B 515 -40.26 -2.73 -10.12
C GLU B 515 -41.68 -2.82 -9.52
N GLU B 516 -42.43 -1.73 -9.56
CA GLU B 516 -43.78 -1.61 -8.97
C GLU B 516 -44.85 -2.21 -9.92
N GLY B 517 -44.52 -2.59 -11.15
CA GLY B 517 -45.48 -3.28 -12.02
C GLY B 517 -46.38 -2.29 -12.76
N ILE B 518 -46.03 -0.99 -12.78
CA ILE B 518 -46.86 0.07 -13.41
C ILE B 518 -46.64 0.12 -14.94
N VAL B 519 -45.40 0.09 -15.40
CA VAL B 519 -45.05 0.19 -16.83
C VAL B 519 -43.62 -0.33 -17.03
N THR B 520 -43.39 -1.11 -18.08
CA THR B 520 -42.05 -1.66 -18.49
C THR B 520 -41.07 -0.53 -18.84
N GLU B 521 -39.80 -0.75 -18.56
CA GLU B 521 -38.68 0.10 -19.07
C GLU B 521 -38.83 0.31 -20.59
N ASP B 522 -39.29 -0.73 -21.30
CA ASP B 522 -39.39 -0.69 -22.78
C ASP B 522 -40.31 0.46 -23.19
N ALA B 523 -41.46 0.58 -22.55
CA ALA B 523 -42.53 1.53 -22.89
C ALA B 523 -42.09 2.91 -22.40
N PHE B 524 -41.45 2.97 -21.23
CA PHE B 524 -40.92 4.25 -20.70
C PHE B 524 -39.99 4.82 -21.75
N TRP B 525 -39.02 4.03 -22.26
CA TRP B 525 -37.96 4.53 -23.17
C TRP B 525 -38.54 4.73 -24.56
N ARG B 526 -39.51 3.88 -24.95
CA ARG B 526 -40.28 4.11 -26.19
C ARG B 526 -40.84 5.53 -26.07
N THR B 527 -41.47 5.87 -24.93
CA THR B 527 -42.16 7.18 -24.73
C THR B 527 -41.13 8.32 -24.86
N VAL B 528 -39.96 8.17 -24.26
CA VAL B 528 -38.82 9.12 -24.44
C VAL B 528 -38.44 9.21 -25.92
N ALA B 529 -38.22 8.10 -26.61
CA ALA B 529 -37.88 8.09 -28.05
C ALA B 529 -38.89 8.91 -28.85
N GLU B 530 -40.19 8.65 -28.65
CA GLU B 530 -41.32 9.21 -29.42
C GLU B 530 -41.40 10.73 -29.21
N VAL B 531 -41.37 11.15 -27.95
CA VAL B 531 -41.41 12.58 -27.57
C VAL B 531 -40.14 13.26 -28.15
N THR B 532 -38.99 12.59 -28.13
CA THR B 532 -37.74 13.10 -28.77
C THR B 532 -37.95 13.27 -30.28
N ARG B 533 -38.38 12.19 -30.95
CA ARG B 533 -38.65 12.19 -32.40
C ARG B 533 -39.66 13.30 -32.74
N GLU B 534 -40.80 13.37 -32.04
CA GLU B 534 -41.82 14.40 -32.30
C GLU B 534 -41.20 15.80 -32.18
N TYR B 535 -40.42 16.07 -31.14
CA TYR B 535 -39.74 17.37 -31.02
C TYR B 535 -38.89 17.66 -32.28
N GLN B 536 -38.07 16.73 -32.76
CA GLN B 536 -37.11 16.99 -33.90
C GLN B 536 -37.82 17.12 -35.24
N GLU B 537 -38.92 16.38 -35.51
CA GLU B 537 -39.73 16.55 -36.76
C GLU B 537 -40.29 17.98 -36.76
N SER B 538 -40.68 18.50 -35.61
CA SER B 538 -41.41 19.77 -35.45
C SER B 538 -40.47 20.94 -35.76
N VAL B 539 -39.15 20.71 -35.70
CA VAL B 539 -38.10 21.75 -35.95
C VAL B 539 -37.06 21.23 -36.95
N PRO B 540 -37.46 21.03 -38.21
CA PRO B 540 -36.57 20.45 -39.23
C PRO B 540 -35.37 21.33 -39.65
N GLU B 541 -35.45 22.63 -39.35
CA GLU B 541 -34.35 23.61 -39.51
C GLU B 541 -33.11 23.09 -38.76
N LEU B 542 -33.29 22.43 -37.62
CA LEU B 542 -32.16 21.95 -36.78
C LEU B 542 -31.70 20.55 -37.20
N ALA B 543 -32.18 19.99 -38.30
CA ALA B 543 -31.86 18.61 -38.78
C ALA B 543 -30.36 18.32 -38.65
N ASP B 544 -29.49 19.18 -39.19
CA ASP B 544 -28.01 19.02 -39.17
C ASP B 544 -27.49 18.84 -37.73
N LYS B 545 -28.02 19.60 -36.78
CA LYS B 545 -27.54 19.55 -35.39
C LYS B 545 -28.04 18.25 -34.72
N PHE B 546 -29.22 17.74 -35.08
CA PHE B 546 -29.76 16.47 -34.52
C PHE B 546 -28.87 15.31 -34.95
N GLU B 547 -28.31 15.36 -36.16
CA GLU B 547 -27.35 14.36 -36.70
C GLU B 547 -25.99 14.47 -35.96
N ARG B 548 -25.49 15.67 -35.71
CA ARG B 548 -24.15 15.89 -35.08
C ARG B 548 -24.19 15.47 -33.62
N TYR B 549 -25.19 15.92 -32.87
CA TYR B 549 -25.35 15.52 -31.44
C TYR B 549 -26.54 14.57 -31.40
N ASP B 550 -26.23 13.28 -31.53
CA ASP B 550 -27.21 12.21 -31.81
C ASP B 550 -27.78 11.73 -30.48
N MET B 551 -29.04 12.06 -30.21
CA MET B 551 -29.79 11.59 -29.04
C MET B 551 -30.00 10.07 -29.10
N PHE B 552 -29.85 9.43 -30.27
CA PHE B 552 -30.06 7.98 -30.52
C PHE B 552 -28.75 7.25 -30.83
N ALA B 553 -27.61 7.79 -30.40
CA ALA B 553 -26.27 7.15 -30.52
C ALA B 553 -26.31 5.83 -29.76
N PRO B 554 -25.65 4.73 -30.21
CA PRO B 554 -25.63 3.48 -29.46
C PRO B 554 -25.24 3.56 -27.97
N GLU B 555 -24.35 4.50 -27.65
CA GLU B 555 -23.69 4.65 -26.33
C GLU B 555 -23.31 6.10 -26.07
N PHE B 556 -23.04 6.34 -24.80
CA PHE B 556 -22.46 7.57 -24.26
C PHE B 556 -21.74 7.16 -22.99
N ALA B 557 -20.88 8.05 -22.53
CA ALA B 557 -19.94 7.87 -21.41
C ALA B 557 -20.74 7.67 -20.12
N LEU B 558 -20.34 6.70 -19.28
CA LEU B 558 -20.70 6.68 -17.85
C LEU B 558 -19.92 7.81 -17.16
N SER B 559 -20.61 8.82 -16.63
CA SER B 559 -20.01 9.85 -15.75
C SER B 559 -20.41 9.55 -14.32
N CYS B 560 -19.43 9.31 -13.43
CA CYS B 560 -19.61 8.80 -12.04
C CYS B 560 -19.66 9.97 -11.06
N LEU B 561 -20.70 10.05 -10.25
CA LEU B 561 -20.96 11.18 -9.34
C LEU B 561 -20.28 10.87 -7.99
N ASN B 562 -20.54 9.67 -7.42
CA ASN B 562 -19.93 9.28 -6.12
C ASN B 562 -18.39 9.43 -6.23
N ARG B 563 -17.81 9.04 -7.37
CA ARG B 563 -16.36 9.11 -7.59
C ARG B 563 -15.88 10.54 -7.33
N LEU B 564 -16.65 11.54 -7.71
CA LEU B 564 -16.16 12.94 -7.59
C LEU B 564 -15.96 13.26 -6.10
N GLN B 565 -16.96 12.87 -5.29
CA GLN B 565 -17.04 13.14 -3.83
C GLN B 565 -16.03 12.27 -3.08
N LEU B 566 -15.84 11.02 -3.52
CA LEU B 566 -14.82 10.12 -2.92
C LEU B 566 -13.43 10.69 -3.18
N ARG B 567 -13.19 11.37 -4.30
CA ARG B 567 -11.82 11.84 -4.68
C ARG B 567 -11.54 13.10 -3.84
N ASP B 568 -12.58 13.90 -3.57
CA ASP B 568 -12.48 15.20 -2.86
C ASP B 568 -13.86 15.52 -2.28
N ASN B 569 -14.11 15.26 -1.00
CA ASN B 569 -15.48 15.45 -0.46
C ASN B 569 -15.74 16.90 -0.01
N ARG B 570 -14.77 17.82 -0.12
CA ARG B 570 -14.93 19.26 0.23
C ARG B 570 -15.22 20.14 -0.99
N GLN B 571 -14.60 19.82 -2.12
CA GLN B 571 -14.78 20.54 -3.40
C GLN B 571 -14.61 19.50 -4.51
N MET B 572 -15.70 18.83 -4.84
CA MET B 572 -15.66 17.60 -5.69
C MET B 572 -15.50 18.00 -7.17
N VAL B 573 -15.84 19.25 -7.49
CA VAL B 573 -15.53 19.93 -8.77
C VAL B 573 -14.76 21.21 -8.41
N ASP B 574 -13.55 21.35 -8.98
CA ASP B 574 -12.67 22.56 -8.94
C ASP B 574 -13.44 23.63 -9.73
N LEU B 575 -14.06 24.59 -9.04
CA LEU B 575 -14.85 25.71 -9.65
C LEU B 575 -13.94 26.55 -10.58
N ALA B 576 -12.63 26.24 -10.66
CA ALA B 576 -11.67 26.89 -11.59
C ALA B 576 -11.28 25.97 -12.77
N ASP B 577 -12.22 25.20 -13.37
CA ASP B 577 -11.91 24.31 -14.55
C ASP B 577 -13.05 24.29 -15.57
N PRO B 578 -12.77 24.56 -16.90
CA PRO B 578 -13.79 24.64 -17.98
C PRO B 578 -14.75 23.45 -18.13
N SER B 579 -14.32 22.22 -17.78
CA SER B 579 -15.17 21.01 -17.52
C SER B 579 -14.36 19.76 -17.13
N GLY B 580 -13.24 19.89 -16.38
CA GLY B 580 -12.20 18.84 -16.32
C GLY B 580 -12.09 18.12 -14.98
N ALA B 581 -13.18 17.94 -14.22
CA ALA B 581 -13.24 17.13 -12.96
C ALA B 581 -13.96 15.79 -13.23
N LEU B 582 -14.60 15.68 -14.41
CA LEU B 582 -15.49 14.54 -14.76
C LEU B 582 -14.72 13.24 -14.58
N GLN B 583 -15.38 12.24 -14.04
CA GLN B 583 -14.81 10.90 -13.99
C GLN B 583 -15.66 10.03 -14.92
N LEU B 584 -15.26 9.99 -16.16
CA LEU B 584 -15.82 9.14 -17.23
C LEU B 584 -15.12 7.78 -17.18
N VAL B 585 -15.89 6.70 -16.99
CA VAL B 585 -15.36 5.30 -16.86
C VAL B 585 -16.17 4.39 -17.82
N GLY B 586 -15.69 4.29 -19.08
CA GLY B 586 -16.38 3.55 -20.14
C GLY B 586 -17.69 4.20 -20.55
N THR B 587 -18.63 3.38 -21.02
CA THR B 587 -19.87 3.77 -21.74
C THR B 587 -21.05 3.03 -21.15
N LEU B 588 -22.24 3.55 -21.38
CA LEU B 588 -23.55 2.89 -21.15
C LEU B 588 -24.25 2.73 -22.50
N LYS B 589 -25.01 1.63 -22.65
CA LYS B 589 -26.00 1.42 -23.74
C LYS B 589 -27.03 2.55 -23.59
N ASN B 590 -27.21 3.31 -24.67
CA ASN B 590 -28.22 4.38 -24.74
C ASN B 590 -29.55 3.69 -24.89
N PRO B 591 -30.47 3.85 -23.94
CA PRO B 591 -31.77 3.22 -24.08
C PRO B 591 -32.50 3.75 -25.32
N LEU B 592 -32.16 4.94 -25.88
CA LEU B 592 -32.78 5.42 -27.14
C LEU B 592 -32.14 4.75 -28.36
N ALA B 593 -31.03 4.01 -28.23
CA ALA B 593 -30.40 3.30 -29.37
C ALA B 593 -31.46 2.49 -30.13
N GLY B 594 -31.52 2.58 -31.43
CA GLY B 594 -32.41 1.74 -32.24
C GLY B 594 -33.78 2.39 -32.39
N ARG B 595 -33.94 3.60 -31.84
CA ARG B 595 -35.22 4.35 -31.88
C ARG B 595 -35.02 5.72 -32.59
N MET C 1 -3.16 -32.02 5.59
CA MET C 1 -2.17 -30.92 5.40
C MET C 1 -2.24 -30.46 3.94
N SER C 2 -2.07 -29.15 3.67
CA SER C 2 -1.80 -28.58 2.31
C SER C 2 -0.43 -29.10 1.82
N LEU C 3 0.43 -29.60 2.72
CA LEU C 3 1.68 -30.34 2.39
C LEU C 3 1.29 -31.68 1.76
N ALA C 4 0.60 -32.52 2.52
CA ALA C 4 0.18 -33.86 2.07
C ALA C 4 -0.78 -33.71 0.91
N ASP C 5 -1.65 -32.68 0.92
CA ASP C 5 -2.66 -32.53 -0.18
C ASP C 5 -1.95 -32.41 -1.50
N ALA C 6 -0.83 -31.69 -1.52
CA ALA C 6 -0.17 -31.26 -2.77
C ALA C 6 0.47 -32.48 -3.45
N VAL C 7 0.78 -33.55 -2.70
CA VAL C 7 1.32 -34.80 -3.31
C VAL C 7 0.35 -35.99 -3.21
N ALA C 8 -0.94 -35.78 -2.96
CA ALA C 8 -1.94 -36.85 -2.73
C ALA C 8 -2.11 -37.72 -3.98
N HIS C 9 -1.89 -37.17 -5.18
CA HIS C 9 -1.91 -37.90 -6.47
C HIS C 9 -0.68 -38.81 -6.64
N LEU C 10 0.40 -38.64 -5.84
CA LEU C 10 1.61 -39.51 -5.90
C LEU C 10 1.47 -40.71 -4.94
N THR C 11 1.01 -41.84 -5.48
CA THR C 11 0.73 -43.09 -4.72
C THR C 11 1.30 -44.25 -5.51
N PRO C 12 1.66 -45.37 -4.87
CA PRO C 12 2.22 -46.50 -5.61
C PRO C 12 1.32 -46.95 -6.77
N GLU C 13 -0.01 -47.05 -6.59
CA GLU C 13 -0.94 -47.61 -7.63
C GLU C 13 -0.87 -46.71 -8.90
N ARG C 14 -0.94 -45.38 -8.73
CA ARG C 14 -0.98 -44.45 -9.88
C ARG C 14 0.42 -44.37 -10.51
N TRP C 15 1.46 -44.39 -9.69
CA TRP C 15 2.87 -44.37 -10.16
C TRP C 15 3.10 -45.58 -11.07
N GLU C 16 2.67 -46.76 -10.66
CA GLU C 16 2.72 -48.00 -11.46
C GLU C 16 2.04 -47.76 -12.82
N GLU C 17 0.78 -47.35 -12.83
CA GLU C 17 0.03 -47.15 -14.09
C GLU C 17 0.78 -46.12 -14.94
N ALA C 18 1.14 -44.96 -14.37
CA ALA C 18 1.90 -43.90 -15.06
C ALA C 18 3.15 -44.48 -15.77
N ASN C 19 3.94 -45.29 -15.06
CA ASN C 19 5.18 -45.92 -15.57
C ASN C 19 4.85 -46.86 -16.72
N ARG C 20 3.77 -47.62 -16.61
CA ARG C 20 3.37 -48.60 -17.65
C ARG C 20 3.00 -47.81 -18.90
N LEU C 21 2.20 -46.78 -18.78
CA LEU C 21 1.79 -45.99 -19.98
C LEU C 21 3.04 -45.39 -20.65
N LEU C 22 3.95 -44.78 -19.87
CA LEU C 22 5.11 -44.03 -20.43
C LEU C 22 6.06 -45.01 -21.14
N VAL C 23 6.34 -46.18 -20.53
CA VAL C 23 7.26 -47.22 -21.06
C VAL C 23 6.67 -47.82 -22.36
N ARG C 24 5.35 -48.05 -22.37
CA ARG C 24 4.57 -48.45 -23.56
C ARG C 24 4.89 -47.47 -24.69
N LYS C 25 4.79 -46.18 -24.43
CA LYS C 25 4.98 -45.16 -25.49
C LYS C 25 6.46 -45.10 -25.87
N ALA C 26 7.36 -45.22 -24.90
CA ALA C 26 8.82 -45.27 -25.15
C ALA C 26 9.10 -46.42 -26.12
N LEU C 27 8.65 -47.63 -25.84
CA LEU C 27 8.92 -48.76 -26.77
C LEU C 27 8.36 -48.47 -28.15
N ALA C 28 7.14 -47.96 -28.24
CA ALA C 28 6.46 -47.70 -29.53
C ALA C 28 7.20 -46.63 -30.35
N GLU C 29 7.38 -45.44 -29.78
CA GLU C 29 7.90 -44.26 -30.52
C GLU C 29 9.41 -44.38 -30.71
N PHE C 30 10.18 -44.99 -29.80
CA PHE C 30 11.63 -45.20 -30.01
C PHE C 30 11.86 -46.34 -31.00
N THR C 31 10.91 -47.27 -31.16
CA THR C 31 10.95 -48.25 -32.25
C THR C 31 10.61 -47.56 -33.57
N HIS C 32 9.58 -46.73 -33.61
CA HIS C 32 9.24 -45.93 -34.83
C HIS C 32 10.47 -45.15 -35.32
N GLU C 33 11.18 -44.52 -34.39
CA GLU C 33 12.40 -43.71 -34.72
C GLU C 33 13.65 -44.58 -34.89
N ARG C 34 13.55 -45.92 -34.76
CA ARG C 34 14.57 -46.95 -35.10
C ARG C 34 15.81 -46.83 -34.19
N LEU C 35 15.59 -46.35 -32.98
CA LEU C 35 16.57 -46.38 -31.86
C LEU C 35 16.57 -47.80 -31.30
N LEU C 36 15.40 -48.42 -31.19
CA LEU C 36 15.21 -49.85 -30.80
C LEU C 36 14.80 -50.64 -32.06
N THR C 37 15.33 -51.84 -32.18
CA THR C 37 14.90 -52.92 -33.12
C THR C 37 14.42 -54.10 -32.30
N PRO C 38 13.13 -54.15 -31.95
CA PRO C 38 12.56 -55.28 -31.22
C PRO C 38 12.79 -56.59 -31.99
N GLU C 39 13.17 -57.66 -31.28
CA GLU C 39 13.31 -59.03 -31.85
C GLU C 39 12.01 -59.80 -31.66
N ARG C 40 11.45 -60.35 -32.75
CA ARG C 40 10.28 -61.27 -32.78
C ARG C 40 10.62 -62.52 -31.97
N GLU C 41 9.74 -62.95 -31.06
CA GLU C 41 9.93 -64.16 -30.21
C GLU C 41 8.74 -65.12 -30.34
N PRO C 42 8.96 -66.43 -30.06
CA PRO C 42 8.22 -67.52 -30.71
C PRO C 42 6.70 -67.36 -30.68
N ASP C 43 6.01 -67.77 -31.76
CA ASP C 43 4.56 -67.54 -32.01
C ASP C 43 3.74 -67.95 -30.78
N ASP C 44 3.40 -66.96 -29.94
CA ASP C 44 2.51 -67.00 -28.75
C ASP C 44 1.12 -67.50 -29.18
N GLY C 45 0.22 -66.61 -29.62
CA GLY C 45 -1.10 -66.92 -30.19
C GLY C 45 -1.12 -66.77 -31.71
N GLY C 46 -0.70 -65.60 -32.21
CA GLY C 46 -0.76 -65.21 -33.65
C GLY C 46 -0.26 -63.80 -33.94
N GLY C 47 -0.73 -62.79 -33.19
CA GLY C 47 -0.51 -61.34 -33.40
C GLY C 47 0.55 -60.74 -32.47
N GLN C 48 1.63 -61.52 -32.21
CA GLN C 48 3.09 -61.20 -32.20
C GLN C 48 3.62 -60.66 -30.84
N THR C 49 4.58 -61.40 -30.25
CA THR C 49 5.43 -61.05 -29.06
C THR C 49 6.86 -60.61 -29.44
N TYR C 50 7.39 -59.57 -28.78
CA TYR C 50 8.71 -58.95 -29.10
C TYR C 50 9.54 -58.71 -27.84
N VAL C 51 10.83 -58.56 -28.03
CA VAL C 51 11.79 -58.31 -26.91
C VAL C 51 12.73 -57.18 -27.31
N VAL C 52 12.95 -56.24 -26.37
CA VAL C 52 13.97 -55.15 -26.41
C VAL C 52 14.91 -55.30 -25.22
N ARG C 53 16.23 -55.32 -25.46
CA ARG C 53 17.24 -55.54 -24.40
C ARG C 53 17.94 -54.23 -24.02
N SER C 54 18.53 -54.18 -22.83
CA SER C 54 19.31 -53.03 -22.31
C SER C 54 20.60 -52.90 -23.14
N ASP C 55 21.26 -51.75 -23.06
CA ASP C 55 22.69 -51.59 -23.44
C ASP C 55 23.41 -52.87 -23.04
N ASP C 56 23.16 -53.34 -21.80
CA ASP C 56 23.74 -54.55 -21.13
C ASP C 56 23.50 -55.86 -21.88
N GLY C 57 22.27 -56.14 -22.30
CA GLY C 57 21.80 -57.50 -22.59
C GLY C 57 21.10 -58.16 -21.40
N GLN C 58 21.40 -57.71 -20.17
CA GLN C 58 20.93 -58.32 -18.89
C GLN C 58 19.43 -57.99 -18.64
N THR C 59 18.93 -56.85 -19.06
CA THR C 59 17.51 -56.50 -18.75
C THR C 59 16.68 -56.63 -20.03
N ALA C 60 15.60 -57.43 -20.06
CA ALA C 60 14.74 -57.65 -21.25
C ALA C 60 13.36 -57.01 -21.05
N TYR C 61 12.86 -56.29 -22.06
CA TYR C 61 11.47 -55.77 -22.12
C TYR C 61 10.68 -56.56 -23.17
N ARG C 62 9.63 -57.25 -22.74
CA ARG C 62 8.77 -58.09 -23.64
C ARG C 62 7.39 -57.44 -23.72
N PHE C 63 6.74 -57.55 -24.85
CA PHE C 63 5.43 -56.92 -25.10
C PHE C 63 4.82 -57.56 -26.33
N THR C 64 3.54 -57.31 -26.55
CA THR C 64 2.89 -57.58 -27.84
C THR C 64 2.65 -56.24 -28.53
N ALA C 65 2.68 -56.23 -29.85
CA ALA C 65 2.30 -55.04 -30.61
C ALA C 65 1.72 -55.46 -31.95
N THR C 66 0.77 -54.67 -32.42
CA THR C 66 0.32 -54.70 -33.83
C THR C 66 1.13 -53.63 -34.53
N VAL C 67 1.75 -53.95 -35.65
CA VAL C 67 2.51 -52.98 -36.47
C VAL C 67 1.58 -52.51 -37.58
N ARG C 68 1.27 -51.23 -37.64
CA ARG C 68 0.29 -50.60 -38.59
C ARG C 68 1.05 -49.73 -39.60
N ALA C 69 0.31 -49.04 -40.49
CA ALA C 69 0.94 -48.22 -41.53
C ALA C 69 1.85 -47.14 -40.90
N LEU C 70 2.88 -46.73 -41.63
CA LEU C 70 3.88 -45.70 -41.22
C LEU C 70 4.71 -46.26 -40.06
N ASP C 71 5.00 -47.58 -40.09
CA ASP C 71 5.97 -48.24 -39.17
C ASP C 71 5.54 -47.78 -37.76
N HIS C 72 4.23 -47.89 -37.50
CA HIS C 72 3.53 -47.59 -36.22
C HIS C 72 3.39 -48.85 -35.35
N TRP C 73 3.92 -48.78 -34.15
CA TRP C 73 4.03 -49.93 -33.23
C TRP C 73 2.97 -49.78 -32.15
N GLN C 74 1.82 -50.43 -32.30
CA GLN C 74 0.70 -50.38 -31.31
C GLN C 74 1.02 -51.40 -30.24
N VAL C 75 1.85 -50.96 -29.30
CA VAL C 75 2.37 -51.78 -28.18
C VAL C 75 1.21 -51.86 -27.18
N ASP C 76 0.88 -53.05 -26.71
CA ASP C 76 -0.23 -53.25 -25.74
C ASP C 76 0.35 -52.91 -24.37
N ALA C 77 -0.18 -51.88 -23.73
CA ALA C 77 0.18 -51.48 -22.35
C ALA C 77 0.19 -52.67 -21.37
N ALA C 78 -0.89 -53.46 -21.31
CA ALA C 78 -1.07 -54.57 -20.34
C ALA C 78 0.02 -55.65 -20.51
N SER C 79 0.59 -55.78 -21.71
CA SER C 79 1.52 -56.87 -22.11
C SER C 79 2.94 -56.59 -21.64
N VAL C 80 3.31 -55.37 -21.28
CA VAL C 80 4.75 -55.04 -21.05
C VAL C 80 5.26 -55.68 -19.75
N THR C 81 6.36 -56.39 -19.86
CA THR C 81 7.07 -57.03 -18.73
C THR C 81 8.56 -56.72 -18.86
N ARG C 82 9.29 -56.91 -17.77
CA ARG C 82 10.72 -56.61 -17.57
C ARG C 82 11.37 -57.79 -16.83
N HIS C 83 12.54 -58.27 -17.28
CA HIS C 83 13.21 -59.49 -16.78
C HIS C 83 14.72 -59.28 -16.68
N ARG C 84 15.37 -59.90 -15.70
CA ARG C 84 16.83 -59.82 -15.44
C ARG C 84 17.21 -60.99 -14.51
N ASP C 85 18.29 -61.71 -14.85
CA ASP C 85 18.80 -62.80 -13.98
C ASP C 85 17.65 -63.78 -13.74
N GLY C 86 16.75 -64.01 -14.71
CA GLY C 86 15.67 -65.02 -14.60
C GLY C 86 14.37 -64.49 -13.97
N ALA C 87 14.36 -63.34 -13.30
CA ALA C 87 13.22 -62.85 -12.48
C ALA C 87 12.50 -61.68 -13.16
N GLU C 88 11.18 -61.60 -13.02
CA GLU C 88 10.35 -60.44 -13.44
C GLU C 88 10.66 -59.27 -12.50
N LEU C 89 10.64 -58.00 -13.00
CA LEU C 89 10.94 -56.76 -12.21
C LEU C 89 9.85 -55.73 -12.46
N PRO C 90 9.55 -54.80 -11.54
CA PRO C 90 8.51 -53.81 -11.80
C PRO C 90 8.90 -52.89 -12.96
N LEU C 91 7.92 -52.42 -13.74
CA LEU C 91 8.12 -51.48 -14.85
C LEU C 91 8.47 -50.11 -14.30
N ALA C 92 9.60 -49.53 -14.68
CA ALA C 92 10.18 -48.34 -14.00
C ALA C 92 10.91 -47.48 -15.02
N ALA C 93 10.26 -46.40 -15.41
CA ALA C 93 10.62 -45.53 -16.54
C ALA C 93 12.06 -45.05 -16.33
N LEU C 94 12.39 -44.59 -15.11
CA LEU C 94 13.77 -44.13 -14.82
C LEU C 94 14.73 -45.27 -15.18
N ASP C 95 14.45 -46.52 -14.82
CA ASP C 95 15.44 -47.62 -15.03
C ASP C 95 15.56 -47.90 -16.53
N PHE C 96 14.45 -47.80 -17.23
CA PHE C 96 14.39 -47.93 -18.70
C PHE C 96 15.46 -47.03 -19.34
N PHE C 97 15.53 -45.76 -18.92
CA PHE C 97 16.36 -44.75 -19.63
C PHE C 97 17.83 -44.96 -19.26
N ILE C 98 18.10 -45.27 -17.99
CA ILE C 98 19.50 -45.53 -17.54
C ILE C 98 20.02 -46.75 -18.31
N GLU C 99 19.15 -47.74 -18.51
CA GLU C 99 19.50 -49.06 -19.07
C GLU C 99 19.71 -48.96 -20.58
N LEU C 100 19.09 -47.99 -21.24
CA LEU C 100 19.11 -47.85 -22.72
C LEU C 100 19.72 -46.49 -23.08
N LYS C 101 20.49 -45.93 -22.15
CA LYS C 101 21.18 -44.64 -22.27
C LYS C 101 21.89 -44.57 -23.64
N GLN C 102 22.82 -45.49 -23.88
CA GLN C 102 23.70 -45.50 -25.07
C GLN C 102 22.89 -45.86 -26.32
N THR C 103 21.98 -46.83 -26.23
CA THR C 103 21.01 -47.19 -27.30
C THR C 103 20.29 -45.93 -27.78
N LEU C 104 19.95 -45.03 -26.85
CA LEU C 104 19.04 -43.90 -27.13
C LEU C 104 19.82 -42.64 -27.45
N GLY C 105 21.15 -42.70 -27.32
CA GLY C 105 22.06 -41.56 -27.52
C GLY C 105 21.91 -40.50 -26.46
N LEU C 106 21.59 -40.86 -25.22
CA LEU C 106 21.51 -39.85 -24.12
C LEU C 106 22.92 -39.62 -23.59
N SER C 107 23.44 -38.39 -23.74
CA SER C 107 24.74 -37.94 -23.18
C SER C 107 24.65 -38.03 -21.64
N ASP C 108 25.78 -38.14 -20.98
CA ASP C 108 25.96 -37.94 -19.51
C ASP C 108 25.37 -36.60 -19.08
N GLU C 109 25.45 -35.57 -19.91
CA GLU C 109 24.99 -34.20 -19.55
C GLU C 109 23.46 -34.20 -19.53
N ILE C 110 22.82 -34.88 -20.48
CA ILE C 110 21.36 -34.70 -20.70
C ILE C 110 20.60 -35.67 -19.81
N LEU C 111 21.13 -36.88 -19.61
CA LEU C 111 20.38 -37.97 -18.92
C LEU C 111 19.70 -37.45 -17.63
N PRO C 112 20.44 -36.87 -16.66
CA PRO C 112 19.86 -36.55 -15.36
C PRO C 112 18.75 -35.52 -15.49
N VAL C 113 18.82 -34.65 -16.47
CA VAL C 113 17.80 -33.56 -16.65
C VAL C 113 16.64 -34.17 -17.40
N TYR C 114 16.94 -35.03 -18.36
CA TYR C 114 15.89 -35.78 -19.05
C TYR C 114 15.07 -36.57 -18.03
N LEU C 115 15.72 -37.18 -17.05
CA LEU C 115 14.98 -38.00 -16.06
C LEU C 115 14.10 -37.08 -15.21
N GLU C 116 14.47 -35.82 -15.01
CA GLU C 116 13.58 -34.90 -14.28
C GLU C 116 12.32 -34.72 -15.12
N GLU C 117 12.50 -34.57 -16.44
CA GLU C 117 11.39 -34.31 -17.39
C GLU C 117 10.47 -35.53 -17.42
N ILE C 118 11.04 -36.74 -17.35
CA ILE C 118 10.29 -38.01 -17.23
C ILE C 118 9.52 -37.99 -15.91
N SER C 119 10.21 -37.64 -14.82
CA SER C 119 9.71 -37.74 -13.43
C SER C 119 8.48 -36.84 -13.35
N SER C 120 8.63 -35.63 -13.86
CA SER C 120 7.58 -34.59 -13.93
C SER C 120 6.39 -35.07 -14.79
N THR C 121 6.66 -35.72 -15.94
CA THR C 121 5.61 -36.16 -16.91
C THR C 121 4.78 -37.23 -16.22
N LEU C 122 5.44 -38.13 -15.50
CA LEU C 122 4.80 -39.22 -14.70
C LEU C 122 3.92 -38.62 -13.60
N SER C 123 4.41 -37.61 -12.86
CA SER C 123 3.59 -36.92 -11.83
C SER C 123 2.32 -36.40 -12.45
N GLY C 124 2.42 -35.75 -13.60
CA GLY C 124 1.24 -35.20 -14.27
C GLY C 124 0.25 -36.31 -14.56
N THR C 125 0.73 -37.45 -15.03
CA THR C 125 -0.18 -38.57 -15.36
C THR C 125 -0.90 -38.98 -14.08
N CYS C 126 -0.16 -39.08 -12.98
CA CYS C 126 -0.70 -39.42 -11.64
C CYS C 126 -1.76 -38.40 -11.28
N TYR C 127 -1.50 -37.13 -11.53
CA TYR C 127 -2.50 -36.07 -11.25
C TYR C 127 -3.77 -36.36 -12.07
N LYS C 128 -3.58 -36.64 -13.36
CA LYS C 128 -4.69 -36.85 -14.31
C LYS C 128 -5.47 -38.09 -13.94
N LEU C 129 -4.82 -39.08 -13.32
CA LEU C 129 -5.52 -40.31 -12.89
C LEU C 129 -6.44 -40.04 -11.69
N THR C 130 -6.21 -39.01 -10.89
CA THR C 130 -7.07 -38.66 -9.71
C THR C 130 -8.33 -37.90 -10.14
N LYS C 131 -8.38 -37.34 -11.35
CA LYS C 131 -9.50 -36.51 -11.83
C LYS C 131 -10.70 -37.40 -12.16
N PRO C 132 -11.94 -36.85 -12.16
CA PRO C 132 -13.09 -37.58 -12.66
C PRO C 132 -12.79 -38.17 -14.05
N GLN C 133 -12.88 -39.50 -14.18
CA GLN C 133 -12.55 -40.27 -15.41
C GLN C 133 -13.76 -40.20 -16.34
N LEU C 134 -13.87 -39.18 -17.20
CA LEU C 134 -14.92 -39.04 -18.23
C LEU C 134 -14.58 -39.89 -19.44
N SER C 135 -15.54 -40.68 -19.89
CA SER C 135 -15.51 -41.41 -21.17
C SER C 135 -15.29 -40.39 -22.32
N SER C 136 -14.78 -40.88 -23.46
CA SER C 136 -14.79 -40.15 -24.75
C SER C 136 -16.21 -39.72 -25.12
N ALA C 137 -17.25 -40.54 -24.93
CA ALA C 137 -18.66 -40.20 -25.26
C ALA C 137 -19.20 -39.05 -24.39
N GLU C 138 -18.98 -39.05 -23.07
CA GLU C 138 -19.39 -37.93 -22.18
C GLU C 138 -18.75 -36.60 -22.65
N LEU C 139 -17.44 -36.57 -22.85
CA LEU C 139 -16.69 -35.36 -23.28
C LEU C 139 -17.22 -34.83 -24.61
N ALA C 140 -17.47 -35.70 -25.57
CA ALA C 140 -18.12 -35.34 -26.85
C ALA C 140 -19.52 -34.76 -26.56
N ARG C 141 -20.32 -35.44 -25.76
CA ARG C 141 -21.70 -34.97 -25.52
C ARG C 141 -21.72 -33.62 -24.79
N SER C 142 -20.70 -33.23 -24.02
CA SER C 142 -20.66 -31.97 -23.19
C SER C 142 -20.71 -30.69 -24.06
N GLY C 143 -20.08 -30.71 -25.23
CA GLY C 143 -19.96 -29.54 -26.14
C GLY C 143 -19.15 -28.43 -25.51
N ASP C 144 -18.34 -28.76 -24.50
CA ASP C 144 -17.65 -27.79 -23.62
C ASP C 144 -16.19 -27.69 -24.10
N PHE C 145 -15.88 -26.57 -24.71
CA PHE C 145 -14.57 -26.25 -25.34
C PHE C 145 -13.47 -26.50 -24.29
N GLN C 146 -13.68 -25.97 -23.09
CA GLN C 146 -12.60 -25.94 -22.06
C GLN C 146 -12.60 -27.26 -21.27
N ALA C 147 -13.75 -27.90 -21.15
CA ALA C 147 -13.86 -29.31 -20.70
C ALA C 147 -12.98 -30.19 -21.61
N VAL C 148 -13.04 -30.01 -22.93
CA VAL C 148 -12.18 -30.81 -23.85
C VAL C 148 -10.70 -30.40 -23.68
N GLU C 149 -10.41 -29.10 -23.71
CA GLU C 149 -9.03 -28.56 -23.70
C GLU C 149 -8.29 -29.10 -22.48
N THR C 150 -8.94 -29.02 -21.32
CA THR C 150 -8.36 -29.41 -20.00
C THR C 150 -8.54 -30.89 -19.69
N GLY C 151 -9.46 -31.59 -20.37
CA GLY C 151 -9.65 -33.05 -20.31
C GLY C 151 -8.62 -33.84 -21.10
N MET C 152 -7.83 -33.20 -21.98
CA MET C 152 -6.82 -33.93 -22.78
C MET C 152 -5.80 -34.48 -21.79
N THR C 153 -5.26 -35.66 -22.07
CA THR C 153 -4.31 -36.36 -21.18
C THR C 153 -2.96 -36.57 -21.87
N GLU C 154 -2.92 -36.86 -23.16
CA GLU C 154 -1.69 -37.41 -23.80
C GLU C 154 -0.59 -36.34 -23.87
N GLY C 155 -0.94 -35.15 -24.36
CA GLY C 155 -0.01 -34.21 -24.97
C GLY C 155 0.48 -34.71 -26.31
N HIS C 156 1.57 -34.12 -26.80
CA HIS C 156 2.16 -34.44 -28.11
C HIS C 156 2.26 -35.95 -28.23
N PRO C 157 1.65 -36.55 -29.27
CA PRO C 157 1.53 -37.99 -29.35
C PRO C 157 2.85 -38.70 -29.68
N CYS C 158 3.88 -37.98 -30.14
CA CYS C 158 5.20 -38.56 -30.46
C CYS C 158 6.19 -38.43 -29.32
N PHE C 159 6.41 -37.20 -28.81
CA PHE C 159 7.43 -36.93 -27.76
C PHE C 159 7.04 -37.71 -26.50
N VAL C 160 8.01 -38.41 -25.91
CA VAL C 160 7.80 -39.20 -24.66
C VAL C 160 7.84 -38.28 -23.41
N ALA C 161 8.91 -37.48 -23.30
CA ALA C 161 9.19 -36.46 -22.26
C ALA C 161 8.52 -35.13 -22.62
N ASN C 162 7.19 -35.13 -22.68
CA ASN C 162 6.41 -34.11 -23.39
C ASN C 162 5.78 -33.15 -22.40
N ASN C 163 5.63 -33.54 -21.14
CA ASN C 163 4.82 -32.73 -20.22
C ASN C 163 5.70 -32.41 -19.00
N GLY C 164 6.94 -32.00 -19.22
CA GLY C 164 7.93 -31.71 -18.16
C GLY C 164 7.59 -30.46 -17.32
N ARG C 165 7.22 -29.35 -17.96
CA ARG C 165 6.99 -28.05 -17.26
C ARG C 165 8.09 -27.81 -16.20
N LEU C 166 9.38 -28.01 -16.50
CA LEU C 166 10.43 -27.91 -15.46
C LEU C 166 10.65 -26.44 -15.13
N GLY C 167 10.67 -26.14 -13.84
CA GLY C 167 10.55 -24.81 -13.27
C GLY C 167 9.36 -24.71 -12.34
N PHE C 168 8.28 -25.47 -12.59
CA PHE C 168 7.11 -25.56 -11.68
C PHE C 168 7.48 -26.45 -10.50
N GLY C 169 7.43 -25.87 -9.32
CA GLY C 169 7.37 -26.63 -8.06
C GLY C 169 6.00 -27.27 -8.02
N ILE C 170 5.76 -28.17 -7.08
CA ILE C 170 4.48 -28.94 -7.04
C ILE C 170 3.28 -27.97 -6.94
N HIS C 171 3.31 -26.99 -6.04
CA HIS C 171 2.26 -25.95 -5.77
C HIS C 171 1.97 -25.18 -7.08
N GLU C 172 2.99 -25.01 -7.93
CA GLU C 172 2.90 -24.22 -9.18
C GLU C 172 2.24 -25.12 -10.26
N TYR C 173 2.66 -26.40 -10.30
CA TYR C 173 2.00 -27.45 -11.11
C TYR C 173 0.49 -27.39 -10.84
N LEU C 174 0.10 -27.46 -9.58
CA LEU C 174 -1.33 -27.49 -9.16
C LEU C 174 -2.04 -26.17 -9.52
N SER C 175 -1.35 -25.04 -9.64
CA SER C 175 -1.95 -23.72 -10.00
C SER C 175 -1.99 -23.48 -11.50
N TYR C 176 -1.03 -24.01 -12.27
CA TYR C 176 -0.71 -23.47 -13.62
C TYR C 176 -0.83 -24.53 -14.72
N ALA C 177 -0.81 -25.83 -14.38
CA ALA C 177 -0.91 -26.88 -15.42
C ALA C 177 -2.29 -26.91 -16.08
N PRO C 178 -2.35 -26.98 -17.43
CA PRO C 178 -3.61 -27.01 -18.15
C PRO C 178 -4.56 -28.06 -17.59
N GLU C 179 -4.04 -29.27 -17.33
CA GLU C 179 -4.86 -30.40 -16.88
C GLU C 179 -5.48 -30.14 -15.51
N THR C 180 -5.08 -29.11 -14.75
CA THR C 180 -5.71 -28.83 -13.42
C THR C 180 -6.98 -27.98 -13.58
N ALA C 181 -7.16 -27.34 -14.73
CA ALA C 181 -8.24 -26.36 -14.95
C ALA C 181 -8.26 -25.33 -13.82
N SER C 182 -7.12 -25.04 -13.18
CA SER C 182 -7.01 -23.99 -12.12
C SER C 182 -7.25 -22.63 -12.74
N PRO C 183 -8.17 -21.82 -12.25
CA PRO C 183 -8.29 -20.42 -12.68
C PRO C 183 -7.02 -19.57 -12.40
N VAL C 184 -6.57 -18.78 -13.37
CA VAL C 184 -5.34 -17.97 -13.15
C VAL C 184 -5.70 -16.50 -13.37
N ARG C 185 -5.22 -15.64 -12.50
CA ARG C 185 -5.32 -14.18 -12.73
C ARG C 185 -3.97 -13.70 -13.25
N LEU C 186 -4.02 -13.00 -14.38
CA LEU C 186 -2.83 -12.37 -14.98
C LEU C 186 -2.40 -11.17 -14.14
N VAL C 187 -1.08 -10.99 -14.11
CA VAL C 187 -0.42 -9.89 -13.42
C VAL C 187 -0.15 -8.87 -14.51
N TRP C 188 -0.53 -7.64 -14.27
CA TRP C 188 -0.35 -6.53 -15.23
C TRP C 188 0.79 -5.62 -14.74
N LEU C 189 1.67 -5.28 -15.67
CA LEU C 189 2.82 -4.34 -15.48
C LEU C 189 2.60 -3.11 -16.34
N ALA C 190 3.02 -1.97 -15.83
CA ALA C 190 3.28 -0.77 -16.65
C ALA C 190 4.72 -0.89 -17.12
N ALA C 191 4.94 -0.72 -18.41
CA ALA C 191 6.27 -0.85 -19.04
C ALA C 191 6.57 0.46 -19.73
N HIS C 192 7.64 1.15 -19.35
CA HIS C 192 8.10 2.46 -19.90
C HIS C 192 8.35 2.37 -21.42
N ARG C 193 7.95 3.37 -22.20
CA ARG C 193 7.96 3.37 -23.68
C ARG C 193 9.39 3.52 -24.23
N SER C 194 10.35 3.91 -23.40
CA SER C 194 11.80 3.83 -23.70
C SER C 194 12.18 2.35 -23.92
N ARG C 195 11.41 1.39 -23.46
CA ARG C 195 11.79 -0.05 -23.55
C ARG C 195 10.66 -0.97 -24.01
N ALA C 196 9.41 -0.50 -24.09
CA ALA C 196 8.29 -1.38 -24.50
C ALA C 196 7.65 -0.82 -25.77
N ALA C 197 7.22 -1.71 -26.66
CA ALA C 197 6.62 -1.38 -27.96
C ALA C 197 5.34 -2.20 -28.09
N PHE C 198 4.24 -1.52 -28.44
CA PHE C 198 2.93 -2.15 -28.72
C PHE C 198 2.71 -2.09 -30.23
N THR C 199 2.33 -3.22 -30.84
CA THR C 199 2.06 -3.37 -32.29
C THR C 199 0.65 -3.86 -32.49
N ALA C 200 -0.10 -3.17 -33.34
CA ALA C 200 -1.56 -3.36 -33.54
C ALA C 200 -1.79 -3.88 -34.97
N GLY C 201 -2.57 -4.94 -35.12
CA GLY C 201 -3.10 -5.33 -36.43
C GLY C 201 -4.18 -4.36 -36.90
N VAL C 202 -4.63 -4.50 -38.16
CA VAL C 202 -5.63 -3.59 -38.77
C VAL C 202 -6.85 -3.60 -37.84
N GLY C 203 -7.41 -2.43 -37.55
CA GLY C 203 -8.65 -2.42 -36.77
C GLY C 203 -8.37 -2.30 -35.30
N ILE C 204 -7.09 -2.33 -34.90
CA ILE C 204 -6.70 -2.21 -33.47
C ILE C 204 -6.05 -0.84 -33.23
N GLU C 205 -6.50 -0.13 -32.21
CA GLU C 205 -5.78 1.01 -31.61
C GLU C 205 -5.77 0.76 -30.09
N TYR C 206 -4.66 1.15 -29.49
CA TYR C 206 -4.16 0.70 -28.18
C TYR C 206 -5.15 1.05 -27.05
N GLU C 207 -5.53 2.31 -26.94
CA GLU C 207 -6.37 2.81 -25.82
C GLU C 207 -7.72 2.07 -25.78
N SER C 208 -8.38 1.87 -26.91
CA SER C 208 -9.71 1.20 -26.92
C SER C 208 -9.48 -0.29 -26.71
N PHE C 209 -8.38 -0.81 -27.22
CA PHE C 209 -8.05 -2.25 -27.13
C PHE C 209 -7.91 -2.67 -25.67
N VAL C 210 -7.12 -1.94 -24.89
CA VAL C 210 -6.87 -2.31 -23.48
C VAL C 210 -8.13 -2.06 -22.67
N ARG C 211 -8.96 -1.08 -23.03
CA ARG C 211 -10.22 -0.80 -22.28
C ARG C 211 -11.20 -1.95 -22.52
N ASP C 212 -11.29 -2.45 -23.75
CA ASP C 212 -12.16 -3.59 -24.08
C ASP C 212 -11.74 -4.82 -23.27
N GLU C 213 -10.43 -5.02 -23.06
CA GLU C 213 -9.86 -6.28 -22.50
C GLU C 213 -9.95 -6.25 -20.98
N LEU C 214 -9.55 -5.12 -20.37
CA LEU C 214 -9.49 -4.95 -18.89
C LEU C 214 -10.74 -4.27 -18.31
N GLY C 215 -11.54 -3.60 -19.14
CA GLY C 215 -12.61 -2.67 -18.69
C GLY C 215 -12.03 -1.33 -18.30
N ALA C 216 -12.77 -0.28 -18.51
CA ALA C 216 -12.34 1.12 -18.28
C ALA C 216 -12.04 1.31 -16.78
N ALA C 217 -12.80 0.63 -15.90
CA ALA C 217 -12.59 0.69 -14.42
C ALA C 217 -11.18 0.20 -14.05
N THR C 218 -10.74 -0.91 -14.60
CA THR C 218 -9.42 -1.48 -14.23
C THR C 218 -8.32 -0.57 -14.81
N VAL C 219 -8.52 -0.06 -16.02
CA VAL C 219 -7.53 0.85 -16.66
C VAL C 219 -7.40 2.10 -15.78
N ASP C 220 -8.53 2.65 -15.33
CA ASP C 220 -8.59 3.84 -14.45
C ASP C 220 -7.83 3.54 -13.16
N ARG C 221 -8.08 2.38 -12.54
CA ARG C 221 -7.38 1.95 -11.30
C ARG C 221 -5.87 1.92 -11.57
N PHE C 222 -5.46 1.34 -12.70
CA PHE C 222 -4.03 1.22 -13.08
C PHE C 222 -3.46 2.62 -13.28
N HIS C 223 -4.19 3.50 -13.96
CA HIS C 223 -3.71 4.90 -14.12
C HIS C 223 -3.47 5.50 -12.72
N GLY C 224 -4.32 5.19 -11.74
CA GLY C 224 -4.16 5.73 -10.38
C GLY C 224 -2.91 5.23 -9.68
N VAL C 225 -2.60 3.93 -9.83
CA VAL C 225 -1.36 3.32 -9.28
C VAL C 225 -0.14 4.12 -9.76
N LEU C 226 -0.09 4.53 -11.03
CA LEU C 226 1.06 5.29 -11.61
C LEU C 226 1.08 6.76 -11.13
N ARG C 227 -0.09 7.40 -11.07
CA ARG C 227 -0.18 8.80 -10.61
C ARG C 227 0.26 8.83 -9.15
N GLY C 228 -0.20 7.85 -8.37
CA GLY C 228 0.20 7.62 -6.97
C GLY C 228 1.70 7.60 -6.74
N ARG C 229 2.51 7.01 -7.62
CA ARG C 229 4.00 6.97 -7.54
C ARG C 229 4.62 8.22 -8.19
N GLY C 230 3.77 9.15 -8.64
CA GLY C 230 4.18 10.38 -9.35
C GLY C 230 4.52 10.13 -10.81
N LEU C 231 3.96 9.07 -11.44
CA LEU C 231 4.31 8.67 -12.82
C LEU C 231 3.16 9.02 -13.74
N ASP C 232 3.49 9.36 -14.97
CA ASP C 232 2.54 9.73 -16.05
C ASP C 232 2.10 8.48 -16.81
N PRO C 233 0.81 8.06 -16.76
CA PRO C 233 0.36 6.91 -17.54
C PRO C 233 0.69 6.96 -19.04
N ALA C 234 0.82 8.14 -19.63
CA ALA C 234 1.18 8.34 -21.05
C ALA C 234 2.57 7.74 -21.33
N ASP C 235 3.36 7.53 -20.27
CA ASP C 235 4.79 7.13 -20.42
C ASP C 235 4.87 5.61 -20.50
N TYR C 236 3.74 4.90 -20.34
CA TYR C 236 3.76 3.45 -20.08
C TYR C 236 2.73 2.70 -20.91
N LEU C 237 3.09 1.45 -21.23
CA LEU C 237 2.29 0.44 -21.95
C LEU C 237 1.93 -0.72 -21.00
N LEU C 238 0.78 -1.34 -21.19
CA LEU C 238 0.31 -2.42 -20.30
C LEU C 238 0.85 -3.75 -20.85
N ILE C 239 1.53 -4.54 -20.01
CA ILE C 239 2.04 -5.90 -20.36
C ILE C 239 1.45 -6.83 -19.32
N PRO C 240 0.58 -7.77 -19.75
CA PRO C 240 0.18 -8.90 -18.91
C PRO C 240 1.22 -10.02 -18.88
N VAL C 241 1.30 -10.62 -17.71
CA VAL C 241 2.40 -11.51 -17.33
C VAL C 241 1.83 -12.74 -16.62
N HIS C 242 2.38 -13.91 -16.93
CA HIS C 242 2.20 -15.18 -16.18
C HIS C 242 2.63 -14.92 -14.74
N PRO C 243 1.79 -15.22 -13.73
CA PRO C 243 2.19 -15.08 -12.35
C PRO C 243 3.53 -15.79 -12.10
N TRP C 244 3.75 -16.98 -12.67
CA TRP C 244 5.04 -17.65 -12.43
C TRP C 244 6.19 -16.72 -12.86
N GLN C 245 6.03 -16.09 -14.02
CA GLN C 245 7.11 -15.30 -14.66
C GLN C 245 7.42 -14.13 -13.74
N TRP C 246 6.37 -13.46 -13.27
CA TRP C 246 6.50 -12.29 -12.36
C TRP C 246 7.22 -12.71 -11.08
N TRP C 247 6.74 -13.71 -10.35
CA TRP C 247 7.23 -14.03 -8.98
C TRP C 247 8.62 -14.70 -9.02
N ASN C 248 8.92 -15.52 -10.04
CA ASN C 248 10.16 -16.36 -10.11
C ASN C 248 11.26 -15.67 -10.92
N LYS C 249 10.91 -14.77 -11.83
CA LYS C 249 11.89 -14.23 -12.82
C LYS C 249 11.95 -12.71 -12.81
N LEU C 250 10.86 -12.01 -13.16
CA LEU C 250 10.96 -10.57 -13.50
C LEU C 250 11.31 -9.79 -12.23
N THR C 251 10.87 -10.27 -11.08
CA THR C 251 11.12 -9.60 -9.79
C THR C 251 12.57 -9.81 -9.36
N VAL C 252 13.30 -10.73 -9.99
CA VAL C 252 14.73 -11.04 -9.68
C VAL C 252 15.62 -10.69 -10.89
N THR C 253 15.48 -11.41 -11.98
CA THR C 253 16.25 -11.12 -13.22
C THR C 253 16.04 -9.66 -13.66
N PHE C 254 14.85 -9.09 -13.54
CA PHE C 254 14.58 -7.70 -14.02
C PHE C 254 14.37 -6.78 -12.81
N ALA C 255 14.91 -7.14 -11.67
CA ALA C 255 14.85 -6.29 -10.47
C ALA C 255 15.21 -4.85 -10.86
N ALA C 256 16.26 -4.63 -11.66
CA ALA C 256 16.75 -3.28 -11.98
C ALA C 256 15.60 -2.48 -12.61
N GLU C 257 14.75 -3.12 -13.41
CA GLU C 257 13.63 -2.48 -14.13
C GLU C 257 12.53 -2.12 -13.12
N VAL C 258 12.27 -3.00 -12.15
CA VAL C 258 11.23 -2.73 -11.12
C VAL C 258 11.70 -1.53 -10.30
N ALA C 259 12.91 -1.65 -9.73
CA ALA C 259 13.55 -0.64 -8.85
C ALA C 259 13.55 0.73 -9.53
N ARG C 260 13.88 0.80 -10.83
CA ARG C 260 14.05 2.09 -11.58
C ARG C 260 12.69 2.62 -12.05
N GLY C 261 11.65 1.82 -12.07
CA GLY C 261 10.34 2.28 -12.49
C GLY C 261 10.13 2.11 -13.99
N HIS C 262 11.04 1.42 -14.69
CA HIS C 262 10.84 0.93 -16.06
C HIS C 262 9.69 -0.08 -16.03
N LEU C 263 9.57 -0.84 -14.95
CA LEU C 263 8.46 -1.81 -14.71
C LEU C 263 7.79 -1.48 -13.37
N VAL C 264 6.47 -1.42 -13.40
CA VAL C 264 5.64 -1.13 -12.20
C VAL C 264 4.55 -2.20 -12.14
N CYS C 265 4.41 -2.84 -10.98
CA CYS C 265 3.36 -3.84 -10.67
C CYS C 265 2.02 -3.13 -10.46
N LEU C 266 1.03 -3.39 -11.31
CA LEU C 266 -0.31 -2.72 -11.26
C LEU C 266 -1.31 -3.55 -10.43
N GLY C 267 -1.12 -4.87 -10.31
CA GLY C 267 -2.08 -5.78 -9.66
C GLY C 267 -2.43 -6.97 -10.57
N GLU C 268 -3.35 -7.81 -10.10
CA GLU C 268 -4.01 -8.88 -10.89
C GLU C 268 -5.15 -8.22 -11.64
N GLY C 269 -5.45 -8.70 -12.83
CA GLY C 269 -6.74 -8.45 -13.48
C GLY C 269 -7.82 -9.35 -12.93
N ASP C 270 -9.06 -8.93 -13.10
CA ASP C 270 -10.23 -9.62 -12.52
C ASP C 270 -10.46 -10.95 -13.22
N ASP C 271 -10.34 -10.96 -14.53
CA ASP C 271 -10.88 -12.11 -15.29
C ASP C 271 -10.12 -13.38 -14.88
N GLU C 272 -10.82 -14.51 -14.81
CA GLU C 272 -10.20 -15.83 -14.61
C GLU C 272 -9.92 -16.45 -15.99
N TYR C 273 -8.68 -16.85 -16.20
CA TYR C 273 -8.14 -17.52 -17.41
C TYR C 273 -7.87 -18.99 -17.06
N LEU C 274 -7.93 -19.84 -18.07
CA LEU C 274 -7.46 -21.25 -18.00
C LEU C 274 -6.26 -21.41 -18.93
N ALA C 275 -5.20 -22.01 -18.44
CA ALA C 275 -4.04 -22.33 -19.30
C ALA C 275 -4.53 -23.31 -20.36
N GLN C 276 -4.04 -23.19 -21.58
CA GLN C 276 -4.38 -24.10 -22.68
C GLN C 276 -3.30 -25.18 -22.74
N GLN C 277 -3.47 -26.14 -23.63
CA GLN C 277 -2.46 -27.21 -23.85
C GLN C 277 -1.07 -26.59 -24.03
N SER C 278 -0.91 -25.38 -24.54
CA SER C 278 0.43 -24.77 -24.71
C SER C 278 1.01 -24.26 -23.37
N ILE C 279 0.21 -24.11 -22.31
CA ILE C 279 0.67 -23.81 -20.92
C ILE C 279 0.72 -22.30 -20.68
N ARG C 280 1.38 -21.55 -21.56
CA ARG C 280 1.56 -20.09 -21.40
C ARG C 280 0.54 -19.32 -22.24
N THR C 281 -0.38 -19.99 -22.91
CA THR C 281 -1.53 -19.34 -23.55
C THR C 281 -2.75 -19.53 -22.65
N PHE C 282 -3.50 -18.44 -22.41
CA PHE C 282 -4.62 -18.39 -21.45
C PHE C 282 -5.87 -18.08 -22.25
N PHE C 283 -6.93 -18.82 -22.02
CA PHE C 283 -8.27 -18.53 -22.56
C PHE C 283 -9.07 -17.81 -21.47
N ASN C 284 -9.88 -16.81 -21.81
CA ASN C 284 -10.62 -15.98 -20.81
C ASN C 284 -11.89 -16.75 -20.40
N ALA C 285 -11.87 -17.43 -19.26
CA ALA C 285 -13.02 -18.21 -18.75
C ALA C 285 -14.19 -17.31 -18.29
N SER C 286 -13.94 -16.11 -17.79
CA SER C 286 -14.97 -15.15 -17.33
C SER C 286 -15.68 -14.54 -18.54
N HIS C 287 -14.94 -14.20 -19.59
CA HIS C 287 -15.48 -13.54 -20.81
C HIS C 287 -14.93 -14.28 -22.03
N PRO C 288 -15.54 -15.43 -22.42
CA PRO C 288 -14.97 -16.30 -23.45
C PRO C 288 -14.73 -15.61 -24.81
N GLY C 289 -15.47 -14.52 -25.06
CA GLY C 289 -15.40 -13.72 -26.30
C GLY C 289 -14.17 -12.84 -26.39
N LYS C 290 -13.59 -12.47 -25.26
CA LYS C 290 -12.35 -11.68 -25.20
C LYS C 290 -11.14 -12.49 -25.71
N HIS C 291 -9.98 -11.85 -25.76
CA HIS C 291 -8.76 -12.43 -26.39
C HIS C 291 -8.11 -13.49 -25.49
N TYR C 292 -7.47 -14.49 -26.10
CA TYR C 292 -6.40 -15.25 -25.42
C TYR C 292 -5.22 -14.32 -25.20
N VAL C 293 -4.47 -14.56 -24.13
CA VAL C 293 -3.19 -13.86 -23.86
C VAL C 293 -2.11 -14.94 -23.87
N LYS C 294 -1.11 -14.74 -24.74
CA LYS C 294 0.11 -15.57 -24.78
C LYS C 294 1.21 -14.88 -23.97
N THR C 295 1.73 -15.54 -22.93
CA THR C 295 2.68 -14.94 -21.96
C THR C 295 4.08 -15.55 -22.17
N ALA C 296 5.09 -14.78 -21.79
CA ALA C 296 6.47 -15.26 -21.60
C ALA C 296 6.49 -16.17 -20.36
N LEU C 297 6.92 -17.43 -20.55
CA LEU C 297 7.12 -18.41 -19.46
C LEU C 297 8.46 -19.13 -19.62
N SER C 298 9.47 -18.71 -18.85
CA SER C 298 10.86 -19.29 -18.82
C SER C 298 10.87 -20.63 -18.06
N VAL C 299 10.12 -21.59 -18.59
CA VAL C 299 9.90 -22.97 -18.07
C VAL C 299 10.26 -23.92 -19.21
N LEU C 300 10.94 -25.05 -18.95
CA LEU C 300 11.34 -26.00 -20.03
C LEU C 300 10.14 -26.91 -20.31
N ASN C 301 9.65 -26.95 -21.56
CA ASN C 301 8.71 -28.03 -22.01
C ASN C 301 9.09 -28.52 -23.41
N MET C 302 9.30 -29.84 -23.56
CA MET C 302 9.29 -30.51 -24.90
C MET C 302 10.30 -29.85 -25.87
N GLY C 303 11.57 -29.75 -25.46
CA GLY C 303 12.67 -29.31 -26.35
C GLY C 303 12.88 -27.81 -26.47
N PHE C 304 12.09 -26.94 -25.78
CA PHE C 304 12.24 -25.45 -25.80
C PHE C 304 11.86 -24.82 -24.45
N MET C 305 12.56 -23.76 -24.05
CA MET C 305 12.07 -22.79 -23.02
C MET C 305 10.93 -22.00 -23.64
N ARG C 306 9.86 -21.76 -22.89
CA ARG C 306 8.59 -21.26 -23.43
C ARG C 306 8.50 -19.76 -23.24
N GLY C 307 9.61 -19.05 -23.34
CA GLY C 307 9.59 -17.59 -23.39
C GLY C 307 8.86 -17.10 -24.64
N LEU C 308 8.86 -15.78 -24.85
CA LEU C 308 8.25 -15.14 -26.03
C LEU C 308 9.17 -13.99 -26.43
N SER C 309 9.55 -13.95 -27.70
CA SER C 309 10.57 -13.02 -28.24
C SER C 309 9.97 -11.61 -28.37
N ALA C 310 10.59 -10.60 -27.75
CA ALA C 310 10.15 -9.20 -27.84
C ALA C 310 10.32 -8.76 -29.30
N ALA C 311 11.40 -9.19 -29.98
CA ALA C 311 11.74 -8.84 -31.39
C ALA C 311 10.67 -9.34 -32.38
N TYR C 312 10.19 -10.58 -32.27
CA TYR C 312 9.20 -11.15 -33.21
C TYR C 312 7.85 -10.41 -33.02
N MET C 313 7.60 -9.63 -31.97
CA MET C 313 6.24 -9.12 -31.66
C MET C 313 5.88 -8.05 -32.69
N GLU C 314 6.87 -7.25 -33.07
CA GLU C 314 6.74 -6.12 -34.02
C GLU C 314 6.01 -6.56 -35.29
N ALA C 315 6.37 -7.70 -35.88
CA ALA C 315 5.79 -8.18 -37.16
C ALA C 315 4.61 -9.13 -36.91
N THR C 316 4.41 -9.60 -35.69
CA THR C 316 3.44 -10.68 -35.43
C THR C 316 2.06 -10.32 -36.01
N PRO C 317 1.40 -9.19 -35.64
CA PRO C 317 0.12 -8.82 -36.26
C PRO C 317 0.09 -8.72 -37.80
N ALA C 318 1.05 -8.05 -38.41
CA ALA C 318 1.10 -7.86 -39.88
C ALA C 318 1.07 -9.22 -40.57
N ILE C 319 1.80 -10.20 -40.04
CA ILE C 319 1.90 -11.57 -40.63
C ILE C 319 0.51 -12.18 -40.58
N ASN C 320 -0.22 -11.96 -39.48
CA ASN C 320 -1.57 -12.53 -39.28
C ASN C 320 -2.54 -11.87 -40.26
N ASP C 321 -2.45 -10.55 -40.42
CA ASP C 321 -3.33 -9.78 -41.36
C ASP C 321 -3.15 -10.26 -42.81
N TRP C 322 -1.90 -10.42 -43.22
CA TRP C 322 -1.52 -10.93 -44.54
C TRP C 322 -2.14 -12.32 -44.67
N LEU C 323 -2.01 -13.19 -43.67
CA LEU C 323 -2.52 -14.58 -43.86
C LEU C 323 -4.05 -14.57 -43.96
N ALA C 324 -4.71 -13.74 -43.16
CA ALA C 324 -6.18 -13.70 -43.15
C ALA C 324 -6.61 -13.21 -44.53
N ARG C 325 -5.91 -12.24 -45.09
CA ARG C 325 -6.37 -11.62 -46.37
C ARG C 325 -6.18 -12.64 -47.47
N LEU C 326 -5.07 -13.36 -47.47
CA LEU C 326 -4.72 -14.41 -48.49
C LEU C 326 -5.84 -15.46 -48.49
N ILE C 327 -6.32 -15.82 -47.30
CA ILE C 327 -7.35 -16.86 -47.12
C ILE C 327 -8.68 -16.31 -47.64
N GLU C 328 -9.07 -15.08 -47.33
CA GLU C 328 -10.40 -14.60 -47.83
C GLU C 328 -10.33 -14.45 -49.36
N GLY C 329 -9.13 -14.21 -49.92
CA GLY C 329 -8.94 -14.06 -51.37
C GLY C 329 -8.95 -15.33 -52.19
N ASP C 330 -8.69 -16.50 -51.61
CA ASP C 330 -8.48 -17.78 -52.34
C ASP C 330 -9.77 -18.60 -52.46
N PRO C 331 -10.29 -18.89 -53.67
CA PRO C 331 -11.56 -19.62 -53.81
C PRO C 331 -11.57 -21.02 -53.15
N VAL C 332 -10.47 -21.76 -53.24
CA VAL C 332 -10.32 -23.11 -52.62
C VAL C 332 -10.34 -22.99 -51.10
N LEU C 333 -9.60 -22.06 -50.54
CA LEU C 333 -9.64 -21.85 -49.06
C LEU C 333 -11.03 -21.35 -48.62
N LYS C 334 -11.70 -20.48 -49.37
CA LYS C 334 -13.12 -20.21 -49.08
C LYS C 334 -13.97 -21.50 -49.08
N GLU C 335 -14.00 -22.35 -50.12
CA GLU C 335 -14.88 -23.57 -50.20
C GLU C 335 -14.77 -24.38 -48.88
N THR C 336 -13.56 -24.41 -48.38
CA THR C 336 -13.02 -25.19 -47.26
C THR C 336 -13.56 -24.69 -45.92
N GLY C 337 -13.81 -23.38 -45.77
CA GLY C 337 -14.23 -22.77 -44.51
C GLY C 337 -13.06 -22.35 -43.63
N LEU C 338 -11.81 -22.53 -44.08
CA LEU C 338 -10.60 -22.19 -43.31
C LEU C 338 -10.69 -20.74 -42.81
N SER C 339 -10.37 -20.56 -41.54
CA SER C 339 -10.06 -19.26 -40.92
C SER C 339 -8.88 -19.47 -39.96
N ILE C 340 -8.22 -18.39 -39.60
CA ILE C 340 -7.30 -18.35 -38.44
C ILE C 340 -7.97 -17.49 -37.38
N ILE C 341 -7.63 -17.71 -36.11
CA ILE C 341 -7.79 -16.64 -35.10
C ILE C 341 -6.50 -15.83 -35.04
N ARG C 342 -6.60 -14.57 -35.42
CA ARG C 342 -5.47 -13.67 -35.66
C ARG C 342 -4.77 -13.37 -34.34
N GLU C 343 -3.45 -13.39 -34.36
CA GLU C 343 -2.68 -12.60 -33.36
C GLU C 343 -2.93 -11.11 -33.65
N ARG C 344 -3.70 -10.43 -32.80
CA ARG C 344 -4.31 -9.10 -33.16
C ARG C 344 -3.41 -7.98 -32.65
N ALA C 345 -2.64 -8.23 -31.60
CA ALA C 345 -1.85 -7.21 -30.90
C ALA C 345 -0.75 -7.93 -30.15
N ALA C 346 0.32 -7.21 -29.90
CA ALA C 346 1.54 -7.72 -29.26
C ALA C 346 2.29 -6.55 -28.60
N VAL C 347 2.89 -6.86 -27.46
CA VAL C 347 3.81 -5.95 -26.76
C VAL C 347 5.07 -6.75 -26.45
N GLY C 348 6.21 -6.07 -26.60
CA GLY C 348 7.53 -6.62 -26.27
C GLY C 348 8.28 -5.64 -25.39
N TYR C 349 9.14 -6.18 -24.50
CA TYR C 349 10.04 -5.36 -23.65
C TYR C 349 11.48 -5.62 -24.09
N ARG C 350 12.23 -4.56 -24.32
CA ARG C 350 13.67 -4.65 -24.67
C ARG C 350 14.45 -4.37 -23.39
N HIS C 351 14.93 -5.42 -22.73
CA HIS C 351 15.88 -5.27 -21.63
C HIS C 351 17.21 -4.87 -22.26
N LEU C 352 17.53 -3.58 -22.22
CA LEU C 352 18.68 -3.00 -22.94
C LEU C 352 20.00 -3.63 -22.46
N GLU C 353 20.14 -3.87 -21.17
CA GLU C 353 21.42 -4.38 -20.60
C GLU C 353 21.59 -5.84 -21.02
N TYR C 354 20.53 -6.65 -20.96
CA TYR C 354 20.62 -8.07 -21.36
C TYR C 354 20.90 -8.21 -22.87
N GLU C 355 20.32 -7.38 -23.73
CA GLU C 355 20.68 -7.35 -25.17
C GLU C 355 22.19 -7.14 -25.32
N GLN C 356 22.79 -6.20 -24.55
CA GLN C 356 24.22 -5.85 -24.63
C GLN C 356 25.05 -7.06 -24.22
N ALA C 357 24.49 -7.99 -23.45
CA ALA C 357 25.21 -9.07 -22.73
C ALA C 357 24.98 -10.45 -23.35
N THR C 358 24.13 -10.55 -24.36
CA THR C 358 23.63 -11.86 -24.87
C THR C 358 23.57 -11.78 -26.40
N ASP C 359 23.67 -12.90 -27.10
CA ASP C 359 23.43 -12.87 -28.56
C ASP C 359 21.93 -12.88 -28.73
N ARG C 360 21.47 -12.72 -29.95
CA ARG C 360 20.06 -12.44 -30.28
C ARG C 360 19.25 -13.72 -30.09
N TYR C 361 19.91 -14.79 -29.74
CA TYR C 361 19.26 -16.11 -29.52
C TYR C 361 18.99 -16.36 -28.04
N SER C 362 19.41 -15.49 -27.13
CA SER C 362 19.41 -15.80 -25.68
C SER C 362 17.98 -15.92 -25.17
N PRO C 363 17.70 -16.85 -24.22
CA PRO C 363 16.40 -16.89 -23.56
C PRO C 363 16.17 -15.61 -22.75
N TYR C 364 17.23 -14.87 -22.42
CA TYR C 364 17.17 -13.58 -21.70
C TYR C 364 16.49 -12.51 -22.56
N ARG C 365 16.33 -12.75 -23.86
CA ARG C 365 15.59 -11.80 -24.74
C ARG C 365 14.14 -12.18 -24.90
N LYS C 366 13.65 -13.18 -24.15
CA LYS C 366 12.33 -13.84 -24.32
C LYS C 366 11.60 -13.92 -22.96
N MET C 367 11.98 -13.05 -22.02
CA MET C 367 11.45 -13.08 -20.63
C MET C 367 10.23 -12.18 -20.52
N LEU C 368 10.03 -11.23 -21.43
CA LEU C 368 8.94 -10.23 -21.23
C LEU C 368 8.39 -9.73 -22.57
N ALA C 369 7.23 -10.30 -22.89
CA ALA C 369 6.47 -10.08 -24.11
C ALA C 369 5.15 -10.80 -23.94
N ALA C 370 4.18 -10.44 -24.74
CA ALA C 370 2.84 -11.00 -24.76
C ALA C 370 2.19 -10.64 -26.08
N LEU C 371 1.24 -11.47 -26.48
CA LEU C 371 0.37 -11.16 -27.61
C LEU C 371 -1.05 -11.59 -27.25
N TRP C 372 -2.01 -10.98 -27.94
CA TRP C 372 -3.46 -11.26 -27.82
C TRP C 372 -3.92 -11.96 -29.09
N ARG C 373 -4.73 -13.00 -28.92
CA ARG C 373 -5.30 -13.74 -30.07
C ARG C 373 -6.84 -13.78 -29.94
N GLU C 374 -7.54 -13.60 -31.04
CA GLU C 374 -9.02 -13.67 -31.06
C GLU C 374 -9.49 -15.01 -30.50
N SER C 375 -10.53 -14.98 -29.67
CA SER C 375 -11.33 -16.18 -29.30
C SER C 375 -12.13 -16.59 -30.52
N PRO C 376 -12.21 -17.91 -30.80
CA PRO C 376 -13.10 -18.44 -31.83
C PRO C 376 -14.57 -18.38 -31.41
N VAL C 377 -14.83 -18.08 -30.15
CA VAL C 377 -16.17 -18.23 -29.51
C VAL C 377 -17.18 -17.33 -30.21
N PRO C 378 -16.91 -16.03 -30.48
CA PRO C 378 -17.91 -15.17 -31.12
C PRO C 378 -18.31 -15.64 -32.53
N SER C 379 -17.46 -16.42 -33.22
CA SER C 379 -17.70 -16.87 -34.60
C SER C 379 -18.67 -18.08 -34.68
N ILE C 380 -18.97 -18.81 -33.62
CA ILE C 380 -19.80 -20.05 -33.78
C ILE C 380 -21.29 -19.70 -33.71
N ARG C 381 -22.09 -20.37 -34.56
CA ARG C 381 -23.56 -20.27 -34.58
C ARG C 381 -24.05 -21.20 -33.47
N GLU C 382 -25.29 -21.02 -33.02
CA GLU C 382 -26.07 -22.01 -32.22
C GLU C 382 -25.99 -23.42 -32.84
N GLY C 383 -25.88 -24.47 -32.04
CA GLY C 383 -25.67 -25.81 -32.59
C GLY C 383 -24.21 -26.12 -32.84
N GLU C 384 -23.28 -25.20 -32.63
CA GLU C 384 -21.84 -25.45 -32.92
C GLU C 384 -21.04 -25.52 -31.62
N THR C 385 -19.98 -26.31 -31.63
CA THR C 385 -19.05 -26.46 -30.50
C THR C 385 -17.63 -26.48 -31.02
N LEU C 386 -16.68 -26.28 -30.13
CA LEU C 386 -15.24 -26.13 -30.39
C LEU C 386 -14.46 -27.25 -29.69
N ALA C 387 -13.37 -27.71 -30.31
CA ALA C 387 -12.49 -28.74 -29.74
C ALA C 387 -11.11 -28.66 -30.38
N THR C 388 -10.08 -28.69 -29.55
CA THR C 388 -8.69 -28.94 -29.98
C THR C 388 -8.74 -30.11 -30.98
N MET C 389 -8.07 -29.98 -32.13
CA MET C 389 -7.85 -31.13 -33.02
C MET C 389 -7.14 -32.23 -32.22
N ALA C 390 -6.38 -31.89 -31.17
CA ALA C 390 -5.71 -32.92 -30.31
C ALA C 390 -6.75 -33.96 -29.84
N SER C 391 -8.03 -33.62 -29.79
CA SER C 391 -9.08 -34.51 -29.21
C SER C 391 -9.26 -35.74 -30.12
N LEU C 392 -8.98 -35.60 -31.41
CA LEU C 392 -9.23 -36.66 -32.40
C LEU C 392 -8.38 -37.87 -32.04
N VAL C 393 -7.21 -37.63 -31.41
CA VAL C 393 -6.27 -38.74 -31.11
C VAL C 393 -6.30 -39.02 -29.61
N HIS C 394 -7.27 -38.46 -28.88
CA HIS C 394 -7.54 -38.73 -27.44
C HIS C 394 -8.17 -40.13 -27.27
N GLN C 395 -7.71 -40.89 -26.28
CA GLN C 395 -8.36 -42.17 -25.86
C GLN C 395 -8.69 -42.03 -24.37
N ASP C 396 -9.92 -42.32 -23.93
CA ASP C 396 -10.34 -42.19 -22.52
C ASP C 396 -9.67 -43.32 -21.71
N HIS C 397 -10.07 -43.46 -20.43
CA HIS C 397 -9.51 -44.46 -19.49
C HIS C 397 -9.80 -45.87 -19.98
N GLU C 398 -10.83 -46.11 -20.81
CA GLU C 398 -11.20 -47.44 -21.40
C GLU C 398 -10.61 -47.64 -22.81
N GLY C 399 -9.79 -46.73 -23.31
CA GLY C 399 -9.13 -46.88 -24.62
C GLY C 399 -9.95 -46.38 -25.79
N ALA C 400 -11.11 -45.78 -25.50
CA ALA C 400 -12.14 -45.37 -26.51
C ALA C 400 -11.75 -44.00 -27.11
N SER C 401 -11.63 -43.97 -28.43
CA SER C 401 -11.20 -42.79 -29.23
C SER C 401 -12.24 -41.67 -29.13
N PHE C 402 -11.81 -40.44 -28.94
CA PHE C 402 -12.76 -39.31 -28.96
C PHE C 402 -13.23 -39.10 -30.41
N ALA C 403 -12.38 -39.34 -31.42
CA ALA C 403 -12.81 -39.36 -32.84
C ALA C 403 -13.94 -40.37 -33.06
N GLY C 404 -13.73 -41.60 -32.60
CA GLY C 404 -14.79 -42.60 -32.58
C GLY C 404 -16.08 -42.02 -32.02
N ALA C 405 -16.04 -41.34 -30.88
CA ALA C 405 -17.28 -40.89 -30.21
C ALA C 405 -17.98 -39.83 -31.09
N LEU C 406 -17.20 -38.96 -31.77
CA LEU C 406 -17.74 -37.94 -32.72
C LEU C 406 -18.37 -38.69 -33.88
N ILE C 407 -17.76 -39.78 -34.34
CA ILE C 407 -18.32 -40.55 -35.47
C ILE C 407 -19.68 -41.07 -35.00
N GLU C 408 -19.75 -41.67 -33.81
CA GLU C 408 -20.98 -42.26 -33.18
C GLU C 408 -22.09 -41.19 -33.21
N ARG C 409 -21.85 -40.03 -32.57
CA ARG C 409 -22.76 -38.87 -32.47
C ARG C 409 -23.22 -38.47 -33.89
N SER C 410 -22.34 -38.43 -34.89
CA SER C 410 -22.63 -37.85 -36.22
C SER C 410 -23.70 -38.67 -36.95
N GLY C 411 -23.78 -39.97 -36.69
CA GLY C 411 -24.61 -40.90 -37.46
C GLY C 411 -24.07 -41.14 -38.86
N LEU C 412 -22.91 -40.63 -39.26
CA LEU C 412 -22.32 -40.89 -40.60
C LEU C 412 -21.44 -42.15 -40.54
N THR C 413 -21.12 -42.73 -41.70
CA THR C 413 -20.07 -43.75 -41.85
C THR C 413 -18.74 -43.14 -41.42
N PRO C 414 -17.82 -43.95 -40.86
CA PRO C 414 -16.48 -43.45 -40.57
C PRO C 414 -15.89 -42.65 -41.76
N THR C 415 -16.01 -43.15 -42.99
CA THR C 415 -15.35 -42.51 -44.15
C THR C 415 -16.06 -41.19 -44.52
N GLU C 416 -17.40 -41.09 -44.37
CA GLU C 416 -18.15 -39.83 -44.62
C GLU C 416 -17.65 -38.79 -43.61
N TRP C 417 -17.43 -39.24 -42.36
CA TRP C 417 -17.04 -38.38 -41.22
C TRP C 417 -15.66 -37.79 -41.50
N LEU C 418 -14.76 -38.67 -41.98
CA LEU C 418 -13.36 -38.38 -42.36
C LEU C 418 -13.28 -37.41 -43.54
N ARG C 419 -14.16 -37.55 -44.53
CA ARG C 419 -14.21 -36.61 -45.69
C ARG C 419 -14.42 -35.17 -45.16
N HIS C 420 -15.38 -34.96 -44.26
CA HIS C 420 -15.70 -33.60 -43.72
C HIS C 420 -14.45 -33.03 -42.98
N TYR C 421 -13.85 -33.80 -42.07
CA TYR C 421 -12.58 -33.48 -41.36
C TYR C 421 -11.43 -33.16 -42.36
N LEU C 422 -11.20 -34.04 -43.31
CA LEU C 422 -10.10 -33.85 -44.28
C LEU C 422 -10.34 -32.63 -45.17
N ARG C 423 -11.58 -32.37 -45.57
CA ARG C 423 -11.91 -31.19 -46.42
C ARG C 423 -11.61 -29.95 -45.59
N ALA C 424 -11.93 -29.94 -44.30
CA ALA C 424 -11.81 -28.75 -43.43
C ALA C 424 -10.35 -28.50 -43.02
N TYR C 425 -9.61 -29.55 -42.67
CA TYR C 425 -8.27 -29.50 -42.05
C TYR C 425 -7.14 -29.69 -43.07
N TYR C 426 -7.20 -30.77 -43.84
CA TYR C 426 -6.11 -31.29 -44.70
C TYR C 426 -6.09 -30.58 -46.09
N VAL C 427 -7.24 -30.33 -46.70
CA VAL C 427 -7.25 -29.70 -48.07
C VAL C 427 -6.63 -28.31 -48.00
N PRO C 428 -6.87 -27.44 -47.00
CA PRO C 428 -6.18 -26.16 -46.92
C PRO C 428 -4.66 -26.27 -46.92
N LEU C 429 -4.14 -27.28 -46.23
CA LEU C 429 -2.68 -27.49 -46.12
C LEU C 429 -2.13 -27.85 -47.49
N LEU C 430 -2.78 -28.77 -48.20
CA LEU C 430 -2.32 -29.15 -49.56
C LEU C 430 -2.32 -27.86 -50.39
N HIS C 431 -3.39 -27.06 -50.33
CA HIS C 431 -3.56 -25.90 -51.25
C HIS C 431 -2.60 -24.78 -50.86
N SER C 432 -2.35 -24.58 -49.56
CA SER C 432 -1.41 -23.55 -49.06
C SER C 432 -0.01 -23.87 -49.57
N PHE C 433 0.36 -25.14 -49.61
CA PHE C 433 1.67 -25.63 -50.10
C PHE C 433 1.81 -25.46 -51.63
N TYR C 434 0.87 -26.03 -52.38
CA TYR C 434 0.96 -26.03 -53.86
C TYR C 434 0.81 -24.60 -54.41
N ALA C 435 -0.07 -23.78 -53.85
CA ALA C 435 -0.44 -22.50 -54.50
C ALA C 435 0.44 -21.36 -53.97
N TYR C 436 0.84 -21.42 -52.72
CA TYR C 436 1.54 -20.29 -52.09
C TYR C 436 2.88 -20.72 -51.52
N ASP C 437 3.29 -22.00 -51.59
CA ASP C 437 4.50 -22.55 -50.89
C ASP C 437 4.42 -22.27 -49.39
N LEU C 438 3.19 -22.20 -48.87
CA LEU C 438 2.89 -21.85 -47.47
C LEU C 438 2.67 -23.13 -46.68
N VAL C 439 3.38 -23.23 -45.56
CA VAL C 439 3.29 -24.32 -44.56
C VAL C 439 3.00 -23.68 -43.19
N TYR C 440 2.39 -24.46 -42.30
CA TYR C 440 2.04 -24.08 -40.92
C TYR C 440 2.71 -25.05 -39.96
N MET C 441 2.30 -25.11 -38.71
CA MET C 441 2.70 -26.20 -37.77
C MET C 441 1.40 -26.85 -37.32
N PRO C 442 0.76 -27.65 -38.18
CA PRO C 442 -0.63 -28.03 -37.94
C PRO C 442 -0.85 -29.30 -37.11
N HIS C 443 -0.22 -29.41 -35.95
CA HIS C 443 -0.47 -30.53 -35.03
C HIS C 443 -1.77 -30.28 -34.30
N GLY C 444 -2.09 -31.15 -33.35
CA GLY C 444 -3.36 -31.15 -32.60
C GLY C 444 -3.56 -29.86 -31.83
N GLU C 445 -2.47 -29.30 -31.29
CA GLU C 445 -2.53 -28.13 -30.40
C GLU C 445 -2.74 -26.83 -31.20
N ASN C 446 -2.39 -26.80 -32.47
CA ASN C 446 -2.40 -25.56 -33.29
C ASN C 446 -3.66 -25.48 -34.16
N VAL C 447 -4.59 -26.41 -34.02
CA VAL C 447 -5.85 -26.39 -34.79
C VAL C 447 -7.00 -26.53 -33.79
N ILE C 448 -8.08 -25.78 -34.02
CA ILE C 448 -9.38 -25.94 -33.31
C ILE C 448 -10.41 -26.39 -34.32
N LEU C 449 -11.24 -27.35 -33.98
CA LEU C 449 -12.34 -27.81 -34.86
C LEU C 449 -13.65 -27.17 -34.41
N VAL C 450 -14.47 -26.77 -35.38
CA VAL C 450 -15.88 -26.34 -35.21
C VAL C 450 -16.74 -27.54 -35.57
N LEU C 451 -17.50 -28.01 -34.62
CA LEU C 451 -18.29 -29.25 -34.75
C LEU C 451 -19.78 -28.90 -34.70
N ALA C 452 -20.54 -29.55 -35.59
CA ALA C 452 -22.02 -29.53 -35.64
C ALA C 452 -22.49 -30.99 -35.66
N ASP C 453 -23.13 -31.45 -34.60
CA ASP C 453 -23.70 -32.82 -34.52
C ASP C 453 -22.57 -33.82 -34.72
N GLY C 454 -21.42 -33.64 -34.06
CA GLY C 454 -20.27 -34.57 -34.19
C GLY C 454 -19.48 -34.44 -35.49
N VAL C 455 -19.88 -33.58 -36.44
CA VAL C 455 -19.19 -33.40 -37.75
C VAL C 455 -18.28 -32.17 -37.70
N VAL C 456 -17.06 -32.30 -38.23
CA VAL C 456 -16.16 -31.15 -38.46
C VAL C 456 -16.75 -30.31 -39.60
N ARG C 457 -17.23 -29.11 -39.28
CA ARG C 457 -17.75 -28.11 -40.27
C ARG C 457 -16.61 -27.34 -40.93
N ARG C 458 -15.63 -26.89 -40.14
CA ARG C 458 -14.47 -26.05 -40.56
C ARG C 458 -13.39 -26.17 -39.46
N ALA C 459 -12.14 -25.90 -39.82
CA ALA C 459 -10.99 -25.91 -38.88
C ALA C 459 -10.55 -24.48 -38.72
N VAL C 460 -10.07 -24.13 -37.53
CA VAL C 460 -9.46 -22.79 -37.23
C VAL C 460 -8.00 -23.05 -36.91
N TYR C 461 -7.08 -22.45 -37.66
CA TYR C 461 -5.63 -22.57 -37.34
C TYR C 461 -5.27 -21.42 -36.39
N LYS C 462 -4.37 -21.68 -35.44
CA LYS C 462 -3.68 -20.66 -34.60
C LYS C 462 -2.18 -20.93 -34.55
N ASP C 463 -1.43 -20.12 -33.75
CA ASP C 463 0.07 -20.13 -33.63
C ASP C 463 0.59 -19.83 -35.04
N ILE C 464 0.55 -18.56 -35.47
CA ILE C 464 0.70 -18.18 -36.91
C ILE C 464 2.09 -17.55 -37.15
N ALA C 465 2.36 -16.42 -36.49
CA ALA C 465 3.52 -15.58 -36.80
C ALA C 465 4.80 -16.38 -36.56
N GLU C 466 4.87 -17.13 -35.45
CA GLU C 466 6.10 -17.91 -35.04
C GLU C 466 6.24 -19.26 -35.78
N GLU C 467 5.22 -19.74 -36.52
CA GLU C 467 5.21 -21.09 -37.16
C GLU C 467 5.18 -21.04 -38.68
N ILE C 468 4.47 -20.11 -39.32
CA ILE C 468 4.26 -20.21 -40.79
C ILE C 468 5.57 -19.93 -41.55
N ALA C 469 5.72 -20.52 -42.73
CA ALA C 469 6.88 -20.29 -43.62
C ALA C 469 6.41 -20.23 -45.07
N VAL C 470 7.13 -19.47 -45.90
CA VAL C 470 6.99 -19.50 -47.37
C VAL C 470 8.29 -20.03 -47.99
N MET C 471 8.16 -21.18 -48.67
CA MET C 471 9.28 -22.00 -49.20
C MET C 471 9.59 -21.51 -50.60
N ASP C 472 10.04 -20.26 -50.64
CA ASP C 472 10.51 -19.49 -51.81
C ASP C 472 11.30 -18.31 -51.24
N PRO C 473 12.65 -18.37 -51.30
CA PRO C 473 13.49 -17.29 -50.77
C PRO C 473 13.27 -15.92 -51.45
N ASP C 474 12.83 -15.90 -52.73
CA ASP C 474 12.54 -14.65 -53.48
C ASP C 474 11.04 -14.34 -53.49
N ALA C 475 10.23 -15.04 -52.71
CA ALA C 475 8.81 -14.68 -52.52
C ALA C 475 8.68 -13.15 -52.38
N VAL C 476 7.80 -12.54 -53.15
CA VAL C 476 7.48 -11.09 -53.00
C VAL C 476 6.41 -10.98 -51.91
N LEU C 477 6.83 -10.41 -50.80
CA LEU C 477 6.03 -10.29 -49.56
C LEU C 477 6.08 -8.83 -49.11
N PRO C 478 4.98 -8.32 -48.53
CA PRO C 478 5.01 -7.03 -47.86
C PRO C 478 6.26 -7.00 -46.99
N PRO C 479 7.05 -5.91 -46.97
CA PRO C 479 8.24 -5.81 -46.12
C PRO C 479 8.17 -6.48 -44.74
N GLU C 480 7.13 -6.19 -43.95
CA GLU C 480 6.99 -6.61 -42.53
C GLU C 480 6.81 -8.13 -42.40
N VAL C 481 6.44 -8.83 -43.46
CA VAL C 481 6.12 -10.29 -43.36
C VAL C 481 7.21 -11.15 -44.04
N SER C 482 8.19 -10.59 -44.74
CA SER C 482 9.18 -11.36 -45.55
C SER C 482 10.13 -12.21 -44.69
N ARG C 483 10.23 -11.97 -43.40
CA ARG C 483 11.03 -12.82 -42.49
C ARG C 483 10.43 -14.25 -42.46
N ILE C 484 9.18 -14.47 -42.87
CA ILE C 484 8.65 -15.85 -43.05
C ILE C 484 9.16 -16.50 -44.35
N ALA C 485 9.88 -15.84 -45.25
CA ALA C 485 10.38 -16.49 -46.48
C ALA C 485 11.55 -17.41 -46.12
N VAL C 486 11.49 -18.70 -46.44
CA VAL C 486 12.62 -19.60 -46.06
C VAL C 486 13.23 -20.20 -47.33
N ASP C 487 14.49 -20.60 -47.22
CA ASP C 487 15.15 -21.41 -48.26
C ASP C 487 15.29 -22.82 -47.71
N VAL C 488 14.66 -23.77 -48.35
CA VAL C 488 14.54 -25.20 -47.94
C VAL C 488 14.72 -26.00 -49.21
N PRO C 489 15.56 -27.06 -49.28
CA PRO C 489 15.74 -27.78 -50.53
C PRO C 489 14.41 -28.38 -51.01
N ASP C 490 14.31 -28.71 -52.28
CA ASP C 490 13.05 -29.19 -52.90
C ASP C 490 12.66 -30.56 -52.34
N ASP C 491 13.61 -31.50 -52.38
CA ASP C 491 13.97 -32.60 -51.44
C ASP C 491 13.05 -32.70 -50.21
N LYS C 492 12.92 -31.62 -49.45
CA LYS C 492 12.39 -31.69 -48.07
C LYS C 492 11.05 -30.93 -47.93
N LYS C 493 10.56 -30.27 -48.98
CA LYS C 493 9.42 -29.32 -48.92
C LYS C 493 8.15 -30.08 -48.54
N LEU C 494 7.90 -31.22 -49.18
CA LEU C 494 6.64 -31.95 -48.99
C LEU C 494 6.63 -32.66 -47.64
N LEU C 495 7.77 -32.73 -46.94
CA LEU C 495 7.86 -33.27 -45.55
C LEU C 495 6.95 -32.49 -44.60
N SER C 496 6.60 -31.26 -44.96
CA SER C 496 5.60 -30.47 -44.20
C SER C 496 4.29 -31.23 -44.06
N ILE C 497 3.88 -31.94 -45.10
CA ILE C 497 2.62 -32.74 -45.06
C ILE C 497 2.93 -34.15 -44.54
N PHE C 498 3.93 -34.82 -45.12
CA PHE C 498 4.26 -36.23 -44.80
C PHE C 498 4.63 -36.36 -43.32
N THR C 499 5.46 -35.46 -42.82
CA THR C 499 5.88 -35.51 -41.41
C THR C 499 4.77 -34.96 -40.52
N ASP C 500 4.37 -33.70 -40.69
CA ASP C 500 3.58 -32.99 -39.65
C ASP C 500 2.15 -33.50 -39.68
N VAL C 501 1.65 -33.85 -40.85
CA VAL C 501 0.28 -34.39 -40.93
C VAL C 501 0.29 -35.92 -40.84
N PHE C 502 1.04 -36.61 -41.71
CA PHE C 502 0.88 -38.08 -41.85
C PHE C 502 1.60 -38.77 -40.68
N ASP C 503 2.91 -38.55 -40.49
CA ASP C 503 3.67 -39.37 -39.52
C ASP C 503 3.38 -38.96 -38.05
N CYS C 504 3.04 -37.70 -37.77
CA CYS C 504 2.86 -37.18 -36.37
C CYS C 504 1.39 -36.96 -36.01
N PHE C 505 0.44 -37.26 -36.91
CA PHE C 505 -1.00 -37.09 -36.59
C PHE C 505 -1.87 -38.19 -37.20
N PHE C 506 -2.00 -38.25 -38.52
CA PHE C 506 -2.84 -39.30 -39.14
C PHE C 506 -2.42 -40.70 -38.66
N ARG C 507 -1.13 -40.99 -38.56
CA ARG C 507 -0.58 -42.29 -38.08
C ARG C 507 -1.29 -42.73 -36.79
N PHE C 508 -1.46 -41.81 -35.86
CA PHE C 508 -2.14 -42.07 -34.56
C PHE C 508 -3.64 -42.18 -34.75
N LEU C 509 -4.20 -41.31 -35.56
CA LEU C 509 -5.65 -41.30 -35.77
C LEU C 509 -6.09 -42.63 -36.44
N ALA C 510 -5.46 -43.02 -37.56
CA ALA C 510 -5.80 -44.22 -38.36
C ALA C 510 -5.70 -45.45 -37.44
N ALA C 511 -4.62 -45.53 -36.68
CA ALA C 511 -4.32 -46.62 -35.72
C ALA C 511 -5.41 -46.70 -34.61
N ASN C 512 -5.75 -45.62 -33.92
CA ASN C 512 -6.79 -45.70 -32.88
C ASN C 512 -8.12 -46.15 -33.52
N LEU C 513 -8.44 -45.68 -34.75
CA LEU C 513 -9.72 -46.01 -35.43
C LEU C 513 -9.70 -47.47 -35.90
N ALA C 514 -8.55 -47.99 -36.36
CA ALA C 514 -8.38 -49.43 -36.68
C ALA C 514 -8.45 -50.27 -35.37
N GLU C 515 -7.76 -49.91 -34.29
CA GLU C 515 -7.62 -50.83 -33.12
C GLU C 515 -8.98 -51.02 -32.46
N GLU C 516 -9.77 -49.97 -32.44
CA GLU C 516 -11.11 -49.96 -31.87
C GLU C 516 -12.12 -50.63 -32.82
N GLY C 517 -11.72 -51.05 -34.03
CA GLY C 517 -12.58 -51.72 -35.02
C GLY C 517 -13.64 -50.82 -35.66
N ILE C 518 -13.40 -49.51 -35.71
CA ILE C 518 -14.39 -48.56 -36.30
C ILE C 518 -14.24 -48.50 -37.82
N VAL C 519 -13.01 -48.57 -38.33
CA VAL C 519 -12.67 -48.46 -39.77
C VAL C 519 -11.22 -48.93 -40.00
N THR C 520 -11.01 -49.70 -41.06
CA THR C 520 -9.70 -50.27 -41.44
C THR C 520 -8.73 -49.19 -41.86
N GLU C 521 -7.45 -49.44 -41.70
CA GLU C 521 -6.39 -48.52 -42.22
C GLU C 521 -6.64 -48.30 -43.71
N ASP C 522 -6.96 -49.37 -44.45
CA ASP C 522 -7.19 -49.33 -45.92
C ASP C 522 -8.20 -48.21 -46.25
N ALA C 523 -9.37 -48.21 -45.59
CA ALA C 523 -10.45 -47.22 -45.80
C ALA C 523 -10.02 -45.83 -45.27
N PHE C 524 -9.35 -45.77 -44.12
CA PHE C 524 -8.73 -44.48 -43.69
C PHE C 524 -7.92 -43.86 -44.85
N TRP C 525 -6.96 -44.59 -45.43
CA TRP C 525 -5.94 -44.01 -46.36
C TRP C 525 -6.52 -43.83 -47.76
N ARG C 526 -7.41 -44.72 -48.22
CA ARG C 526 -8.25 -44.54 -49.43
C ARG C 526 -8.90 -43.17 -49.39
N THR C 527 -9.49 -42.81 -48.23
CA THR C 527 -10.24 -41.55 -48.04
C THR C 527 -9.29 -40.35 -48.16
N VAL C 528 -8.06 -40.47 -47.69
CA VAL C 528 -7.06 -39.37 -47.73
C VAL C 528 -6.66 -39.20 -49.19
N ALA C 529 -6.40 -40.33 -49.86
CA ALA C 529 -6.04 -40.39 -51.29
C ALA C 529 -7.09 -39.69 -52.12
N GLU C 530 -8.37 -39.99 -51.88
CA GLU C 530 -9.54 -39.52 -52.66
C GLU C 530 -9.69 -38.00 -52.55
N VAL C 531 -9.65 -37.50 -51.31
CA VAL C 531 -9.76 -36.05 -51.03
C VAL C 531 -8.57 -35.35 -51.69
N THR C 532 -7.39 -35.99 -51.62
CA THR C 532 -6.13 -35.49 -52.22
C THR C 532 -6.32 -35.39 -53.73
N ARG C 533 -6.79 -36.47 -54.37
CA ARG C 533 -7.01 -36.55 -55.84
C ARG C 533 -8.09 -35.52 -56.22
N GLU C 534 -9.15 -35.39 -55.42
CA GLU C 534 -10.26 -34.47 -55.76
C GLU C 534 -9.77 -33.04 -55.63
N TYR C 535 -9.00 -32.72 -54.59
CA TYR C 535 -8.37 -31.39 -54.51
C TYR C 535 -7.62 -31.14 -55.83
N GLN C 536 -6.77 -32.05 -56.29
CA GLN C 536 -5.87 -31.84 -57.46
C GLN C 536 -6.69 -31.72 -58.74
N GLU C 537 -7.76 -32.51 -58.87
CA GLU C 537 -8.67 -32.47 -60.06
C GLU C 537 -9.26 -31.09 -60.15
N SER C 538 -9.53 -30.41 -59.03
CA SER C 538 -10.25 -29.11 -58.99
C SER C 538 -9.31 -27.92 -59.29
N VAL C 539 -8.01 -28.16 -59.44
CA VAL C 539 -6.99 -27.10 -59.67
C VAL C 539 -5.97 -27.62 -60.70
N PRO C 540 -6.43 -27.94 -61.93
CA PRO C 540 -5.52 -28.37 -63.02
C PRO C 540 -4.36 -27.39 -63.29
N GLU C 541 -4.50 -26.11 -62.96
CA GLU C 541 -3.47 -25.08 -63.23
C GLU C 541 -2.17 -25.44 -62.50
N LEU C 542 -2.24 -26.24 -61.44
CA LEU C 542 -1.09 -26.62 -60.59
C LEU C 542 -0.65 -28.07 -60.88
N ALA C 543 -1.09 -28.66 -62.00
CA ALA C 543 -0.78 -30.04 -62.46
C ALA C 543 0.73 -30.31 -62.37
N ASP C 544 1.54 -29.43 -62.97
CA ASP C 544 3.03 -29.52 -63.08
C ASP C 544 3.65 -29.71 -61.69
N LYS C 545 3.13 -28.99 -60.71
CA LYS C 545 3.63 -28.92 -59.33
C LYS C 545 3.15 -30.18 -58.57
N PHE C 546 2.01 -30.75 -58.95
CA PHE C 546 1.49 -31.97 -58.27
C PHE C 546 2.42 -33.12 -58.64
N GLU C 547 2.95 -33.08 -59.85
CA GLU C 547 3.90 -34.11 -60.38
C GLU C 547 5.28 -33.93 -59.75
N ARG C 548 5.73 -32.68 -59.60
CA ARG C 548 7.08 -32.32 -59.08
C ARG C 548 7.18 -32.71 -57.60
N TYR C 549 6.18 -32.33 -56.83
CA TYR C 549 6.08 -32.64 -55.38
C TYR C 549 4.93 -33.62 -55.21
N ASP C 550 5.24 -34.91 -55.33
CA ASP C 550 4.24 -35.99 -55.49
C ASP C 550 3.77 -36.47 -54.10
N MET C 551 2.49 -36.31 -53.81
CA MET C 551 1.80 -36.78 -52.58
C MET C 551 1.66 -38.32 -52.57
N PHE C 552 1.84 -38.97 -53.73
CA PHE C 552 1.69 -40.43 -53.93
C PHE C 552 3.05 -41.08 -54.23
N ALA C 553 4.15 -40.38 -54.01
CA ALA C 553 5.51 -40.96 -54.04
C ALA C 553 5.53 -42.28 -53.24
N PRO C 554 6.24 -43.33 -53.69
CA PRO C 554 6.34 -44.59 -52.94
C PRO C 554 6.78 -44.45 -51.48
N GLU C 555 7.66 -43.49 -51.22
CA GLU C 555 8.35 -43.29 -49.92
C GLU C 555 8.60 -41.81 -49.64
N PHE C 556 8.92 -41.52 -48.38
CA PHE C 556 9.43 -40.21 -47.92
C PHE C 556 10.22 -40.47 -46.64
N ALA C 557 11.02 -39.50 -46.23
CA ALA C 557 12.01 -39.69 -45.16
C ALA C 557 11.26 -39.88 -43.82
N LEU C 558 11.81 -40.75 -42.95
CA LEU C 558 11.38 -40.80 -41.54
C LEU C 558 12.05 -39.61 -40.86
N SER C 559 11.24 -38.67 -40.43
CA SER C 559 11.73 -37.57 -39.58
C SER C 559 11.41 -37.89 -38.12
N CYS C 560 12.44 -38.04 -37.27
CA CYS C 560 12.38 -38.50 -35.85
C CYS C 560 12.27 -37.32 -34.86
N LEU C 561 11.26 -37.31 -34.02
CA LEU C 561 10.95 -36.16 -33.16
C LEU C 561 11.70 -36.37 -31.84
N ASN C 562 11.60 -37.53 -31.20
CA ASN C 562 12.30 -37.81 -29.92
C ASN C 562 13.81 -37.63 -30.12
N ARG C 563 14.37 -38.08 -31.24
CA ARG C 563 15.82 -37.90 -31.55
C ARG C 563 16.25 -36.45 -31.37
N LEU C 564 15.43 -35.47 -31.79
CA LEU C 564 15.75 -34.03 -31.54
C LEU C 564 15.89 -33.75 -30.04
N GLN C 565 14.90 -34.12 -29.24
CA GLN C 565 14.92 -33.82 -27.79
C GLN C 565 16.04 -34.58 -27.05
N LEU C 566 16.36 -35.79 -27.52
CA LEU C 566 17.41 -36.62 -26.88
C LEU C 566 18.80 -36.03 -27.18
N ARG C 567 19.05 -35.46 -28.36
CA ARG C 567 20.34 -34.83 -28.74
C ARG C 567 20.47 -33.51 -27.93
N ASP C 568 19.38 -32.75 -27.74
CA ASP C 568 19.39 -31.44 -27.04
C ASP C 568 18.00 -31.14 -26.45
N ASN C 569 17.83 -31.29 -25.13
CA ASN C 569 16.48 -31.20 -24.48
C ASN C 569 16.10 -29.75 -24.13
N ARG C 570 17.00 -28.75 -24.26
CA ARG C 570 16.74 -27.32 -23.93
C ARG C 570 16.48 -26.47 -25.18
N GLN C 571 17.20 -26.70 -26.29
CA GLN C 571 16.86 -26.08 -27.60
C GLN C 571 17.06 -27.19 -28.63
N MET C 572 15.97 -27.93 -28.92
CA MET C 572 16.02 -29.20 -29.68
C MET C 572 16.15 -28.91 -31.16
N VAL C 573 15.90 -27.66 -31.54
CA VAL C 573 16.25 -27.09 -32.87
C VAL C 573 16.98 -25.77 -32.57
N ASP C 574 18.14 -25.57 -33.19
CA ASP C 574 18.78 -24.22 -33.25
C ASP C 574 17.89 -23.36 -34.16
N LEU C 575 17.23 -22.36 -33.56
CA LEU C 575 16.38 -21.36 -34.27
C LEU C 575 17.27 -20.45 -35.15
N ALA C 576 18.59 -20.69 -35.18
CA ALA C 576 19.61 -19.92 -35.93
C ALA C 576 20.38 -20.79 -36.95
N ASP C 577 19.76 -21.82 -37.54
CA ASP C 577 20.46 -22.78 -38.43
C ASP C 577 19.48 -23.25 -39.51
N PRO C 578 19.95 -23.47 -40.79
CA PRO C 578 19.07 -23.57 -41.97
C PRO C 578 18.23 -24.85 -42.04
N SER C 579 17.16 -24.90 -41.22
CA SER C 579 16.23 -26.04 -40.91
C SER C 579 16.99 -27.37 -40.69
N GLY C 580 18.30 -27.34 -40.36
CA GLY C 580 19.23 -28.47 -40.43
C GLY C 580 19.57 -29.06 -39.06
N ALA C 581 18.56 -29.24 -38.20
CA ALA C 581 18.57 -30.11 -37.00
C ALA C 581 17.71 -31.36 -37.28
N LEU C 582 16.97 -31.38 -38.40
CA LEU C 582 16.15 -32.56 -38.79
C LEU C 582 17.00 -33.83 -38.68
N GLN C 583 16.44 -34.88 -38.10
CA GLN C 583 17.11 -36.19 -37.99
C GLN C 583 16.34 -37.17 -38.87
N LEU C 584 16.75 -37.22 -40.12
CA LEU C 584 16.15 -38.07 -41.15
C LEU C 584 16.87 -39.40 -41.05
N VAL C 585 16.13 -40.47 -40.77
CA VAL C 585 16.67 -41.85 -40.60
C VAL C 585 15.88 -42.80 -41.51
N GLY C 586 16.36 -42.98 -42.76
CA GLY C 586 15.74 -43.80 -43.81
C GLY C 586 14.38 -43.28 -44.22
N THR C 587 13.55 -44.14 -44.79
CA THR C 587 12.27 -43.78 -45.43
C THR C 587 11.13 -44.56 -44.79
N LEU C 588 9.92 -44.05 -44.98
CA LEU C 588 8.64 -44.71 -44.62
C LEU C 588 7.92 -45.09 -45.92
N LYS C 589 7.14 -46.16 -45.89
CA LYS C 589 6.21 -46.51 -46.98
C LYS C 589 5.06 -45.50 -46.90
N ASN C 590 4.79 -44.81 -48.01
CA ASN C 590 3.69 -43.81 -48.10
C ASN C 590 2.40 -44.58 -48.19
N PRO C 591 1.42 -44.38 -47.28
CA PRO C 591 0.13 -45.03 -47.41
C PRO C 591 -0.59 -44.60 -48.69
N LEU C 592 -0.26 -43.45 -49.29
CA LEU C 592 -0.94 -43.00 -50.52
C LEU C 592 -0.31 -43.69 -51.75
N ALA C 593 0.81 -44.42 -51.63
CA ALA C 593 1.57 -44.95 -52.79
C ALA C 593 0.63 -45.79 -53.65
N GLY C 594 0.68 -45.61 -54.98
CA GLY C 594 -0.17 -46.32 -55.97
C GLY C 594 -1.60 -45.80 -55.97
N ARG C 595 -1.83 -44.58 -55.50
CA ARG C 595 -3.18 -43.97 -55.63
C ARG C 595 -3.04 -42.60 -56.29
N SER D 2 -31.89 38.05 16.39
CA SER D 2 -30.83 37.49 17.25
C SER D 2 -30.30 38.56 18.23
N LEU D 3 -30.35 38.27 19.52
CA LEU D 3 -29.83 39.17 20.56
C LEU D 3 -28.64 39.98 20.00
N ALA D 4 -28.89 41.28 19.97
CA ALA D 4 -27.90 42.35 20.15
C ALA D 4 -27.08 42.03 21.39
N ASP D 5 -27.64 41.33 22.37
CA ASP D 5 -26.96 41.10 23.67
C ASP D 5 -25.68 40.30 23.48
N ALA D 6 -25.66 39.36 22.53
CA ALA D 6 -24.52 38.45 22.34
C ALA D 6 -23.32 39.20 21.74
N VAL D 7 -23.55 40.27 20.98
CA VAL D 7 -22.43 40.99 20.30
C VAL D 7 -22.24 42.37 20.94
N ALA D 8 -22.85 42.63 22.08
CA ALA D 8 -22.86 43.93 22.78
C ALA D 8 -21.43 44.37 23.10
N HIS D 9 -20.51 43.45 23.34
CA HIS D 9 -19.09 43.77 23.65
C HIS D 9 -18.35 44.18 22.37
N LEU D 10 -18.86 43.82 21.19
CA LEU D 10 -18.26 44.21 19.89
C LEU D 10 -18.72 45.64 19.50
N THR D 11 -17.94 46.62 19.93
CA THR D 11 -18.08 48.07 19.65
C THR D 11 -16.78 48.64 19.07
N PRO D 12 -16.86 49.77 18.34
CA PRO D 12 -15.67 50.42 17.78
C PRO D 12 -14.53 50.69 18.78
N GLU D 13 -14.83 51.29 19.93
CA GLU D 13 -13.84 51.72 20.94
C GLU D 13 -13.20 50.47 21.59
N ARG D 14 -13.99 49.50 22.02
CA ARG D 14 -13.37 48.24 22.53
C ARG D 14 -12.57 47.53 21.44
N TRP D 15 -13.07 47.53 20.21
CA TRP D 15 -12.39 46.82 19.10
C TRP D 15 -11.05 47.49 18.86
N GLU D 16 -11.09 48.83 18.91
CA GLU D 16 -9.89 49.64 18.65
C GLU D 16 -8.85 49.38 19.77
N GLU D 17 -9.25 49.40 21.04
CA GLU D 17 -8.33 49.06 22.16
C GLU D 17 -7.77 47.62 22.03
N ALA D 18 -8.61 46.63 21.63
CA ALA D 18 -8.23 45.20 21.47
C ALA D 18 -7.09 45.08 20.43
N ASN D 19 -7.26 45.76 19.30
CA ASN D 19 -6.34 45.80 18.15
C ASN D 19 -5.04 46.44 18.64
N ARG D 20 -5.14 47.52 19.38
CA ARG D 20 -3.93 48.22 19.84
C ARG D 20 -3.15 47.22 20.74
N LEU D 21 -3.85 46.52 21.63
CA LEU D 21 -3.17 45.61 22.56
C LEU D 21 -2.48 44.47 21.79
N LEU D 22 -3.16 43.90 20.79
CA LEU D 22 -2.66 42.69 20.10
C LEU D 22 -1.50 43.08 19.17
N VAL D 23 -1.63 44.17 18.42
CA VAL D 23 -0.52 44.66 17.56
C VAL D 23 0.70 45.01 18.45
N ARG D 24 0.50 45.57 19.65
CA ARG D 24 1.62 45.85 20.57
C ARG D 24 2.35 44.53 20.84
N LYS D 25 1.58 43.48 21.07
CA LYS D 25 2.15 42.17 21.46
C LYS D 25 2.86 41.57 20.25
N ALA D 26 2.24 41.70 19.07
CA ALA D 26 2.76 41.16 17.80
C ALA D 26 4.12 41.82 17.55
N LEU D 27 4.21 43.14 17.67
CA LEU D 27 5.49 43.82 17.41
C LEU D 27 6.51 43.25 18.42
N ALA D 28 6.12 43.19 19.69
CA ALA D 28 6.99 42.73 20.77
C ALA D 28 7.50 41.32 20.51
N GLU D 29 6.63 40.32 20.33
CA GLU D 29 7.07 38.91 20.39
C GLU D 29 7.63 38.48 19.04
N PHE D 30 7.14 39.05 17.93
CA PHE D 30 7.68 38.73 16.59
C PHE D 30 9.04 39.40 16.45
N THR D 31 9.31 40.47 17.22
CA THR D 31 10.68 41.00 17.30
C THR D 31 11.52 40.06 18.15
N HIS D 32 10.97 39.65 19.31
CA HIS D 32 11.66 38.68 20.18
C HIS D 32 12.09 37.44 19.37
N GLU D 33 11.26 37.00 18.41
CA GLU D 33 11.46 35.73 17.66
C GLU D 33 12.30 36.00 16.39
N ARG D 34 12.77 37.23 16.18
CA ARG D 34 13.61 37.65 15.02
C ARG D 34 12.87 37.46 13.69
N LEU D 35 11.53 37.48 13.67
CA LEU D 35 10.72 37.56 12.43
C LEU D 35 10.77 39.00 11.90
N LEU D 36 10.71 39.94 12.84
CA LEU D 36 10.82 41.41 12.60
C LEU D 36 12.20 41.88 13.10
N THR D 37 12.78 42.85 12.41
CA THR D 37 14.00 43.60 12.81
C THR D 37 13.69 45.08 12.68
N PRO D 38 13.16 45.69 13.77
CA PRO D 38 12.85 47.12 13.79
C PRO D 38 14.10 47.95 13.51
N GLU D 39 14.00 48.96 12.62
CA GLU D 39 15.06 49.96 12.35
C GLU D 39 14.90 51.12 13.33
N ARG D 40 16.00 51.65 13.85
CA ARG D 40 16.04 52.75 14.86
C ARG D 40 15.79 54.07 14.12
N GLU D 41 14.83 54.89 14.57
CA GLU D 41 14.48 56.21 13.96
C GLU D 41 15.37 57.31 14.54
N PRO D 42 15.64 58.41 13.82
CA PRO D 42 16.16 59.64 14.45
C PRO D 42 15.42 60.04 15.75
N ASP D 43 16.17 60.33 16.85
CA ASP D 43 15.64 60.58 18.24
C ASP D 43 14.55 61.67 18.22
N ASP D 44 13.38 61.37 18.79
CA ASP D 44 12.05 61.97 18.45
C ASP D 44 11.89 63.35 19.12
N GLY D 45 10.77 63.57 19.83
CA GLY D 45 10.63 64.49 20.98
C GLY D 45 10.94 63.77 22.30
N GLY D 46 10.82 62.43 22.33
CA GLY D 46 11.47 61.54 23.31
C GLY D 46 12.90 61.20 22.90
N GLY D 47 13.25 59.91 22.79
CA GLY D 47 14.61 59.44 22.47
C GLY D 47 14.64 58.21 21.57
N GLN D 48 13.89 57.14 21.93
CA GLN D 48 14.07 55.73 21.44
C GLN D 48 12.81 55.24 20.67
N THR D 49 12.73 55.66 19.39
CA THR D 49 11.67 55.35 18.38
C THR D 49 12.15 54.27 17.39
N TYR D 50 11.26 53.36 17.00
CA TYR D 50 11.55 52.31 15.98
C TYR D 50 10.46 52.25 14.91
N VAL D 51 10.81 51.68 13.77
CA VAL D 51 9.84 51.34 12.68
C VAL D 51 10.07 49.89 12.25
N VAL D 52 8.98 49.21 11.88
CA VAL D 52 9.02 47.98 11.05
C VAL D 52 8.08 48.20 9.87
N ARG D 53 8.56 47.91 8.67
CA ARG D 53 7.74 48.09 7.46
C ARG D 53 7.15 46.74 7.06
N SER D 54 6.11 46.83 6.24
CA SER D 54 5.35 45.74 5.59
C SER D 54 6.24 45.03 4.56
N ASP D 55 5.81 43.84 4.14
CA ASP D 55 6.44 43.03 3.07
C ASP D 55 6.79 43.97 1.91
N ASP D 56 5.87 44.86 1.51
CA ASP D 56 5.93 45.68 0.27
C ASP D 56 6.51 47.07 0.55
N GLY D 57 7.02 47.33 1.76
CA GLY D 57 7.71 48.60 2.13
C GLY D 57 6.79 49.79 2.35
N GLN D 58 5.53 49.75 1.87
CA GLN D 58 4.56 50.89 1.79
C GLN D 58 3.94 51.25 3.15
N THR D 59 3.62 50.27 4.00
CA THR D 59 3.09 50.50 5.37
C THR D 59 4.24 50.49 6.41
N ALA D 60 4.37 51.54 7.22
CA ALA D 60 5.29 51.63 8.38
C ALA D 60 4.49 51.54 9.69
N TYR D 61 4.96 50.71 10.64
CA TYR D 61 4.51 50.63 12.07
C TYR D 61 5.55 51.29 12.96
N ARG D 62 5.15 52.37 13.66
CA ARG D 62 6.08 53.15 14.52
C ARG D 62 5.65 52.97 15.97
N PHE D 63 6.65 52.88 16.84
CA PHE D 63 6.45 52.71 18.29
C PHE D 63 7.73 53.10 19.02
N THR D 64 7.64 53.18 20.33
CA THR D 64 8.79 53.37 21.25
C THR D 64 8.90 52.08 22.06
N ALA D 65 10.14 51.71 22.40
CA ALA D 65 10.38 50.49 23.19
C ALA D 65 11.60 50.68 24.11
N THR D 66 11.54 49.98 25.22
CA THR D 66 12.68 49.60 26.09
C THR D 66 12.98 48.13 25.80
N VAL D 67 14.25 47.86 25.48
CA VAL D 67 14.76 46.48 25.25
C VAL D 67 15.43 46.05 26.56
N ARG D 68 15.00 44.91 27.08
CA ARG D 68 15.36 44.37 28.40
C ARG D 68 16.04 43.03 28.18
N ALA D 69 16.56 42.43 29.25
CA ALA D 69 17.32 41.16 29.20
C ALA D 69 16.48 40.12 28.44
N LEU D 70 17.14 39.08 27.93
CA LEU D 70 16.48 38.02 27.11
C LEU D 70 15.75 38.66 25.95
N ASP D 71 16.30 39.75 25.42
CA ASP D 71 15.81 40.33 24.16
C ASP D 71 14.31 40.60 24.31
N HIS D 72 13.94 41.21 25.41
CA HIS D 72 12.52 41.53 25.67
C HIS D 72 12.21 42.94 25.15
N TRP D 73 11.33 43.04 24.16
CA TRP D 73 10.89 44.31 23.57
C TRP D 73 9.60 44.80 24.23
N GLN D 74 9.74 45.71 25.20
CA GLN D 74 8.64 46.35 25.94
C GLN D 74 8.04 47.45 25.05
N VAL D 75 7.22 47.08 24.07
CA VAL D 75 6.61 48.03 23.10
C VAL D 75 5.49 48.77 23.82
N ASP D 76 5.54 50.10 23.87
CA ASP D 76 4.52 50.97 24.52
C ASP D 76 3.29 51.01 23.59
N ALA D 77 2.16 50.48 24.06
CA ALA D 77 0.86 50.39 23.35
C ALA D 77 0.41 51.75 22.79
N ALA D 78 0.36 52.81 23.63
CA ALA D 78 -0.04 54.20 23.24
C ALA D 78 0.87 54.71 22.12
N SER D 79 2.12 54.25 22.05
CA SER D 79 3.16 54.72 21.10
C SER D 79 2.85 54.25 19.68
N VAL D 80 2.09 53.17 19.51
CA VAL D 80 1.98 52.50 18.17
C VAL D 80 1.13 53.29 17.16
N THR D 81 1.69 53.57 15.98
CA THR D 81 1.04 54.33 14.89
C THR D 81 1.27 53.57 13.57
N ARG D 82 0.48 53.86 12.54
CA ARG D 82 0.56 53.19 11.21
C ARG D 82 0.53 54.25 10.09
N HIS D 83 1.47 54.21 9.15
CA HIS D 83 1.57 55.22 8.06
C HIS D 83 1.67 54.53 6.70
N ARG D 84 1.29 55.27 5.66
CA ARG D 84 1.28 54.88 4.23
C ARG D 84 1.03 56.17 3.44
N ASP D 85 1.72 56.36 2.30
CA ASP D 85 1.46 57.50 1.38
C ASP D 85 1.40 58.79 2.22
N GLY D 86 2.20 58.88 3.31
CA GLY D 86 2.25 59.99 4.29
C GLY D 86 0.92 60.29 4.97
N ALA D 87 0.18 59.26 5.40
CA ALA D 87 -1.15 59.35 6.05
C ALA D 87 -1.25 58.31 7.18
N GLU D 88 -1.60 58.74 8.39
CA GLU D 88 -1.86 57.82 9.52
C GLU D 88 -3.15 57.04 9.24
N LEU D 89 -3.11 55.70 9.39
CA LEU D 89 -4.30 54.80 9.32
C LEU D 89 -4.59 54.18 10.69
N PRO D 90 -5.79 53.60 10.91
CA PRO D 90 -6.08 53.00 12.20
C PRO D 90 -5.29 51.69 12.35
N LEU D 91 -5.00 51.33 13.59
CA LEU D 91 -4.44 50.00 13.91
C LEU D 91 -5.50 48.93 13.72
N ALA D 92 -5.21 47.93 12.89
CA ALA D 92 -6.10 46.78 12.58
C ALA D 92 -5.27 45.50 12.53
N ALA D 93 -5.27 44.69 13.56
CA ALA D 93 -4.54 43.41 13.57
C ALA D 93 -4.71 42.62 12.24
N LEU D 94 -5.94 42.45 11.69
CA LEU D 94 -6.13 41.69 10.41
C LEU D 94 -5.15 42.24 9.33
N ASP D 95 -5.08 43.55 9.19
CA ASP D 95 -4.30 44.21 8.12
C ASP D 95 -2.82 43.93 8.39
N PHE D 96 -2.39 43.97 9.65
CA PHE D 96 -0.99 43.76 10.11
C PHE D 96 -0.47 42.41 9.62
N PHE D 97 -1.26 41.34 9.79
CA PHE D 97 -0.94 39.95 9.40
C PHE D 97 -0.89 39.81 7.88
N ILE D 98 -1.79 40.49 7.17
CA ILE D 98 -1.89 40.42 5.68
C ILE D 98 -0.64 41.09 5.07
N GLU D 99 -0.25 42.25 5.59
CA GLU D 99 0.90 43.06 5.12
C GLU D 99 2.25 42.40 5.44
N LEU D 100 2.32 41.59 6.49
CA LEU D 100 3.54 40.94 7.04
C LEU D 100 3.45 39.42 6.84
N LYS D 101 2.55 38.98 5.95
CA LYS D 101 2.32 37.56 5.55
C LYS D 101 3.65 36.85 5.25
N GLN D 102 4.47 37.39 4.36
CA GLN D 102 5.72 36.75 3.89
C GLN D 102 6.78 36.81 5.00
N THR D 103 6.93 37.97 5.65
CA THR D 103 7.90 38.21 6.73
C THR D 103 7.68 37.18 7.83
N LEU D 104 6.42 36.87 8.11
CA LEU D 104 6.02 36.01 9.24
C LEU D 104 5.96 34.54 8.81
N GLY D 105 6.12 34.24 7.51
CA GLY D 105 6.04 32.89 6.92
C GLY D 105 4.68 32.27 7.10
N LEU D 106 3.61 33.04 6.84
CA LEU D 106 2.19 32.55 6.82
C LEU D 106 1.87 32.05 5.41
N SER D 107 1.57 30.76 5.29
CA SER D 107 1.12 30.10 4.03
C SER D 107 -0.29 30.60 3.62
N ASP D 108 -0.55 30.57 2.33
CA ASP D 108 -1.91 30.77 1.77
C ASP D 108 -2.95 29.91 2.53
N GLU D 109 -2.63 28.68 2.88
CA GLU D 109 -3.62 27.79 3.53
C GLU D 109 -3.83 28.29 4.95
N ILE D 110 -2.77 28.70 5.64
CA ILE D 110 -2.88 29.00 7.10
C ILE D 110 -3.47 30.40 7.27
N LEU D 111 -3.07 31.42 6.48
CA LEU D 111 -3.34 32.87 6.79
C LEU D 111 -4.80 33.09 7.21
N PRO D 112 -5.80 32.68 6.39
CA PRO D 112 -7.20 32.97 6.68
C PRO D 112 -7.71 32.32 7.97
N VAL D 113 -7.20 31.15 8.30
CA VAL D 113 -7.67 30.49 9.54
C VAL D 113 -7.04 31.22 10.72
N TYR D 114 -5.77 31.57 10.60
CA TYR D 114 -4.99 32.33 11.62
C TYR D 114 -5.70 33.66 11.91
N LEU D 115 -6.20 34.35 10.88
CA LEU D 115 -6.95 35.62 11.06
C LEU D 115 -8.20 35.38 11.91
N GLU D 116 -8.90 34.24 11.72
CA GLU D 116 -10.04 33.82 12.57
C GLU D 116 -9.57 33.70 14.02
N GLU D 117 -8.42 33.12 14.26
CA GLU D 117 -7.92 32.99 15.64
C GLU D 117 -7.66 34.39 16.19
N ILE D 118 -7.05 35.23 15.36
CA ILE D 118 -6.85 36.66 15.70
C ILE D 118 -8.22 37.30 15.98
N SER D 119 -9.20 37.12 15.10
CA SER D 119 -10.53 37.78 15.22
C SER D 119 -11.14 37.39 16.57
N SER D 120 -11.13 36.12 16.82
CA SER D 120 -11.70 35.48 18.03
C SER D 120 -10.92 36.00 19.26
N THR D 121 -9.59 36.06 19.22
CA THR D 121 -8.75 36.59 20.33
C THR D 121 -9.15 38.03 20.67
N LEU D 122 -9.39 38.85 19.64
CA LEU D 122 -9.79 40.28 19.73
C LEU D 122 -11.20 40.43 20.33
N SER D 123 -12.11 39.57 19.91
CA SER D 123 -13.45 39.47 20.52
C SER D 123 -13.29 39.22 22.00
N GLY D 124 -12.42 38.30 22.37
CA GLY D 124 -12.31 38.01 23.82
C GLY D 124 -11.90 39.27 24.58
N THR D 125 -10.88 39.98 24.08
CA THR D 125 -10.40 41.22 24.71
C THR D 125 -11.58 42.19 24.77
N CYS D 126 -12.41 42.30 23.73
CA CYS D 126 -13.60 43.21 23.82
C CYS D 126 -14.51 42.75 24.96
N TYR D 127 -14.77 41.46 25.08
CA TYR D 127 -15.54 40.90 26.22
C TYR D 127 -14.89 41.31 27.55
N LYS D 128 -13.58 41.14 27.65
CA LYS D 128 -12.84 41.36 28.93
C LYS D 128 -12.89 42.85 29.29
N LEU D 129 -13.04 43.76 28.32
CA LEU D 129 -13.13 45.22 28.61
C LEU D 129 -14.51 45.61 29.15
N THR D 130 -15.54 44.78 29.04
CA THR D 130 -16.93 45.10 29.50
C THR D 130 -17.14 44.58 30.92
N LYS D 131 -16.24 43.75 31.42
CA LYS D 131 -16.35 43.23 32.82
C LYS D 131 -15.97 44.34 33.78
N PRO D 132 -16.38 44.24 35.04
CA PRO D 132 -15.94 45.20 36.07
C PRO D 132 -14.40 45.21 36.07
N GLN D 133 -13.79 46.39 36.01
CA GLN D 133 -12.32 46.54 35.79
C GLN D 133 -11.60 46.59 37.15
N LEU D 134 -11.42 45.43 37.80
CA LEU D 134 -10.75 45.25 39.13
C LEU D 134 -9.24 45.46 38.99
N SER D 135 -8.65 46.26 39.88
CA SER D 135 -7.19 46.49 39.99
C SER D 135 -6.52 45.24 40.57
N SER D 136 -5.22 45.07 40.33
CA SER D 136 -4.43 43.93 40.85
C SER D 136 -4.46 43.93 42.38
N ALA D 137 -4.44 45.11 43.01
CA ALA D 137 -4.60 45.22 44.46
C ALA D 137 -5.93 44.59 44.86
N GLU D 138 -7.04 44.96 44.20
CA GLU D 138 -8.38 44.38 44.54
C GLU D 138 -8.35 42.85 44.48
N LEU D 139 -7.85 42.25 43.38
CA LEU D 139 -7.80 40.76 43.19
C LEU D 139 -6.91 40.11 44.25
N ALA D 140 -5.74 40.70 44.52
CA ALA D 140 -4.81 40.24 45.57
C ALA D 140 -5.52 40.20 46.93
N ARG D 141 -6.30 41.24 47.21
CA ARG D 141 -6.97 41.51 48.51
C ARG D 141 -8.08 40.45 48.73
N SER D 142 -8.76 40.01 47.65
CA SER D 142 -9.96 39.13 47.68
C SER D 142 -9.60 37.76 48.29
N GLY D 143 -8.50 37.15 47.83
CA GLY D 143 -8.14 35.77 48.21
C GLY D 143 -9.13 34.77 47.64
N ASP D 144 -9.80 35.14 46.55
CA ASP D 144 -10.78 34.26 45.85
C ASP D 144 -10.07 33.57 44.68
N PHE D 145 -9.88 32.27 44.83
CA PHE D 145 -9.14 31.41 43.87
C PHE D 145 -9.76 31.58 42.47
N GLN D 146 -11.09 31.56 42.42
CA GLN D 146 -11.84 31.52 41.14
C GLN D 146 -12.03 32.94 40.61
N ALA D 147 -12.03 33.95 41.47
CA ALA D 147 -11.99 35.37 41.08
C ALA D 147 -10.68 35.65 40.35
N VAL D 148 -9.56 35.13 40.86
CA VAL D 148 -8.25 35.29 40.18
C VAL D 148 -8.26 34.51 38.87
N GLU D 149 -8.77 33.29 38.84
CA GLU D 149 -8.61 32.42 37.65
C GLU D 149 -9.40 32.98 36.46
N THR D 150 -10.62 33.42 36.72
CA THR D 150 -11.58 33.98 35.73
C THR D 150 -11.28 35.47 35.46
N GLY D 151 -10.46 36.10 36.29
CA GLY D 151 -10.06 37.51 36.16
C GLY D 151 -8.82 37.70 35.27
N MET D 152 -8.08 36.64 34.99
CA MET D 152 -6.89 36.71 34.11
C MET D 152 -7.33 37.17 32.71
N THR D 153 -6.51 37.98 32.04
CA THR D 153 -6.81 38.59 30.71
C THR D 153 -5.86 38.12 29.62
N GLU D 154 -4.57 37.97 29.89
CA GLU D 154 -3.55 37.84 28.80
C GLU D 154 -3.70 36.48 28.08
N GLY D 155 -3.77 35.40 28.84
CA GLY D 155 -3.49 34.03 28.37
C GLY D 155 -1.98 33.87 28.19
N HIS D 156 -1.55 32.86 27.44
CA HIS D 156 -0.10 32.59 27.28
C HIS D 156 0.59 33.90 26.93
N PRO D 157 1.65 34.33 27.66
CA PRO D 157 2.29 35.62 27.37
C PRO D 157 3.15 35.70 26.08
N CYS D 158 3.56 34.57 25.49
CA CYS D 158 4.31 34.60 24.20
C CYS D 158 3.38 34.60 22.97
N PHE D 159 2.46 33.64 22.90
CA PHE D 159 1.63 33.39 21.70
C PHE D 159 0.65 34.54 21.52
N VAL D 160 0.58 35.08 20.30
CA VAL D 160 -0.31 36.22 19.98
C VAL D 160 -1.74 35.73 19.69
N ALA D 161 -1.90 34.75 18.77
CA ALA D 161 -3.18 34.03 18.48
C ALA D 161 -3.45 32.99 19.58
N ASN D 162 -3.62 33.44 20.83
CA ASN D 162 -3.53 32.52 22.00
C ASN D 162 -4.93 32.11 22.51
N ASN D 163 -5.97 32.86 22.16
CA ASN D 163 -7.31 32.67 22.79
C ASN D 163 -8.41 32.54 21.71
N GLY D 164 -8.16 31.75 20.65
CA GLY D 164 -9.03 31.59 19.47
C GLY D 164 -10.29 30.78 19.79
N ARG D 165 -10.13 29.68 20.53
CA ARG D 165 -11.27 28.81 20.96
C ARG D 165 -12.14 28.55 19.71
N LEU D 166 -11.51 28.27 18.58
CA LEU D 166 -12.25 28.20 17.29
C LEU D 166 -13.13 26.96 17.29
N GLY D 167 -14.38 27.11 16.87
CA GLY D 167 -15.43 26.10 17.01
C GLY D 167 -16.50 26.54 17.99
N PHE D 168 -16.17 27.46 18.89
CA PHE D 168 -17.18 28.21 19.67
C PHE D 168 -17.84 29.27 18.77
N GLY D 169 -19.13 29.12 18.49
CA GLY D 169 -19.98 30.23 18.06
C GLY D 169 -20.16 31.22 19.23
N ILE D 170 -20.68 32.42 18.98
CA ILE D 170 -20.58 33.51 20.00
C ILE D 170 -21.34 33.11 21.29
N HIS D 171 -22.49 32.48 21.12
CA HIS D 171 -23.37 31.96 22.22
C HIS D 171 -22.57 30.96 23.07
N GLU D 172 -21.68 30.23 22.40
CA GLU D 172 -20.85 29.15 23.01
C GLU D 172 -19.67 29.80 23.75
N TYR D 173 -19.15 30.90 23.18
CA TYR D 173 -18.10 31.72 23.82
C TYR D 173 -18.64 32.18 25.18
N LEU D 174 -19.85 32.69 25.21
CA LEU D 174 -20.42 33.39 26.41
C LEU D 174 -20.82 32.37 27.51
N SER D 175 -21.08 31.12 27.13
CA SER D 175 -21.48 30.00 28.03
C SER D 175 -20.25 29.30 28.64
N TYR D 176 -19.14 29.20 27.91
CA TYR D 176 -18.04 28.20 28.09
C TYR D 176 -16.66 28.83 28.26
N ALA D 177 -16.38 30.04 27.75
CA ALA D 177 -15.04 30.64 27.90
C ALA D 177 -14.74 30.97 29.38
N PRO D 178 -13.54 30.63 29.91
CA PRO D 178 -13.25 30.88 31.31
C PRO D 178 -13.42 32.34 31.75
N GLU D 179 -13.14 33.34 30.89
CA GLU D 179 -13.22 34.78 31.30
C GLU D 179 -14.67 35.18 31.65
N THR D 180 -15.67 34.37 31.29
CA THR D 180 -17.09 34.73 31.50
C THR D 180 -17.56 34.32 32.88
N ALA D 181 -16.82 33.44 33.54
CA ALA D 181 -17.18 32.83 34.84
C ALA D 181 -18.60 32.28 34.76
N SER D 182 -19.05 31.89 33.57
CA SER D 182 -20.37 31.24 33.34
C SER D 182 -20.41 29.86 33.97
N PRO D 183 -21.35 29.59 34.89
CA PRO D 183 -21.49 28.25 35.44
C PRO D 183 -21.75 27.20 34.35
N VAL D 184 -21.04 26.08 34.42
CA VAL D 184 -21.28 24.98 33.45
C VAL D 184 -21.66 23.71 34.23
N ARG D 185 -22.66 23.02 33.70
CA ARG D 185 -23.04 21.66 34.13
C ARG D 185 -22.55 20.65 33.10
N LEU D 186 -21.92 19.59 33.59
CA LEU D 186 -21.39 18.52 32.73
C LEU D 186 -22.55 17.62 32.33
N VAL D 187 -22.44 17.05 31.13
CA VAL D 187 -23.38 16.02 30.64
C VAL D 187 -22.74 14.68 30.98
N TRP D 188 -23.50 13.81 31.57
CA TRP D 188 -23.05 12.46 31.99
C TRP D 188 -23.57 11.48 30.95
N LEU D 189 -22.67 10.63 30.50
CA LEU D 189 -22.96 9.45 29.65
C LEU D 189 -22.66 8.16 30.40
N ALA D 190 -23.43 7.11 30.09
CA ALA D 190 -23.12 5.70 30.39
C ALA D 190 -22.43 5.12 29.16
N ALA D 191 -21.18 4.67 29.31
CA ALA D 191 -20.35 4.16 28.20
C ALA D 191 -20.20 2.65 28.41
N HIS D 192 -20.52 1.83 27.39
CA HIS D 192 -20.48 0.33 27.43
C HIS D 192 -19.04 -0.14 27.62
N ARG D 193 -18.85 -1.13 28.50
CA ARG D 193 -17.52 -1.62 28.97
C ARG D 193 -16.75 -2.31 27.83
N SER D 194 -17.43 -2.65 26.74
CA SER D 194 -16.79 -3.20 25.51
C SER D 194 -15.90 -2.13 24.89
N ARG D 195 -16.09 -0.86 25.21
CA ARG D 195 -15.29 0.23 24.59
C ARG D 195 -14.71 1.20 25.62
N ALA D 196 -15.27 1.30 26.83
CA ALA D 196 -14.84 2.25 27.86
C ALA D 196 -14.07 1.49 28.97
N ALA D 197 -12.92 2.03 29.39
CA ALA D 197 -12.08 1.52 30.50
C ALA D 197 -11.91 2.67 31.51
N PHE D 198 -12.20 2.38 32.78
CA PHE D 198 -11.93 3.28 33.91
C PHE D 198 -10.63 2.85 34.55
N THR D 199 -9.76 3.81 34.84
CA THR D 199 -8.44 3.58 35.43
C THR D 199 -8.30 4.39 36.72
N ALA D 200 -7.84 3.71 37.77
CA ALA D 200 -7.81 4.22 39.16
C ALA D 200 -6.37 4.33 39.67
N GLY D 201 -5.98 5.50 40.19
CA GLY D 201 -4.76 5.65 41.00
C GLY D 201 -4.90 4.98 42.35
N VAL D 202 -3.79 4.90 43.06
CA VAL D 202 -3.71 4.25 44.40
C VAL D 202 -4.81 4.82 45.30
N GLY D 203 -5.62 3.93 45.88
CA GLY D 203 -6.60 4.28 46.91
C GLY D 203 -7.89 4.74 46.30
N ILE D 204 -8.04 4.65 44.98
CA ILE D 204 -9.33 4.96 44.33
C ILE D 204 -10.04 3.65 43.96
N GLU D 205 -11.27 3.44 44.39
CA GLU D 205 -12.15 2.42 43.78
C GLU D 205 -13.39 3.11 43.20
N TYR D 206 -13.86 2.56 42.09
CA TYR D 206 -14.83 3.15 41.12
C TYR D 206 -16.20 3.47 41.73
N GLU D 207 -16.86 2.47 42.32
CA GLU D 207 -18.24 2.61 42.84
C GLU D 207 -18.24 3.68 43.94
N SER D 208 -17.22 3.74 44.79
CA SER D 208 -17.15 4.70 45.93
C SER D 208 -16.80 6.09 45.39
N PHE D 209 -15.80 6.11 44.51
CA PHE D 209 -15.31 7.32 43.82
C PHE D 209 -16.46 8.10 43.22
N VAL D 210 -17.30 7.39 42.51
CA VAL D 210 -18.39 7.98 41.69
C VAL D 210 -19.51 8.46 42.63
N ARG D 211 -19.81 7.69 43.68
CA ARG D 211 -20.81 8.05 44.72
C ARG D 211 -20.28 9.28 45.47
N ASP D 212 -18.97 9.36 45.76
CA ASP D 212 -18.35 10.52 46.48
C ASP D 212 -18.49 11.80 45.64
N GLU D 213 -18.38 11.72 44.32
CA GLU D 213 -18.43 12.88 43.39
C GLU D 213 -19.87 13.32 43.02
N LEU D 214 -20.84 12.40 42.98
CA LEU D 214 -22.22 12.65 42.45
C LEU D 214 -23.29 12.54 43.57
N GLY D 215 -23.01 11.85 44.67
CA GLY D 215 -23.99 11.52 45.71
C GLY D 215 -24.72 10.23 45.38
N ALA D 216 -25.13 9.48 46.41
CA ALA D 216 -25.97 8.27 46.25
C ALA D 216 -27.21 8.61 45.40
N ALA D 217 -27.91 9.73 45.61
CA ALA D 217 -29.22 10.03 44.96
C ALA D 217 -29.05 10.06 43.43
N THR D 218 -27.99 10.72 42.95
CA THR D 218 -27.71 10.89 41.50
C THR D 218 -27.25 9.55 40.87
N VAL D 219 -26.48 8.73 41.59
CA VAL D 219 -25.93 7.50 40.99
C VAL D 219 -27.14 6.57 40.80
N ASP D 220 -28.00 6.42 41.82
CA ASP D 220 -29.22 5.57 41.72
C ASP D 220 -30.01 6.03 40.50
N ARG D 221 -30.29 7.32 40.42
CA ARG D 221 -31.08 7.92 39.32
C ARG D 221 -30.49 7.41 37.99
N PHE D 222 -29.17 7.56 37.77
CA PHE D 222 -28.44 7.08 36.57
C PHE D 222 -28.71 5.59 36.35
N HIS D 223 -28.58 4.74 37.35
CA HIS D 223 -28.93 3.29 37.23
C HIS D 223 -30.41 3.14 36.77
N GLY D 224 -31.32 4.03 37.22
CA GLY D 224 -32.77 3.97 36.90
C GLY D 224 -33.06 4.31 35.45
N VAL D 225 -32.37 5.29 34.88
CA VAL D 225 -32.42 5.62 33.44
C VAL D 225 -32.00 4.38 32.61
N LEU D 226 -30.96 3.64 33.04
CA LEU D 226 -30.46 2.45 32.30
C LEU D 226 -31.45 1.28 32.46
N ARG D 227 -31.91 0.99 33.68
CA ARG D 227 -32.91 -0.09 33.90
C ARG D 227 -34.18 0.22 33.10
N GLY D 228 -34.54 1.49 32.94
CA GLY D 228 -35.71 1.92 32.14
C GLY D 228 -35.59 1.64 30.65
N ARG D 229 -34.36 1.63 30.11
CA ARG D 229 -34.01 1.35 28.68
C ARG D 229 -33.78 -0.16 28.56
N GLY D 230 -34.00 -0.90 29.65
CA GLY D 230 -33.75 -2.35 29.73
C GLY D 230 -32.27 -2.68 29.69
N LEU D 231 -31.40 -1.78 30.19
CA LEU D 231 -29.92 -1.95 30.21
C LEU D 231 -29.42 -2.29 31.63
N ASP D 232 -28.37 -3.11 31.72
CA ASP D 232 -27.82 -3.49 33.04
C ASP D 232 -26.76 -2.45 33.41
N PRO D 233 -26.90 -1.69 34.51
CA PRO D 233 -25.91 -0.66 34.82
C PRO D 233 -24.52 -1.27 35.08
N ALA D 234 -24.43 -2.56 35.49
CA ALA D 234 -23.14 -3.28 35.65
C ALA D 234 -22.32 -3.22 34.36
N ASP D 235 -22.97 -3.03 33.20
CA ASP D 235 -22.31 -3.14 31.88
C ASP D 235 -21.80 -1.77 31.42
N TYR D 236 -21.96 -0.71 32.23
CA TYR D 236 -21.61 0.65 31.77
C TYR D 236 -20.68 1.34 32.77
N LEU D 237 -19.92 2.30 32.25
CA LEU D 237 -19.05 3.22 33.03
C LEU D 237 -19.56 4.64 32.81
N LEU D 238 -19.36 5.53 33.80
CA LEU D 238 -19.81 6.95 33.73
C LEU D 238 -18.68 7.79 33.12
N ILE D 239 -19.00 8.61 32.12
CA ILE D 239 -18.03 9.54 31.48
C ILE D 239 -18.69 10.90 31.53
N PRO D 240 -18.03 11.90 32.20
CA PRO D 240 -18.45 13.29 32.13
C PRO D 240 -17.87 13.93 30.86
N VAL D 241 -18.66 14.81 30.29
CA VAL D 241 -18.49 15.35 28.92
C VAL D 241 -18.76 16.85 28.96
N HIS D 242 -17.97 17.58 28.21
CA HIS D 242 -18.17 19.02 27.96
C HIS D 242 -19.44 19.11 27.13
N PRO D 243 -20.43 19.91 27.54
CA PRO D 243 -21.67 20.06 26.77
C PRO D 243 -21.41 20.45 25.31
N TRP D 244 -20.41 21.27 25.03
CA TRP D 244 -20.05 21.60 23.63
C TRP D 244 -19.75 20.28 22.88
N GLN D 245 -19.00 19.40 23.52
CA GLN D 245 -18.53 18.14 22.90
C GLN D 245 -19.77 17.31 22.59
N TRP D 246 -20.74 17.26 23.49
CA TRP D 246 -21.94 16.40 23.33
C TRP D 246 -22.79 16.91 22.18
N TRP D 247 -23.16 18.19 22.20
CA TRP D 247 -24.18 18.77 21.26
C TRP D 247 -23.63 18.91 19.84
N ASN D 248 -22.33 19.12 19.71
CA ASN D 248 -21.65 19.49 18.44
C ASN D 248 -20.86 18.30 17.85
N LYS D 249 -20.43 17.33 18.67
CA LYS D 249 -19.51 16.25 18.21
C LYS D 249 -20.12 14.89 18.52
N LEU D 250 -20.38 14.59 19.79
CA LEU D 250 -20.66 13.18 20.12
C LEU D 250 -22.01 12.79 19.53
N THR D 251 -22.94 13.73 19.36
CA THR D 251 -24.30 13.43 18.85
C THR D 251 -24.26 13.21 17.33
N VAL D 252 -23.14 13.59 16.68
CA VAL D 252 -22.98 13.47 15.22
C VAL D 252 -21.84 12.50 14.90
N THR D 253 -20.58 12.85 15.20
CA THR D 253 -19.44 11.95 14.92
C THR D 253 -19.71 10.57 15.55
N PHE D 254 -20.19 10.54 16.79
CA PHE D 254 -20.40 9.25 17.52
C PHE D 254 -21.87 8.82 17.51
N ALA D 255 -22.68 9.24 16.51
CA ALA D 255 -24.11 8.88 16.32
C ALA D 255 -24.30 7.37 16.44
N ALA D 256 -23.48 6.58 15.76
CA ALA D 256 -23.57 5.10 15.78
C ALA D 256 -23.45 4.63 17.23
N GLU D 257 -22.66 5.26 18.09
CA GLU D 257 -22.47 4.82 19.52
C GLU D 257 -23.76 5.06 20.33
N VAL D 258 -24.41 6.20 20.09
CA VAL D 258 -25.62 6.64 20.83
C VAL D 258 -26.78 5.73 20.38
N ALA D 259 -26.92 5.54 19.08
CA ALA D 259 -28.05 4.78 18.49
C ALA D 259 -27.98 3.31 18.93
N ARG D 260 -26.78 2.71 18.94
CA ARG D 260 -26.54 1.26 19.23
C ARG D 260 -26.62 1.07 20.75
N GLY D 261 -26.54 2.14 21.53
CA GLY D 261 -26.59 2.09 23.01
C GLY D 261 -25.23 1.86 23.64
N HIS D 262 -24.14 2.12 22.93
CA HIS D 262 -22.76 2.11 23.50
C HIS D 262 -22.63 3.33 24.41
N LEU D 263 -23.35 4.39 24.08
CA LEU D 263 -23.43 5.63 24.88
C LEU D 263 -24.89 5.95 25.18
N VAL D 264 -25.18 6.21 26.45
CA VAL D 264 -26.55 6.59 26.87
C VAL D 264 -26.44 7.91 27.62
N CYS D 265 -27.27 8.86 27.27
CA CYS D 265 -27.29 10.20 27.86
C CYS D 265 -28.05 10.12 29.18
N LEU D 266 -27.38 10.46 30.28
CA LEU D 266 -27.93 10.28 31.64
C LEU D 266 -28.43 11.64 32.12
N GLY D 267 -28.00 12.71 31.47
CA GLY D 267 -28.51 14.05 31.75
C GLY D 267 -27.40 14.89 32.34
N GLU D 268 -27.76 16.11 32.76
CA GLU D 268 -26.84 17.09 33.38
C GLU D 268 -26.55 16.72 34.82
N GLY D 269 -25.32 16.97 35.29
CA GLY D 269 -25.01 16.91 36.72
C GLY D 269 -25.51 18.16 37.45
N ASP D 270 -25.51 18.09 38.77
CA ASP D 270 -26.13 19.13 39.65
C ASP D 270 -25.10 20.22 39.90
N ASP D 271 -23.87 19.82 40.23
CA ASP D 271 -22.77 20.76 40.57
C ASP D 271 -22.53 21.75 39.43
N GLU D 272 -22.25 22.98 39.82
CA GLU D 272 -21.80 24.03 38.89
C GLU D 272 -20.28 24.10 38.86
N TYR D 273 -19.74 24.07 37.65
CA TYR D 273 -18.30 24.08 37.33
C TYR D 273 -17.97 25.38 36.62
N LEU D 274 -16.75 25.87 36.88
CA LEU D 274 -16.14 27.05 36.22
C LEU D 274 -15.01 26.53 35.34
N ALA D 275 -15.09 26.80 34.04
CA ALA D 275 -13.96 26.48 33.13
C ALA D 275 -12.74 27.22 33.67
N GLN D 276 -11.64 26.52 33.79
CA GLN D 276 -10.31 27.10 34.13
C GLN D 276 -9.67 27.68 32.85
N GLN D 277 -8.47 28.25 32.99
CA GLN D 277 -7.71 28.83 31.85
C GLN D 277 -7.49 27.83 30.71
N SER D 278 -7.34 26.55 31.03
CA SER D 278 -7.22 25.47 30.03
C SER D 278 -8.52 25.31 29.22
N ILE D 279 -9.64 25.89 29.66
CA ILE D 279 -10.94 25.90 28.92
C ILE D 279 -11.71 24.58 29.14
N ARG D 280 -11.08 23.41 28.96
CA ARG D 280 -11.81 22.12 29.02
C ARG D 280 -11.52 21.43 30.35
N THR D 281 -10.85 22.09 31.29
CA THR D 281 -10.74 21.65 32.71
C THR D 281 -11.70 22.48 33.57
N PHE D 282 -12.41 21.84 34.46
CA PHE D 282 -13.51 22.46 35.24
C PHE D 282 -13.21 22.31 36.72
N PHE D 283 -13.36 23.41 37.46
CA PHE D 283 -13.30 23.48 38.94
C PHE D 283 -14.74 23.43 39.40
N ASN D 284 -15.04 22.66 40.45
CA ASN D 284 -16.38 22.49 41.06
C ASN D 284 -16.63 23.71 41.95
N ALA D 285 -17.33 24.73 41.43
CA ALA D 285 -17.76 25.92 42.21
C ALA D 285 -18.78 25.52 43.29
N SER D 286 -19.65 24.53 43.05
CA SER D 286 -20.67 24.06 44.04
C SER D 286 -19.94 23.44 45.24
N HIS D 287 -18.90 22.65 44.99
CA HIS D 287 -18.16 21.87 46.03
C HIS D 287 -16.65 21.97 45.77
N PRO D 288 -15.97 23.05 46.20
CA PRO D 288 -14.60 23.33 45.78
C PRO D 288 -13.59 22.22 46.17
N GLY D 289 -13.96 21.34 47.11
CA GLY D 289 -13.14 20.21 47.58
C GLY D 289 -13.25 18.98 46.68
N LYS D 290 -14.25 18.94 45.80
CA LYS D 290 -14.40 17.85 44.81
C LYS D 290 -13.35 18.02 43.69
N HIS D 291 -13.18 16.97 42.90
CA HIS D 291 -12.20 16.86 41.81
C HIS D 291 -12.56 17.91 40.76
N TYR D 292 -11.54 18.45 40.12
CA TYR D 292 -11.66 19.06 38.78
C TYR D 292 -11.98 17.98 37.76
N VAL D 293 -12.67 18.33 36.69
CA VAL D 293 -12.92 17.35 35.60
C VAL D 293 -12.28 17.90 34.34
N LYS D 294 -11.33 17.17 33.76
CA LYS D 294 -10.74 17.53 32.45
C LYS D 294 -11.51 16.74 31.37
N THR D 295 -12.10 17.45 30.42
CA THR D 295 -13.02 16.91 29.41
C THR D 295 -12.33 17.03 28.06
N ALA D 296 -12.76 16.21 27.10
CA ALA D 296 -12.38 16.27 25.67
C ALA D 296 -13.21 17.38 24.99
N LEU D 297 -12.51 18.29 24.30
CA LEU D 297 -13.15 19.43 23.63
C LEU D 297 -12.49 19.65 22.27
N SER D 298 -13.13 19.20 21.20
CA SER D 298 -12.55 19.26 19.84
C SER D 298 -12.71 20.68 19.29
N VAL D 299 -12.07 21.66 19.93
CA VAL D 299 -11.97 23.09 19.53
C VAL D 299 -10.48 23.44 19.40
N LEU D 300 -10.17 24.32 18.46
CA LEU D 300 -8.76 24.73 18.22
C LEU D 300 -8.43 25.86 19.19
N ASN D 301 -7.42 25.65 20.04
CA ASN D 301 -6.79 26.75 20.80
C ASN D 301 -5.26 26.64 20.78
N MET D 302 -4.58 27.71 20.36
CA MET D 302 -3.11 27.88 20.55
C MET D 302 -2.33 26.61 20.12
N GLY D 303 -2.60 26.10 18.92
CA GLY D 303 -1.66 25.22 18.18
C GLY D 303 -2.09 23.77 18.22
N PHE D 304 -3.17 23.48 18.97
CA PHE D 304 -3.64 22.09 19.26
C PHE D 304 -5.16 22.10 19.44
N MET D 305 -5.80 21.06 18.90
CA MET D 305 -7.15 20.57 19.30
C MET D 305 -7.09 20.09 20.76
N ARG D 306 -8.07 20.50 21.55
CA ARG D 306 -8.09 20.26 23.02
C ARG D 306 -8.93 19.00 23.36
N GLY D 307 -8.93 18.00 22.48
CA GLY D 307 -9.32 16.63 22.76
C GLY D 307 -8.51 16.01 23.91
N LEU D 308 -8.88 14.80 24.28
CA LEU D 308 -8.23 14.01 25.35
C LEU D 308 -8.16 12.57 24.83
N SER D 309 -6.94 12.04 24.72
CA SER D 309 -6.59 10.70 24.21
C SER D 309 -7.13 9.61 25.12
N ALA D 310 -8.05 8.77 24.63
CA ALA D 310 -8.55 7.59 25.37
C ALA D 310 -7.35 6.72 25.77
N ALA D 311 -6.40 6.51 24.86
CA ALA D 311 -5.20 5.64 25.02
C ALA D 311 -4.36 6.08 26.23
N TYR D 312 -4.18 7.36 26.44
CA TYR D 312 -3.22 7.89 27.43
C TYR D 312 -3.82 7.82 28.84
N MET D 313 -5.15 7.62 28.94
CA MET D 313 -5.90 7.64 30.22
C MET D 313 -5.47 6.45 31.12
N GLU D 314 -4.99 5.36 30.54
CA GLU D 314 -4.62 4.08 31.21
C GLU D 314 -3.34 4.21 32.04
N ALA D 315 -2.31 4.92 31.55
CA ALA D 315 -1.09 5.18 32.34
C ALA D 315 -1.25 6.48 33.16
N THR D 316 -2.35 7.20 33.04
CA THR D 316 -2.38 8.59 33.60
C THR D 316 -2.25 8.52 35.14
N PRO D 317 -3.15 7.88 35.90
CA PRO D 317 -3.00 7.84 37.35
C PRO D 317 -1.67 7.25 37.86
N ALA D 318 -1.14 6.22 37.16
CA ALA D 318 0.09 5.53 37.59
C ALA D 318 1.27 6.53 37.54
N ILE D 319 1.29 7.38 36.52
CA ILE D 319 2.34 8.40 36.35
C ILE D 319 2.25 9.41 37.51
N ASN D 320 1.02 9.79 37.90
CA ASN D 320 0.79 10.79 38.98
C ASN D 320 1.25 10.15 40.31
N ASP D 321 0.85 8.91 40.52
CA ASP D 321 1.18 8.14 41.74
C ASP D 321 2.70 7.97 41.81
N TRP D 322 3.38 7.65 40.70
CA TRP D 322 4.87 7.51 40.68
C TRP D 322 5.50 8.85 41.10
N LEU D 323 5.03 9.95 40.54
CA LEU D 323 5.64 11.27 40.77
C LEU D 323 5.34 11.70 42.21
N ALA D 324 4.14 11.44 42.75
CA ALA D 324 3.79 11.83 44.15
C ALA D 324 4.76 11.11 45.09
N ARG D 325 4.90 9.80 44.91
CA ARG D 325 5.85 8.96 45.68
C ARG D 325 7.26 9.56 45.58
N LEU D 326 7.78 9.78 44.37
CA LEU D 326 9.13 10.39 44.20
C LEU D 326 9.25 11.66 45.06
N ILE D 327 8.30 12.59 44.96
CA ILE D 327 8.35 13.95 45.59
C ILE D 327 8.37 13.76 47.11
N GLU D 328 7.47 12.92 47.61
CA GLU D 328 7.39 12.60 49.05
C GLU D 328 8.74 12.01 49.51
N GLY D 329 9.49 11.32 48.67
CA GLY D 329 10.74 10.66 49.09
C GLY D 329 11.99 11.50 48.92
N ASP D 330 11.89 12.75 48.45
CA ASP D 330 13.12 13.53 48.16
C ASP D 330 13.31 14.67 49.17
N PRO D 331 14.37 14.66 50.01
CA PRO D 331 14.57 15.74 50.99
C PRO D 331 14.52 17.17 50.43
N VAL D 332 15.13 17.42 49.27
CA VAL D 332 15.22 18.78 48.68
C VAL D 332 13.82 19.25 48.32
N LEU D 333 12.98 18.38 47.74
CA LEU D 333 11.59 18.76 47.32
C LEU D 333 10.66 18.91 48.52
N LYS D 334 10.90 18.17 49.62
CA LYS D 334 10.20 18.35 50.90
C LYS D 334 10.52 19.72 51.48
N GLU D 335 11.80 20.16 51.52
CA GLU D 335 12.15 21.50 52.09
C GLU D 335 11.39 22.59 51.29
N THR D 336 11.16 22.28 50.02
CA THR D 336 10.63 23.16 48.95
C THR D 336 9.13 23.35 49.17
N GLY D 337 8.44 22.40 49.81
CA GLY D 337 6.97 22.37 49.96
C GLY D 337 6.21 21.85 48.75
N LEU D 338 6.88 21.54 47.62
CA LEU D 338 6.28 21.08 46.32
C LEU D 338 5.25 20.00 46.56
N SER D 339 4.13 20.11 45.89
CA SER D 339 3.14 19.02 45.76
C SER D 339 2.57 19.07 44.35
N ILE D 340 1.89 17.99 44.01
CA ILE D 340 1.10 17.96 42.77
C ILE D 340 -0.33 17.76 43.24
N ILE D 341 -1.27 18.27 42.46
CA ILE D 341 -2.64 17.75 42.50
C ILE D 341 -2.69 16.68 41.43
N ARG D 342 -2.83 15.43 41.88
CA ARG D 342 -2.86 14.21 41.04
C ARG D 342 -4.11 14.14 40.17
N GLU D 343 -3.87 13.70 38.95
CA GLU D 343 -4.84 12.95 38.13
C GLU D 343 -5.07 11.62 38.86
N ARG D 344 -6.25 11.45 39.49
CA ARG D 344 -6.53 10.32 40.42
C ARG D 344 -7.27 9.20 39.69
N ALA D 345 -8.04 9.56 38.68
CA ALA D 345 -8.88 8.62 37.93
C ALA D 345 -9.04 9.14 36.50
N ALA D 346 -9.28 8.22 35.59
CA ALA D 346 -9.46 8.54 34.16
C ALA D 346 -10.36 7.49 33.51
N VAL D 347 -11.08 7.95 32.49
CA VAL D 347 -11.96 7.06 31.72
C VAL D 347 -11.70 7.38 30.25
N GLY D 348 -11.54 6.32 29.47
CA GLY D 348 -11.29 6.33 28.02
C GLY D 348 -12.37 5.59 27.27
N TYR D 349 -12.78 6.14 26.11
CA TYR D 349 -13.68 5.48 25.14
C TYR D 349 -12.87 5.25 23.88
N ARG D 350 -12.81 4.00 23.45
CA ARG D 350 -12.14 3.59 22.17
C ARG D 350 -13.23 3.40 21.12
N HIS D 351 -13.35 4.30 20.14
CA HIS D 351 -14.25 4.18 18.97
C HIS D 351 -13.57 3.20 18.02
N LEU D 352 -13.99 1.94 18.01
CA LEU D 352 -13.26 0.84 17.35
C LEU D 352 -13.19 1.13 15.84
N GLU D 353 -14.21 1.77 15.27
CA GLU D 353 -14.33 2.00 13.80
C GLU D 353 -13.38 3.13 13.39
N TYR D 354 -13.40 4.24 14.12
CA TYR D 354 -12.48 5.40 13.95
C TYR D 354 -11.03 5.00 14.26
N GLU D 355 -10.79 4.05 15.17
CA GLU D 355 -9.44 3.46 15.35
C GLU D 355 -8.99 2.78 14.05
N GLN D 356 -9.86 2.03 13.40
CA GLN D 356 -9.53 1.36 12.12
C GLN D 356 -9.28 2.41 11.02
N ALA D 357 -9.90 3.59 11.07
CA ALA D 357 -9.99 4.51 9.90
C ALA D 357 -8.97 5.63 9.99
N THR D 358 -8.03 5.56 10.94
CA THR D 358 -7.14 6.67 11.34
C THR D 358 -5.84 6.10 11.91
N ASP D 359 -4.80 6.92 12.03
CA ASP D 359 -3.52 6.55 12.69
C ASP D 359 -3.65 6.93 14.15
N ARG D 360 -2.71 6.49 15.00
CA ARG D 360 -2.72 6.75 16.46
C ARG D 360 -2.63 8.25 16.79
N TYR D 361 -2.32 9.15 15.87
CA TYR D 361 -2.24 10.61 16.23
C TYR D 361 -3.55 11.32 15.89
N SER D 362 -4.47 10.68 15.16
CA SER D 362 -5.78 11.26 14.76
C SER D 362 -6.45 11.93 15.96
N PRO D 363 -6.96 13.16 15.75
CA PRO D 363 -7.90 13.77 16.70
C PRO D 363 -9.21 12.99 16.86
N TYR D 364 -9.57 12.13 15.91
CA TYR D 364 -10.74 11.24 15.99
C TYR D 364 -10.57 10.23 17.14
N ARG D 365 -9.35 9.96 17.65
CA ARG D 365 -9.15 9.05 18.81
C ARG D 365 -9.12 9.83 20.11
N LYS D 366 -9.38 11.13 20.09
CA LYS D 366 -9.31 12.01 21.28
C LYS D 366 -10.66 12.69 21.58
N MET D 367 -11.78 12.13 21.10
CA MET D 367 -13.08 12.84 21.18
C MET D 367 -13.88 12.49 22.45
N LEU D 368 -13.47 11.46 23.21
CA LEU D 368 -14.21 10.95 24.39
C LEU D 368 -13.26 10.30 25.40
N ALA D 369 -12.79 11.11 26.33
CA ALA D 369 -12.12 10.66 27.55
C ALA D 369 -12.36 11.75 28.59
N ALA D 370 -12.07 11.42 29.83
CA ALA D 370 -12.07 12.40 30.91
C ALA D 370 -11.09 11.94 31.99
N LEU D 371 -10.58 12.92 32.76
CA LEU D 371 -9.87 12.62 34.02
C LEU D 371 -10.37 13.51 35.14
N TRP D 372 -10.08 13.03 36.35
CA TRP D 372 -10.39 13.71 37.62
C TRP D 372 -9.06 14.08 38.30
N ARG D 373 -8.91 15.34 38.68
CA ARG D 373 -7.70 15.81 39.38
C ARG D 373 -8.16 16.39 40.71
N GLU D 374 -7.47 16.04 41.79
CA GLU D 374 -7.86 16.48 43.15
C GLU D 374 -7.74 18.01 43.21
N SER D 375 -8.66 18.64 43.96
CA SER D 375 -8.69 20.11 44.24
C SER D 375 -7.61 20.42 45.24
N PRO D 376 -6.86 21.52 45.12
CA PRO D 376 -5.96 21.94 46.20
C PRO D 376 -6.70 22.44 47.45
N VAL D 377 -8.01 22.67 47.36
CA VAL D 377 -8.71 23.47 48.42
C VAL D 377 -8.62 22.78 49.76
N PRO D 378 -8.79 21.46 49.86
CA PRO D 378 -8.73 20.81 51.18
C PRO D 378 -7.34 20.91 51.84
N SER D 379 -6.31 21.17 51.04
CA SER D 379 -4.90 21.17 51.44
C SER D 379 -4.56 22.47 52.16
N ILE D 380 -5.30 23.56 51.98
CA ILE D 380 -4.85 24.88 52.51
C ILE D 380 -5.37 25.06 53.95
N ARG D 381 -4.62 25.84 54.75
CA ARG D 381 -4.85 26.11 56.22
C ARG D 381 -5.32 27.58 56.34
N GLU D 382 -5.90 27.94 57.49
CA GLU D 382 -6.47 29.29 57.80
C GLU D 382 -5.43 30.35 57.44
N GLY D 383 -5.78 31.34 56.62
CA GLY D 383 -4.87 32.45 56.25
C GLY D 383 -4.24 32.26 54.88
N GLU D 384 -4.28 31.06 54.32
CA GLU D 384 -3.69 30.75 52.99
C GLU D 384 -4.74 30.89 51.89
N THR D 385 -4.32 31.26 50.69
CA THR D 385 -5.20 31.45 49.53
C THR D 385 -4.48 30.85 48.32
N LEU D 386 -5.21 30.72 47.22
CA LEU D 386 -4.76 30.02 45.99
C LEU D 386 -4.80 31.02 44.85
N ALA D 387 -3.90 30.85 43.86
CA ALA D 387 -3.76 31.72 42.67
C ALA D 387 -2.93 31.00 41.60
N THR D 388 -3.47 30.91 40.39
CA THR D 388 -2.70 30.47 39.22
C THR D 388 -1.39 31.28 39.24
N MET D 389 -0.26 30.67 38.95
CA MET D 389 1.04 31.38 38.78
C MET D 389 0.92 32.36 37.59
N ALA D 390 -0.03 32.15 36.68
CA ALA D 390 -0.31 33.13 35.58
C ALA D 390 -0.58 34.53 36.18
N SER D 391 -1.05 34.61 37.42
CA SER D 391 -1.37 35.93 38.04
C SER D 391 -0.09 36.76 38.20
N LEU D 392 1.07 36.12 38.36
CA LEU D 392 2.31 36.87 38.65
C LEU D 392 2.60 37.82 37.48
N VAL D 393 2.31 37.38 36.25
CA VAL D 393 2.60 38.18 35.03
C VAL D 393 1.34 38.88 34.54
N HIS D 394 0.26 38.90 35.34
CA HIS D 394 -0.99 39.67 35.06
C HIS D 394 -0.77 41.17 35.36
N GLN D 395 -1.15 42.02 34.41
CA GLN D 395 -1.22 43.48 34.60
C GLN D 395 -2.69 43.88 34.50
N ASP D 396 -3.15 44.72 35.41
CA ASP D 396 -4.55 45.23 35.40
C ASP D 396 -4.73 46.32 34.31
N HIS D 397 -5.97 46.81 34.18
CA HIS D 397 -6.44 47.85 33.23
C HIS D 397 -5.54 49.08 33.26
N GLU D 398 -4.67 49.23 34.27
CA GLU D 398 -3.71 50.37 34.41
C GLU D 398 -2.23 49.97 34.33
N GLY D 399 -1.91 48.76 33.93
CA GLY D 399 -0.50 48.31 33.88
C GLY D 399 0.05 47.84 35.23
N ALA D 400 -0.75 47.83 36.29
CA ALA D 400 -0.30 47.45 37.64
C ALA D 400 -0.18 45.92 37.76
N SER D 401 1.04 45.46 38.06
CA SER D 401 1.43 44.04 38.25
C SER D 401 0.71 43.44 39.47
N PHE D 402 0.14 42.26 39.31
CA PHE D 402 -0.41 41.48 40.44
C PHE D 402 0.75 40.94 41.31
N ALA D 403 1.88 40.60 40.70
CA ALA D 403 3.10 40.26 41.48
C ALA D 403 3.53 41.50 42.29
N GLY D 404 3.40 42.73 41.76
CA GLY D 404 3.64 43.95 42.54
C GLY D 404 2.68 44.07 43.73
N ALA D 405 1.44 43.71 43.53
CA ALA D 405 0.36 43.85 44.54
C ALA D 405 0.63 42.86 45.69
N LEU D 406 1.10 41.65 45.38
CA LEU D 406 1.49 40.65 46.40
C LEU D 406 2.70 41.14 47.17
N ILE D 407 3.65 41.75 46.50
CA ILE D 407 4.90 42.23 47.16
C ILE D 407 4.53 43.28 48.21
N GLU D 408 3.69 44.24 47.82
CA GLU D 408 3.18 45.36 48.67
C GLU D 408 2.47 44.78 49.90
N ARG D 409 1.44 43.95 49.68
CA ARG D 409 0.58 43.31 50.71
C ARG D 409 1.46 42.60 51.77
N SER D 410 2.60 42.00 51.36
CA SER D 410 3.52 41.16 52.18
C SER D 410 4.42 42.01 53.11
N GLY D 411 4.65 43.28 52.81
CA GLY D 411 5.62 44.07 53.58
C GLY D 411 7.06 43.65 53.33
N LEU D 412 7.35 42.68 52.48
CA LEU D 412 8.75 42.24 52.26
C LEU D 412 9.37 43.09 51.14
N THR D 413 10.69 43.16 51.06
CA THR D 413 11.42 43.73 49.89
C THR D 413 11.12 42.82 48.70
N PRO D 414 11.07 43.40 47.48
CA PRO D 414 10.76 42.60 46.31
C PRO D 414 11.68 41.36 46.22
N THR D 415 12.98 41.57 46.42
CA THR D 415 14.08 40.54 46.56
C THR D 415 13.69 39.41 47.55
N GLU D 416 13.27 39.76 48.78
CA GLU D 416 12.85 38.79 49.83
C GLU D 416 11.65 38.00 49.31
N TRP D 417 10.68 38.67 48.70
CA TRP D 417 9.45 38.02 48.14
C TRP D 417 9.80 37.05 46.99
N LEU D 418 10.77 37.42 46.12
CA LEU D 418 11.30 36.62 45.00
C LEU D 418 11.98 35.35 45.54
N ARG D 419 12.79 35.41 46.62
CA ARG D 419 13.41 34.19 47.22
C ARG D 419 12.31 33.17 47.59
N HIS D 420 11.22 33.58 48.23
CA HIS D 420 10.14 32.66 48.65
C HIS D 420 9.51 31.99 47.42
N TYR D 421 9.14 32.77 46.39
CA TYR D 421 8.55 32.27 45.12
C TYR D 421 9.53 31.31 44.45
N LEU D 422 10.80 31.72 44.34
CA LEU D 422 11.84 30.95 43.62
C LEU D 422 12.13 29.64 44.38
N ARG D 423 12.23 29.72 45.71
CA ARG D 423 12.44 28.55 46.58
C ARG D 423 11.30 27.56 46.27
N ALA D 424 10.06 28.03 46.24
CA ALA D 424 8.84 27.20 46.11
C ALA D 424 8.67 26.69 44.67
N TYR D 425 8.87 27.56 43.66
CA TYR D 425 8.47 27.25 42.27
C TYR D 425 9.67 26.74 41.45
N TYR D 426 10.85 27.32 41.65
CA TYR D 426 12.00 27.16 40.70
C TYR D 426 13.00 26.12 41.20
N VAL D 427 13.35 26.09 42.48
CA VAL D 427 14.32 25.08 43.01
C VAL D 427 13.84 23.69 42.64
N PRO D 428 12.53 23.37 42.79
CA PRO D 428 12.04 22.05 42.44
C PRO D 428 12.31 21.75 40.96
N LEU D 429 12.26 22.76 40.09
CA LEU D 429 12.52 22.52 38.66
C LEU D 429 14.00 22.14 38.50
N LEU D 430 14.89 22.84 39.20
CA LEU D 430 16.36 22.56 39.20
C LEU D 430 16.66 21.14 39.71
N HIS D 431 16.10 20.75 40.85
CA HIS D 431 16.45 19.45 41.50
C HIS D 431 15.85 18.29 40.72
N SER D 432 14.63 18.48 40.21
CA SER D 432 13.95 17.49 39.35
C SER D 432 14.80 17.20 38.10
N PHE D 433 15.38 18.22 37.47
CA PHE D 433 16.24 18.07 36.26
C PHE D 433 17.50 17.31 36.67
N TYR D 434 18.29 17.86 37.61
CA TYR D 434 19.64 17.37 37.98
C TYR D 434 19.61 15.99 38.66
N ALA D 435 18.66 15.77 39.56
CA ALA D 435 18.63 14.57 40.41
C ALA D 435 17.93 13.45 39.65
N TYR D 436 16.96 13.79 38.79
CA TYR D 436 16.05 12.77 38.23
C TYR D 436 15.91 12.85 36.71
N ASP D 437 16.48 13.84 36.04
CA ASP D 437 16.27 14.04 34.58
C ASP D 437 14.80 14.38 34.29
N LEU D 438 14.11 14.97 35.28
CA LEU D 438 12.64 15.15 35.29
C LEU D 438 12.31 16.60 34.96
N VAL D 439 11.44 16.80 33.97
CA VAL D 439 10.95 18.10 33.44
C VAL D 439 9.43 18.02 33.33
N TYR D 440 8.82 19.16 33.62
CA TYR D 440 7.37 19.43 33.64
C TYR D 440 7.12 20.31 32.43
N MET D 441 5.96 20.92 32.31
CA MET D 441 5.68 22.10 31.45
C MET D 441 5.20 23.19 32.41
N PRO D 442 6.14 23.79 33.14
CA PRO D 442 5.78 24.69 34.25
C PRO D 442 5.43 26.16 33.94
N HIS D 443 4.58 26.41 32.94
CA HIS D 443 4.04 27.76 32.63
C HIS D 443 3.02 28.20 33.68
N GLY D 444 2.42 29.38 33.51
CA GLY D 444 1.51 29.98 34.51
C GLY D 444 0.26 29.14 34.74
N GLU D 445 -0.23 28.46 33.68
CA GLU D 445 -1.50 27.70 33.71
C GLU D 445 -1.32 26.34 34.41
N ASN D 446 -0.09 25.80 34.41
CA ASN D 446 0.23 24.49 35.03
C ASN D 446 0.78 24.61 36.46
N VAL D 447 0.66 25.79 37.11
CA VAL D 447 1.21 25.96 38.49
C VAL D 447 0.16 26.73 39.30
N ILE D 448 -0.09 26.31 40.55
CA ILE D 448 -0.96 27.09 41.48
C ILE D 448 -0.10 27.54 42.65
N LEU D 449 -0.23 28.79 43.09
CA LEU D 449 0.58 29.32 44.24
C LEU D 449 -0.26 29.22 45.53
N VAL D 450 0.32 28.69 46.64
CA VAL D 450 -0.29 28.78 48.00
C VAL D 450 0.32 30.05 48.61
N LEU D 451 -0.54 31.03 48.94
CA LEU D 451 -0.12 32.37 49.40
C LEU D 451 -0.57 32.58 50.84
N ALA D 452 0.32 33.08 51.69
CA ALA D 452 0.04 33.55 53.06
C ALA D 452 0.56 34.99 53.18
N ASP D 453 -0.30 35.95 53.52
CA ASP D 453 0.07 37.38 53.67
C ASP D 453 0.80 37.87 52.41
N GLY D 454 0.41 37.42 51.23
CA GLY D 454 1.06 37.81 49.96
C GLY D 454 2.32 37.02 49.64
N VAL D 455 2.86 36.20 50.55
CA VAL D 455 4.12 35.44 50.34
C VAL D 455 3.80 34.11 49.66
N VAL D 456 4.61 33.67 48.70
CA VAL D 456 4.51 32.30 48.13
C VAL D 456 5.07 31.33 49.17
N ARG D 457 4.17 30.55 49.75
CA ARG D 457 4.49 29.55 50.78
C ARG D 457 4.87 28.23 50.12
N ARG D 458 4.12 27.83 49.09
CA ARG D 458 4.45 26.61 48.32
C ARG D 458 3.76 26.67 46.95
N ALA D 459 4.35 25.96 45.98
CA ALA D 459 3.86 25.78 44.61
C ALA D 459 3.23 24.38 44.47
N VAL D 460 2.17 24.31 43.69
CA VAL D 460 1.43 23.07 43.35
C VAL D 460 1.47 22.93 41.82
N TYR D 461 2.07 21.87 41.30
CA TYR D 461 2.06 21.59 39.84
C TYR D 461 0.83 20.74 39.49
N LYS D 462 0.37 20.89 38.26
CA LYS D 462 -0.71 20.11 37.65
C LYS D 462 -0.41 19.96 36.16
N ASP D 463 -1.32 19.27 35.44
CA ASP D 463 -1.11 18.76 34.06
C ASP D 463 0.21 17.98 34.15
N ILE D 464 0.14 16.72 34.62
CA ILE D 464 1.33 15.89 34.94
C ILE D 464 1.54 14.83 33.86
N ALA D 465 0.63 13.88 33.72
CA ALA D 465 0.79 12.68 32.88
C ALA D 465 1.07 13.10 31.42
N GLU D 466 0.45 14.18 30.93
CA GLU D 466 0.55 14.59 29.51
C GLU D 466 1.78 15.46 29.27
N GLU D 467 2.45 15.99 30.31
CA GLU D 467 3.55 17.01 30.18
C GLU D 467 4.94 16.50 30.61
N ILE D 468 5.05 15.71 31.69
CA ILE D 468 6.38 15.38 32.28
C ILE D 468 7.14 14.39 31.38
N ALA D 469 8.46 14.46 31.44
CA ALA D 469 9.36 13.53 30.75
C ALA D 469 10.56 13.27 31.63
N VAL D 470 11.16 12.10 31.47
CA VAL D 470 12.47 11.77 32.10
C VAL D 470 13.49 11.74 30.98
N MET D 471 14.40 12.71 30.91
CA MET D 471 15.34 12.83 29.75
C MET D 471 16.52 11.85 29.93
N ASP D 472 16.22 10.57 29.75
CA ASP D 472 17.10 9.39 29.97
C ASP D 472 16.41 8.18 29.34
N PRO D 473 16.70 7.84 28.06
CA PRO D 473 16.07 6.68 27.43
C PRO D 473 16.15 5.35 28.24
N ASP D 474 17.18 5.11 29.06
CA ASP D 474 17.32 3.85 29.85
C ASP D 474 16.64 3.93 31.24
N ALA D 475 16.10 5.07 31.66
CA ALA D 475 15.61 5.21 33.05
C ALA D 475 14.81 3.96 33.41
N VAL D 476 15.07 3.38 34.56
CA VAL D 476 14.23 2.27 35.10
C VAL D 476 13.02 2.94 35.77
N LEU D 477 11.82 2.67 35.25
CA LEU D 477 10.52 3.20 35.73
C LEU D 477 9.52 2.05 35.79
N PRO D 478 8.48 2.11 36.66
CA PRO D 478 7.39 1.13 36.62
C PRO D 478 6.89 0.98 35.19
N PRO D 479 6.55 -0.23 34.70
CA PRO D 479 6.25 -0.40 33.27
C PRO D 479 5.17 0.57 32.78
N GLU D 480 4.24 0.93 33.67
CA GLU D 480 3.07 1.82 33.42
C GLU D 480 3.54 3.24 33.07
N VAL D 481 4.68 3.71 33.62
CA VAL D 481 5.08 5.15 33.52
C VAL D 481 6.23 5.29 32.52
N SER D 482 6.61 4.17 31.89
CA SER D 482 7.77 4.03 30.99
C SER D 482 7.67 4.95 29.77
N ARG D 483 6.48 5.22 29.26
CA ARG D 483 6.30 6.05 28.03
CA ARG D 483 6.26 6.07 28.06
C ARG D 483 6.85 7.47 28.26
N ILE D 484 7.25 7.79 29.49
CA ILE D 484 7.68 9.15 29.94
C ILE D 484 9.15 9.35 29.61
N ALA D 485 9.88 8.24 29.51
CA ALA D 485 11.31 8.20 29.14
C ALA D 485 11.42 8.75 27.73
N VAL D 486 12.33 9.69 27.50
CA VAL D 486 12.54 10.27 26.15
C VAL D 486 14.03 10.37 25.84
N ASP D 487 14.33 10.37 24.55
CA ASP D 487 15.67 10.67 24.00
C ASP D 487 15.60 12.14 23.56
N VAL D 488 16.43 12.98 24.19
CA VAL D 488 16.57 14.42 23.89
C VAL D 488 18.07 14.63 23.83
N PRO D 489 18.61 15.25 22.76
CA PRO D 489 20.07 15.44 22.67
C PRO D 489 20.52 16.21 23.91
N ASP D 490 21.78 16.11 24.31
CA ASP D 490 22.32 16.82 25.50
C ASP D 490 22.38 18.33 25.29
N ASP D 491 22.60 18.81 24.05
CA ASP D 491 22.60 20.25 23.68
C ASP D 491 21.34 20.91 24.21
N LYS D 492 20.25 20.15 24.32
CA LYS D 492 18.85 20.68 24.30
C LYS D 492 18.11 20.38 25.63
N LYS D 493 18.68 19.56 26.53
CA LYS D 493 18.07 19.20 27.84
C LYS D 493 17.78 20.46 28.65
N LEU D 494 18.75 21.36 28.82
CA LEU D 494 18.65 22.46 29.82
C LEU D 494 17.72 23.56 29.28
N LEU D 495 17.34 23.49 28.02
CA LEU D 495 16.22 24.34 27.49
C LEU D 495 14.89 24.12 28.23
N SER D 496 14.62 23.00 28.90
CA SER D 496 13.39 22.90 29.73
C SER D 496 13.34 24.07 30.72
N ILE D 497 14.49 24.52 31.19
CA ILE D 497 14.58 25.60 32.20
C ILE D 497 14.68 26.94 31.47
N PHE D 498 15.66 27.05 30.55
CA PHE D 498 15.99 28.31 29.81
C PHE D 498 14.80 28.77 28.99
N THR D 499 14.13 27.87 28.28
CA THR D 499 13.00 28.26 27.41
C THR D 499 11.75 28.47 28.28
N ASP D 500 11.37 27.43 29.04
CA ASP D 500 10.06 27.34 29.71
C ASP D 500 10.08 28.17 30.99
N VAL D 501 11.19 28.35 31.70
CA VAL D 501 11.15 29.23 32.91
C VAL D 501 11.67 30.62 32.54
N PHE D 502 12.88 30.71 32.04
CA PHE D 502 13.56 32.03 31.81
C PHE D 502 12.79 32.78 30.73
N ASP D 503 12.81 32.24 29.52
CA ASP D 503 12.45 32.99 28.30
C ASP D 503 10.91 33.07 28.12
N CYS D 504 10.12 32.25 28.78
CA CYS D 504 8.65 32.16 28.55
C CYS D 504 7.89 32.58 29.79
N PHE D 505 8.58 32.85 30.90
CA PHE D 505 7.92 33.31 32.14
C PHE D 505 8.71 34.45 32.79
N PHE D 506 9.89 34.18 33.30
CA PHE D 506 10.70 35.16 34.07
C PHE D 506 10.98 36.38 33.20
N ARG D 507 11.05 36.21 31.89
CA ARG D 507 11.26 37.36 31.00
C ARG D 507 10.20 38.40 31.28
N PHE D 508 8.95 37.97 31.30
CA PHE D 508 7.78 38.85 31.41
C PHE D 508 7.73 39.42 32.83
N LEU D 509 7.99 38.57 33.82
CA LEU D 509 7.84 38.95 35.25
C LEU D 509 8.89 40.01 35.62
N ALA D 510 10.17 39.84 35.22
CA ALA D 510 11.26 40.81 35.53
C ALA D 510 10.96 42.11 34.79
N ALA D 511 10.56 42.01 33.53
CA ALA D 511 10.19 43.17 32.71
C ALA D 511 9.07 43.96 33.43
N ASN D 512 7.99 43.30 33.87
CA ASN D 512 6.82 44.03 34.43
C ASN D 512 7.29 44.80 35.68
N LEU D 513 8.04 44.08 36.53
CA LEU D 513 8.41 44.56 37.88
C LEU D 513 9.36 45.75 37.74
N ALA D 514 10.28 45.72 36.78
CA ALA D 514 11.28 46.79 36.50
C ALA D 514 10.56 48.01 35.90
N GLU D 515 9.72 47.79 34.90
CA GLU D 515 8.90 48.85 34.23
C GLU D 515 8.01 49.56 35.25
N GLU D 516 7.53 48.87 36.29
CA GLU D 516 6.64 49.45 37.33
C GLU D 516 7.45 50.17 38.43
N GLY D 517 8.79 50.08 38.44
CA GLY D 517 9.67 50.78 39.41
C GLY D 517 9.85 49.99 40.69
N ILE D 518 9.49 48.72 40.72
CA ILE D 518 9.47 47.90 41.98
C ILE D 518 10.85 47.30 42.27
N VAL D 519 11.49 46.66 41.28
CA VAL D 519 12.84 46.07 41.44
C VAL D 519 13.48 45.97 40.05
N THR D 520 14.79 46.22 39.98
CA THR D 520 15.59 46.18 38.74
C THR D 520 15.66 44.74 38.23
N GLU D 521 15.79 44.60 36.92
CA GLU D 521 16.21 43.33 36.28
C GLU D 521 17.47 42.77 36.97
N ASP D 522 18.41 43.65 37.33
CA ASP D 522 19.73 43.24 37.87
C ASP D 522 19.52 42.44 39.15
N ALA D 523 18.75 43.01 40.09
CA ALA D 523 18.38 42.41 41.37
C ALA D 523 17.54 41.17 41.11
N PHE D 524 16.63 41.24 40.15
CA PHE D 524 15.75 40.07 39.84
C PHE D 524 16.67 38.86 39.58
N TRP D 525 17.56 39.00 38.58
CA TRP D 525 18.45 37.90 38.09
C TRP D 525 19.57 37.60 39.10
N ARG D 526 20.03 38.59 39.88
CA ARG D 526 20.98 38.33 41.01
C ARG D 526 20.33 37.29 41.94
N THR D 527 19.02 37.45 42.22
CA THR D 527 18.24 36.59 43.14
C THR D 527 18.06 35.17 42.56
N VAL D 528 17.71 35.06 41.29
CA VAL D 528 17.67 33.77 40.56
C VAL D 528 19.06 33.12 40.71
N ALA D 529 20.10 33.90 40.45
CA ALA D 529 21.50 33.44 40.52
C ALA D 529 21.75 32.88 41.93
N GLU D 530 21.32 33.61 42.97
CA GLU D 530 21.63 33.29 44.40
C GLU D 530 20.93 32.00 44.81
N VAL D 531 19.61 31.91 44.59
CA VAL D 531 18.81 30.70 44.91
C VAL D 531 19.40 29.50 44.14
N THR D 532 19.91 29.70 42.92
CA THR D 532 20.52 28.65 42.06
C THR D 532 21.84 28.16 42.68
N ARG D 533 22.74 29.09 42.98
CA ARG D 533 24.00 28.86 43.71
C ARG D 533 23.68 28.10 45.01
N GLU D 534 22.74 28.60 45.82
CA GLU D 534 22.34 27.99 47.12
C GLU D 534 21.84 26.57 46.89
N TYR D 535 21.08 26.35 45.82
CA TYR D 535 20.61 24.99 45.50
C TYR D 535 21.84 24.09 45.27
N GLN D 536 22.72 24.45 44.32
CA GLN D 536 23.83 23.56 43.87
C GLN D 536 24.82 23.34 45.02
N GLU D 537 25.11 24.36 45.85
CA GLU D 537 25.98 24.23 47.04
C GLU D 537 25.36 23.28 48.07
N SER D 538 24.03 23.17 48.15
CA SER D 538 23.31 22.32 49.14
C SER D 538 23.36 20.86 48.69
N VAL D 539 23.89 20.54 47.49
CA VAL D 539 24.03 19.16 46.94
C VAL D 539 25.35 19.03 46.17
N PRO D 540 26.53 19.01 46.87
CA PRO D 540 27.83 18.88 46.21
C PRO D 540 27.99 17.57 45.41
N GLU D 541 27.21 16.55 45.80
CA GLU D 541 27.17 15.20 45.18
C GLU D 541 26.70 15.25 43.72
N LEU D 542 26.09 16.36 43.27
CA LEU D 542 25.64 16.56 41.87
C LEU D 542 26.51 17.60 41.14
N ALA D 543 27.74 17.87 41.60
CA ALA D 543 28.65 18.92 41.06
C ALA D 543 28.96 18.63 39.59
N ASP D 544 29.12 17.33 39.25
CA ASP D 544 29.55 16.91 37.90
C ASP D 544 28.44 17.23 36.92
N LYS D 545 27.19 16.96 37.28
CA LYS D 545 26.05 17.26 36.39
C LYS D 545 25.83 18.79 36.30
N PHE D 546 26.03 19.55 37.38
CA PHE D 546 25.94 21.04 37.39
C PHE D 546 26.92 21.66 36.37
N GLU D 547 28.15 21.15 36.26
CA GLU D 547 29.20 21.63 35.30
C GLU D 547 28.71 21.32 33.89
N ARG D 548 28.24 20.09 33.66
CA ARG D 548 27.91 19.54 32.32
C ARG D 548 26.72 20.31 31.74
N TYR D 549 25.66 20.48 32.51
CA TYR D 549 24.48 21.31 32.16
C TYR D 549 24.55 22.59 32.97
N ASP D 550 25.24 23.57 32.43
CA ASP D 550 25.66 24.79 33.16
C ASP D 550 24.52 25.82 33.11
N MET D 551 23.85 26.05 34.25
CA MET D 551 22.82 27.10 34.45
C MET D 551 23.40 28.51 34.22
N PHE D 552 24.71 28.70 34.28
CA PHE D 552 25.42 30.01 34.16
C PHE D 552 26.23 30.10 32.87
N ALA D 553 25.97 29.24 31.90
CA ALA D 553 26.49 29.35 30.51
C ALA D 553 26.20 30.75 29.95
N PRO D 554 27.18 31.37 29.26
CA PRO D 554 27.00 32.69 28.64
C PRO D 554 25.75 32.85 27.77
N GLU D 555 25.45 31.84 26.94
CA GLU D 555 24.33 31.89 25.98
C GLU D 555 23.49 30.60 26.05
N PHE D 556 22.30 30.64 25.49
CA PHE D 556 21.52 29.42 25.17
C PHE D 556 20.61 29.80 23.99
N ALA D 557 20.06 28.79 23.32
CA ALA D 557 19.24 28.91 22.10
C ALA D 557 17.97 29.74 22.38
N LEU D 558 17.67 30.66 21.44
CA LEU D 558 16.35 31.31 21.32
C LEU D 558 15.43 30.28 20.67
N SER D 559 14.49 29.76 21.44
CA SER D 559 13.44 28.82 20.98
C SER D 559 12.16 29.64 20.84
N CYS D 560 11.63 29.77 19.62
CA CYS D 560 10.54 30.73 19.27
C CYS D 560 9.23 29.95 19.31
N LEU D 561 8.22 30.52 19.99
CA LEU D 561 6.89 29.87 20.22
C LEU D 561 5.91 30.24 19.11
N ASN D 562 5.74 31.54 18.81
CA ASN D 562 4.84 31.98 17.70
C ASN D 562 5.25 31.30 16.36
N ARG D 563 6.54 31.15 16.07
CA ARG D 563 6.98 30.47 14.84
C ARG D 563 6.34 29.09 14.77
N LEU D 564 6.14 28.40 15.90
CA LEU D 564 5.58 27.03 15.81
C LEU D 564 4.13 27.08 15.27
N GLN D 565 3.32 28.01 15.78
CA GLN D 565 1.87 28.12 15.45
C GLN D 565 1.74 28.76 14.07
N LEU D 566 2.67 29.63 13.69
CA LEU D 566 2.67 30.26 12.35
C LEU D 566 2.91 29.17 11.27
N ARG D 567 3.79 28.18 11.47
CA ARG D 567 4.08 27.15 10.41
C ARG D 567 2.96 26.10 10.38
N ASP D 568 2.33 25.73 11.51
CA ASP D 568 1.19 24.76 11.59
C ASP D 568 0.29 25.15 12.79
N ASN D 569 -0.84 25.82 12.53
CA ASN D 569 -1.70 26.33 13.64
C ASN D 569 -2.64 25.23 14.17
N ARG D 570 -2.67 24.03 13.56
CA ARG D 570 -3.58 22.91 13.96
C ARG D 570 -2.89 21.87 14.86
N GLN D 571 -1.62 21.55 14.55
CA GLN D 571 -0.74 20.65 15.35
C GLN D 571 0.67 21.25 15.29
N MET D 572 0.93 22.30 16.07
CA MET D 572 2.18 23.11 15.97
C MET D 572 3.43 22.31 16.39
N VAL D 573 3.26 21.18 17.09
CA VAL D 573 4.33 20.21 17.47
C VAL D 573 3.80 18.84 17.02
N ASP D 574 4.54 18.10 16.16
CA ASP D 574 4.15 16.72 15.75
C ASP D 574 4.33 15.83 16.99
N LEU D 575 3.23 15.42 17.62
CA LEU D 575 3.21 14.54 18.83
C LEU D 575 3.93 13.20 18.52
N ALA D 576 4.28 12.94 17.25
CA ALA D 576 5.13 11.83 16.74
C ALA D 576 6.53 12.30 16.29
N ASP D 577 7.05 13.40 16.87
CA ASP D 577 8.51 13.74 16.96
C ASP D 577 8.66 15.07 17.70
N PRO D 578 8.32 15.15 19.03
CA PRO D 578 8.17 16.43 19.74
C PRO D 578 9.21 17.50 19.33
N SER D 579 10.47 17.30 19.70
CA SER D 579 11.60 18.25 19.51
C SER D 579 12.31 17.95 18.19
N GLY D 580 11.53 17.85 17.11
CA GLY D 580 11.94 18.06 15.71
C GLY D 580 11.19 19.23 15.09
N ALA D 581 10.21 19.81 15.81
CA ALA D 581 9.41 20.99 15.40
C ALA D 581 10.01 22.30 15.97
N LEU D 582 10.82 22.23 17.04
CA LEU D 582 11.49 23.40 17.67
C LEU D 582 12.15 24.24 16.56
N GLN D 583 11.94 25.55 16.62
CA GLN D 583 12.64 26.54 15.78
C GLN D 583 13.58 27.34 16.66
N LEU D 584 14.84 26.91 16.66
CA LEU D 584 15.94 27.58 17.37
C LEU D 584 16.50 28.61 16.40
N VAL D 585 16.53 29.89 16.77
CA VAL D 585 17.09 30.96 15.90
C VAL D 585 18.22 31.72 16.63
N GLY D 586 19.49 31.36 16.43
CA GLY D 586 20.60 31.90 17.23
C GLY D 586 20.34 31.85 18.74
N THR D 587 20.94 32.79 19.49
CA THR D 587 21.07 32.66 20.96
C THR D 587 20.63 33.93 21.67
N LEU D 588 20.27 33.75 22.94
CA LEU D 588 20.06 34.78 23.99
C LEU D 588 21.27 34.78 24.93
N LYS D 589 21.66 35.98 25.39
CA LYS D 589 22.54 36.20 26.57
C LYS D 589 21.86 35.69 27.85
N ASN D 590 22.50 34.75 28.54
CA ASN D 590 21.98 34.19 29.81
C ASN D 590 22.11 35.29 30.86
N PRO D 591 21.00 35.78 31.42
CA PRO D 591 21.09 36.78 32.47
C PRO D 591 21.89 36.29 33.67
N LEU D 592 21.98 34.98 33.92
CA LEU D 592 22.85 34.40 34.97
C LEU D 592 24.33 34.32 34.55
N ALA D 593 24.70 34.62 33.30
CA ALA D 593 26.13 34.57 32.89
C ALA D 593 26.97 35.39 33.89
N GLY D 594 28.11 34.81 34.33
CA GLY D 594 29.06 35.39 35.29
C GLY D 594 28.46 35.60 36.68
N ARG D 595 27.38 34.92 37.08
CA ARG D 595 26.88 34.99 38.49
C ARG D 595 26.72 33.60 39.14
P AMP E . 30.93 -22.17 4.00
O1P AMP E . 30.80 -23.65 3.60
O2P AMP E . 32.15 -21.51 3.38
O3P AMP E . 30.79 -21.94 5.52
O5' AMP E . 29.65 -21.39 3.41
C5' AMP E . 29.57 -19.94 3.60
C4' AMP E . 28.20 -19.44 3.18
O4' AMP E . 27.82 -18.31 4.03
C3' AMP E . 28.13 -18.90 1.74
O3' AMP E . 26.91 -19.30 1.10
C2' AMP E . 28.38 -17.39 1.95
O2' AMP E . 27.92 -16.54 0.93
C1' AMP E . 27.63 -17.15 3.26
N9 AMP E . 28.08 -15.97 4.00
C8 AMP E . 27.24 -14.95 4.43
N7 AMP E . 27.87 -14.01 5.08
C5 AMP E . 29.20 -14.40 5.12
C6 AMP E . 30.35 -13.82 5.69
N6 AMP E . 30.35 -12.69 6.37
N1 AMP E . 31.52 -14.50 5.56
C2 AMP E . 31.51 -15.65 4.88
N3 AMP E . 30.50 -16.29 4.30
C4 AMP E . 29.34 -15.61 4.45
H5'1 AMP E . 30.26 -19.49 3.06
H5'2 AMP E . 29.73 -19.72 4.55
H4' AMP E . 27.56 -20.16 3.30
H3' AMP E . 28.84 -19.31 1.18
HO3' AMP E . 26.91 -18.99 0.31
H2' AMP E . 29.35 -17.21 2.08
HO2' AMP E . 28.10 -15.73 1.14
H1' AMP E . 26.67 -17.06 3.07
H8 AMP E . 26.32 -14.95 4.26
HN61 AMP E . 31.10 -12.39 6.72
HN62 AMP E . 29.60 -12.24 6.46
H2 AMP E . 32.35 -16.08 4.81
MG MG F . 29.29 -22.29 7.16
C1 GOL G . 12.08 -21.63 -9.35
O1 GOL G . 13.08 -21.94 -8.38
C2 GOL G . 10.70 -21.53 -8.73
O2 GOL G . 9.98 -22.76 -8.89
C3 GOL G . 10.69 -21.16 -7.27
O3 GOL G . 9.38 -21.34 -6.70
H11 GOL G . 12.07 -22.34 -10.04
H12 GOL G . 12.29 -20.76 -9.77
HO1 GOL G . 13.83 -21.98 -8.77
H2 GOL G . 10.19 -20.84 -9.21
HO2 GOL G . 9.71 -23.01 -8.13
H31 GOL G . 10.94 -20.21 -7.16
H32 GOL G . 11.33 -21.73 -6.78
HO3 GOL G . 8.88 -21.63 -7.31
P AMP H . -27.57 22.40 -6.48
O1P AMP H . -29.03 22.58 -6.89
O2P AMP H . -26.92 21.23 -7.22
O3P AMP H . -26.73 23.69 -6.56
O5' AMP H . -27.62 21.97 -4.91
C5' AMP H . -28.43 20.80 -4.56
C4' AMP H . -28.52 20.63 -3.05
O4' AMP H . -29.79 19.99 -2.73
C3' AMP H . -27.46 19.74 -2.40
O3' AMP H . -27.15 20.26 -1.11
C2' AMP H . -28.14 18.36 -2.42
O2' AMP H . -27.68 17.42 -1.47
C1' AMP H . -29.57 18.76 -2.08
N9 AMP H . -30.60 17.82 -2.51
C8 AMP H . -31.55 17.26 -1.69
N7 AMP H . -32.39 16.46 -2.31
C5 AMP H . -31.96 16.47 -3.63
C6 AMP H . -32.44 15.82 -4.78
N6 AMP H . -33.49 15.00 -4.78
N1 AMP H . -31.79 16.06 -5.94
C2 AMP H . -30.73 16.88 -5.93
N3 AMP H . -30.18 17.55 -4.91
C4 AMP H . -30.86 17.31 -3.77
H5'1 AMP H . -28.03 19.99 -4.95
H5'2 AMP H . -29.34 20.92 -4.92
H4' AMP H . -28.49 21.51 -2.64
H3' AMP H . -26.63 19.73 -2.94
HO3' AMP H . -26.55 19.76 -0.75
H2' AMP H . -28.08 17.95 -3.32
HO2' AMP H . -28.12 16.71 -1.56
H1' AMP H . -29.65 18.90 -1.11
H8 AMP H . -31.60 17.44 -0.76
HN61 AMP H . -33.75 14.62 -5.53
HN62 AMP H . -33.92 14.85 -4.03
H2 AMP H . -30.31 17.00 -6.76
MG MG I . -30.39 23.87 -6.30
C1 GOL J . -34.20 14.76 2.89
O1 GOL J . -33.13 14.71 3.83
C2 GOL J . -34.22 16.08 2.17
O2 GOL J . -34.34 15.88 0.76
C3 GOL J . -35.26 17.05 2.72
O3 GOL J . -36.62 16.60 2.70
H11 GOL J . -35.06 14.63 3.37
H12 GOL J . -34.09 14.03 2.22
HO1 GOL J . -33.14 13.96 4.21
H2 GOL J . -33.33 16.50 2.26
HO2 GOL J . -34.98 16.35 0.48
H31 GOL J . -35.24 17.89 2.19
H32 GOL J . -35.05 17.26 3.66
HO3 GOL J . -36.64 15.82 2.38
P AMP K . 3.85 -25.07 -30.50
O1P AMP K . 2.38 -25.16 -30.88
O2P AMP K . 4.67 -26.21 -31.12
O3P AMP K . 4.43 -23.66 -30.75
O5' AMP K . 3.94 -25.40 -28.92
C5' AMP K . 3.31 -26.65 -28.49
C4' AMP K . 3.26 -26.75 -26.99
O4' AMP K . 2.00 -27.36 -26.59
C3' AMP K . 4.35 -27.62 -26.33
O3' AMP K . 4.67 -27.12 -25.04
C2' AMP K . 3.68 -28.99 -26.29
O2' AMP K . 4.20 -29.85 -25.31
C1' AMP K . 2.25 -28.58 -25.93
N9 AMP K . 1.25 -29.57 -26.32
C8 AMP K . 0.34 -30.12 -25.45
N7 AMP K . -0.48 -30.98 -26.01
C5 AMP K . -0.07 -31.01 -27.34
C6 AMP K . -0.56 -31.74 -28.44
N6 AMP K . -1.58 -32.59 -28.37
N1 AMP K . 0.05 -31.53 -29.64
C2 AMP K . 1.07 -30.66 -29.69
N3 AMP K . 1.61 -29.94 -28.72
C4 AMP K . 0.99 -30.15 -27.55
H5'1 AMP K . 3.84 -27.42 -28.84
H5'2 AMP K . 2.40 -26.70 -28.85
H4' AMP K . 3.30 -25.83 -26.62
H3' AMP K . 5.16 -27.64 -26.90
HO3' AMP K . 5.27 -27.62 -24.70
H2' AMP K . 3.72 -29.43 -27.18
HO2' AMP K . 3.79 -30.60 -25.34
H1' AMP K . 2.20 -28.42 -24.97
H8 AMP K . 0.30 -29.90 -24.54
HN61 AMP K . -1.85 -33.01 -29.09
HN62 AMP K . -1.98 -32.72 -27.60
H2 AMP K . 1.46 -30.56 -30.55
MG MG L . 1.16 -23.65 -30.27
C1 GOL M . -1.25 -32.82 -21.01
O1 GOL M . -1.14 -32.73 -19.60
C2 GOL M . -2.52 -32.14 -21.49
O2 GOL M . -2.60 -30.83 -20.94
C3 GOL M . -2.61 -32.03 -22.99
O3 GOL M . -1.55 -31.25 -23.53
H11 GOL M . -1.29 -33.77 -21.27
H12 GOL M . -0.48 -32.39 -21.43
HO1 GOL M . -0.43 -33.12 -19.36
H2 GOL M . -3.30 -32.66 -21.17
HO2 GOL M . -2.68 -30.28 -21.59
H31 GOL M . -3.47 -31.61 -23.23
H32 GOL M . -2.56 -32.94 -23.39
HO3 GOL M . -1.07 -30.99 -22.88
P AMP N . -1.31 22.92 28.57
O1P AMP N . -1.57 21.48 28.22
O2P AMP N . -1.40 23.18 30.08
O3P AMP N . -0.03 23.45 27.94
O5' AMP N . -2.49 23.79 27.93
C5' AMP N . -2.53 25.22 28.20
C4' AMP N . -3.85 25.80 27.74
O4' AMP N . -4.20 26.91 28.61
C3' AMP N . -3.90 26.36 26.31
O3' AMP N . -5.18 26.20 25.70
C2' AMP N . -3.50 27.82 26.55
O2' AMP N . -3.84 28.71 25.50
C1' AMP N . -4.26 28.10 27.85
N9 AMP N . -3.73 29.18 28.66
C8 AMP N . -4.48 30.21 29.18
N7 AMP N . -3.78 31.04 29.92
C5 AMP N . -2.48 30.52 29.90
C6 AMP N . -1.29 30.97 30.50
N6 AMP N . -1.22 32.06 31.27
N1 AMP N . -0.17 30.22 30.28
C2 AMP N . -0.27 29.13 29.51
N3 AMP N . -1.34 28.63 28.89
C4 AMP N . -2.44 29.38 29.12
H5'1 AMP N . -1.79 25.67 27.71
H5'2 AMP N . -2.41 25.39 29.16
H4' AMP N . -4.54 25.11 27.84
H3' AMP N . -3.24 25.90 25.73
HO3' AMP N . -5.15 26.52 24.92
H2' AMP N . -2.52 27.89 26.70
HO2' AMP N . -3.59 29.49 25.70
H1' AMP N . -5.21 28.31 27.62
H8 AMP N . -5.40 30.31 29.01
HN61 AMP N . -0.45 32.28 31.63
HN62 AMP N . -1.94 32.53 31.41
H2 AMP N . 0.53 28.65 29.39
MG MG O . -2.77 22.60 31.59
C1 GOL P . -7.93 34.41 28.66
O1 GOL P . -9.16 34.92 28.16
C2 GOL P . -8.07 34.00 30.11
O2 GOL P . -9.14 33.06 30.26
C3 GOL P . -6.80 33.40 30.68
O3 GOL P . -6.22 32.44 29.81
H11 GOL P . -7.25 35.12 28.59
H12 GOL P . -7.66 33.62 28.13
HO1 GOL P . -9.05 35.14 27.35
H2 GOL P . -8.29 34.80 30.64
HO2 GOL P . -8.82 32.37 30.64
H31 GOL P . -7.00 32.95 31.53
H32 GOL P . -6.13 34.12 30.83
HO3 GOL P . -6.70 32.38 29.11
#